data_6B5H
#
_entry.id   6B5H
#
_cell.length_a   84.850
_cell.length_b   141.860
_cell.length_c   164.750
_cell.angle_alpha   90.000
_cell.angle_beta   90.000
_cell.angle_gamma   90.000
#
_symmetry.space_group_name_H-M   'P 21 21 21'
#
loop_
_entity.id
_entity.type
_entity.pdbx_description
1 polymer 'Retinal dehydrogenase 2'
2 non-polymer NICOTINAMIDE-ADENINE-DINUCLEOTIDE
3 non-polymer 1-(4-cyanophenyl)-N-(3-fluorophenyl)-3-[4-(methylsulfonyl)phenyl]-1H-pyrazole-4-carboxamide
4 water water
#
_entity_poly.entity_id   1
_entity_poly.type   'polypeptide(L)'
_entity_poly.pdbx_seq_one_letter_code
;LPSPTPNLEIKYTKIFINNEWQNSESGRVFPVYNPATGEQVCEVQEADKADIDKAVQAARLAFSLGSVWRRMDASERGRL
LDKLADLVERDRAVLATMESLNGGKPFLQAFYVDLQGVIKTFRYYAGWADKIHGMTIPVDGDYFTFTRHEPIGVCGQIIP
WNFPLLMFAWKIAPALCCGNTVVIKPAEQTPLSALYMGALIKEAGFPPGVINILPGYGPTAGAAIASHIGIDKIAFTGST
EVGKLIQEAAGRSNLKRVTLELGGKSPNIIFADADLDYAVEQAHQGVFFNQGQCCTAGSRIFVEESIYEEFVRRSVERAK
RRVVGSPFDPTTEQGPQIDKKQYNKILELIQSGVAEGAKLECGGKGLGRKGFFIEPTVFSNVTDDMRIAKEEIFGPVQEI
LRFKTMDEVIERANNSDFGLVAAVFTNDINKALTVSSAMQAGTVWINCYNALNAQSPFGGFKMSGNGREMGEFGLREYSE
VKTVTVKIPQKNS
;
_entity_poly.pdbx_strand_id   A,B,C,D
#
loop_
_chem_comp.id
_chem_comp.type
_chem_comp.name
_chem_comp.formula
CU4 non-polymer 1-(4-cyanophenyl)-N-(3-fluorophenyl)-3-[4-(methylsulfonyl)phenyl]-1H-pyrazole-4-carboxamide 'C24 H17 F N4 O3 S'
NAD non-polymer NICOTINAMIDE-ADENINE-DINUCLEOTIDE 'C21 H27 N7 O14 P2'
#
# COMPACT_ATOMS: atom_id res chain seq x y z
N PRO A 2 -32.35 22.71 14.49
CA PRO A 2 -31.54 23.10 15.65
C PRO A 2 -31.51 24.61 15.83
N SER A 3 -31.40 25.02 17.09
CA SER A 3 -31.40 26.42 17.47
C SER A 3 -30.11 26.80 18.18
N PRO A 4 -29.70 28.07 18.12
CA PRO A 4 -28.51 28.48 18.87
C PRO A 4 -28.72 28.39 20.36
N THR A 5 -27.63 28.16 21.08
CA THR A 5 -27.69 28.13 22.53
C THR A 5 -28.03 29.52 23.04
N PRO A 6 -29.11 29.69 23.82
CA PRO A 6 -29.64 31.03 24.10
C PRO A 6 -28.64 31.99 24.76
N ASN A 7 -28.41 31.82 26.06
CA ASN A 7 -27.52 32.70 26.81
C ASN A 7 -26.15 32.05 26.88
N LEU A 8 -25.43 32.08 25.77
CA LEU A 8 -24.15 31.38 25.67
C LEU A 8 -23.11 32.08 26.53
N GLU A 9 -22.79 31.48 27.67
CA GLU A 9 -21.67 31.92 28.47
C GLU A 9 -20.40 31.26 27.96
N ILE A 10 -19.32 32.04 27.90
CA ILE A 10 -18.02 31.52 27.51
C ILE A 10 -17.32 31.08 28.80
N LYS A 11 -17.27 29.77 29.02
CA LYS A 11 -16.77 29.23 30.28
C LYS A 11 -15.27 29.00 30.28
N TYR A 12 -14.67 28.75 29.13
CA TYR A 12 -13.26 28.40 29.04
C TYR A 12 -12.51 29.51 28.30
N THR A 13 -11.73 30.28 29.06
CA THR A 13 -10.98 31.41 28.52
C THR A 13 -9.51 31.38 28.92
N LYS A 14 -9.02 30.27 29.46
CA LYS A 14 -7.67 30.19 29.99
C LYS A 14 -6.79 29.32 29.10
N ILE A 15 -5.48 29.38 29.37
CA ILE A 15 -4.51 28.56 28.66
C ILE A 15 -4.62 27.13 29.13
N PHE A 16 -4.48 26.18 28.20
CA PHE A 16 -4.68 24.76 28.44
C PHE A 16 -3.33 24.05 28.35
N ILE A 17 -2.73 23.76 29.50
CA ILE A 17 -1.46 23.05 29.58
C ILE A 17 -1.59 21.92 30.60
N ASN A 18 -1.09 20.74 30.22
CA ASN A 18 -1.09 19.56 31.08
C ASN A 18 -2.48 19.29 31.66
N ASN A 19 -3.50 19.48 30.82
CA ASN A 19 -4.90 19.23 31.19
C ASN A 19 -5.36 20.11 32.34
N GLU A 20 -4.75 21.28 32.51
CA GLU A 20 -5.13 22.19 33.58
C GLU A 20 -5.20 23.61 33.03
N TRP A 21 -6.19 24.37 33.50
CA TRP A 21 -6.41 25.73 33.03
C TRP A 21 -5.51 26.69 33.81
N GLN A 22 -4.71 27.47 33.07
CA GLN A 22 -3.70 28.33 33.67
C GLN A 22 -3.89 29.76 33.20
N ASN A 23 -3.50 30.70 34.06
CA ASN A 23 -3.40 32.09 33.67
C ASN A 23 -2.09 32.33 32.92
N SER A 24 -2.06 33.41 32.15
CA SER A 24 -0.84 33.78 31.45
C SER A 24 0.25 34.16 32.45
N GLU A 25 1.50 33.89 32.07
CA GLU A 25 2.63 34.20 32.93
C GLU A 25 2.73 35.71 33.19
N SER A 26 2.35 36.53 32.21
CA SER A 26 2.38 37.98 32.37
C SER A 26 1.11 38.53 32.99
N GLY A 27 0.03 37.77 33.00
CA GLY A 27 -1.25 38.24 33.51
C GLY A 27 -2.13 38.94 32.50
N ARG A 28 -1.62 39.17 31.29
CA ARG A 28 -2.40 39.88 30.28
C ARG A 28 -3.54 39.01 29.75
N VAL A 29 -4.59 39.68 29.28
CA VAL A 29 -5.66 39.04 28.53
C VAL A 29 -5.91 39.87 27.29
N PHE A 30 -6.52 39.25 26.29
CA PHE A 30 -6.86 39.95 25.06
C PHE A 30 -8.34 39.75 24.74
N PRO A 31 -8.97 40.75 24.14
CA PRO A 31 -10.42 40.66 23.91
C PRO A 31 -10.76 39.83 22.68
N VAL A 32 -12.00 39.33 22.68
CA VAL A 32 -12.58 38.59 21.58
C VAL A 32 -13.90 39.27 21.21
N TYR A 33 -14.11 39.48 19.91
CA TYR A 33 -15.24 40.28 19.44
C TYR A 33 -16.20 39.45 18.60
N ASN A 34 -17.46 39.88 18.60
CA ASN A 34 -18.45 39.36 17.67
C ASN A 34 -18.37 40.18 16.39
N PRO A 35 -17.97 39.59 15.26
CA PRO A 35 -17.83 40.38 14.02
C PRO A 35 -19.14 40.88 13.45
N ALA A 36 -20.28 40.36 13.90
CA ALA A 36 -21.56 40.84 13.38
C ALA A 36 -22.01 42.15 14.02
N THR A 37 -21.56 42.41 15.26
CA THR A 37 -21.92 43.62 15.96
C THR A 37 -20.72 44.44 16.42
N GLY A 38 -19.51 43.90 16.34
CA GLY A 38 -18.33 44.58 16.82
C GLY A 38 -18.17 44.60 18.32
N GLU A 39 -19.12 44.04 19.07
CA GLU A 39 -19.08 44.08 20.53
C GLU A 39 -18.08 43.05 21.05
N GLN A 40 -17.49 43.37 22.21
CA GLN A 40 -16.56 42.45 22.85
C GLN A 40 -17.32 41.31 23.51
N VAL A 41 -16.90 40.08 23.22
CA VAL A 41 -17.58 38.91 23.75
C VAL A 41 -17.01 38.49 25.10
N CYS A 42 -15.68 38.45 25.23
CA CYS A 42 -15.02 38.05 26.47
C CYS A 42 -13.54 38.38 26.33
N GLU A 43 -12.78 38.00 27.36
CA GLU A 43 -11.33 38.15 27.37
C GLU A 43 -10.71 36.78 27.62
N VAL A 44 -9.51 36.58 27.06
CA VAL A 44 -8.82 35.29 27.08
C VAL A 44 -7.38 35.51 27.50
N GLN A 45 -6.87 34.63 28.36
CA GLN A 45 -5.47 34.67 28.75
C GLN A 45 -4.59 34.65 27.52
N GLU A 46 -3.60 35.55 27.49
CA GLU A 46 -2.72 35.71 26.34
C GLU A 46 -1.43 34.93 26.57
N ALA A 47 -1.26 33.84 25.84
CA ALA A 47 -0.02 33.09 25.90
C ALA A 47 1.09 33.84 25.17
N ASP A 48 2.29 33.81 25.73
CA ASP A 48 3.48 34.37 25.10
C ASP A 48 4.60 33.34 25.21
N LYS A 49 5.84 33.80 25.13
CA LYS A 49 6.98 32.88 25.05
C LYS A 49 7.11 32.02 26.30
N ALA A 50 6.83 32.59 27.46
CA ALA A 50 6.94 31.82 28.70
C ALA A 50 5.92 30.71 28.76
N ASP A 51 4.69 30.99 28.33
CA ASP A 51 3.65 29.95 28.35
C ASP A 51 3.93 28.87 27.32
N ILE A 52 4.48 29.25 26.16
CA ILE A 52 4.87 28.26 25.15
C ILE A 52 5.93 27.33 25.73
N ASP A 53 6.88 27.88 26.48
CA ASP A 53 7.94 27.05 27.05
C ASP A 53 7.39 26.03 28.05
N LYS A 54 6.42 26.45 28.87
CA LYS A 54 5.80 25.51 29.80
C LYS A 54 4.98 24.45 29.05
N ALA A 55 4.38 24.83 27.92
CA ALA A 55 3.61 23.86 27.14
C ALA A 55 4.52 22.85 26.46
N VAL A 56 5.68 23.30 25.98
CA VAL A 56 6.59 22.40 25.28
C VAL A 56 7.17 21.36 26.23
N GLN A 57 7.56 21.79 27.44
CA GLN A 57 8.10 20.85 28.41
C GLN A 57 7.04 19.86 28.89
N ALA A 58 5.77 20.28 28.92
CA ALA A 58 4.70 19.36 29.26
C ALA A 58 4.42 18.39 28.11
N ALA A 59 4.49 18.89 26.87
CA ALA A 59 4.31 18.02 25.71
C ALA A 59 5.49 17.07 25.55
N ARG A 60 6.70 17.51 25.89
CA ARG A 60 7.86 16.64 25.79
C ARG A 60 7.80 15.53 26.84
N LEU A 61 7.39 15.87 28.06
CA LEU A 61 7.29 14.87 29.12
C LEU A 61 6.24 13.82 28.79
N ALA A 62 5.11 14.24 28.21
CA ALA A 62 4.08 13.29 27.81
C ALA A 62 4.54 12.37 26.68
N PHE A 63 5.65 12.69 26.01
CA PHE A 63 6.14 11.92 24.90
C PHE A 63 7.36 11.06 25.24
N SER A 64 7.89 11.18 26.45
CA SER A 64 9.09 10.43 26.81
C SER A 64 8.78 8.93 26.88
N LEU A 65 9.82 8.13 26.69
CA LEU A 65 9.69 6.67 26.73
C LEU A 65 9.06 6.23 28.04
N GLY A 66 8.18 5.24 27.97
CA GLY A 66 7.52 4.71 29.15
C GLY A 66 6.37 5.52 29.67
N SER A 67 6.00 6.61 29.00
CA SER A 67 4.85 7.39 29.42
C SER A 67 3.55 6.67 29.03
N VAL A 68 2.44 7.18 29.56
CA VAL A 68 1.14 6.60 29.25
C VAL A 68 0.85 6.70 27.76
N TRP A 69 1.11 7.86 27.18
CA TRP A 69 0.79 8.10 25.77
C TRP A 69 1.69 7.29 24.84
N ARG A 70 2.93 7.00 25.26
CA ARG A 70 3.82 6.19 24.44
C ARG A 70 3.55 4.70 24.61
N ARG A 71 3.24 4.26 25.83
CA ARG A 71 2.95 2.86 26.08
C ARG A 71 1.56 2.46 25.61
N MET A 72 0.66 3.42 25.44
CA MET A 72 -0.73 3.12 25.11
C MET A 72 -0.83 2.38 23.78
N ASP A 73 -1.75 1.42 23.74
CA ASP A 73 -2.02 0.71 22.49
C ASP A 73 -2.44 1.70 21.40
N ALA A 74 -1.99 1.42 20.17
CA ALA A 74 -2.39 2.26 19.04
C ALA A 74 -3.91 2.29 18.89
N SER A 75 -4.57 1.15 19.12
CA SER A 75 -6.02 1.11 19.05
C SER A 75 -6.66 1.94 20.15
N GLU A 76 -5.98 2.08 21.29
CA GLU A 76 -6.51 2.93 22.37
C GLU A 76 -6.36 4.41 22.06
N ARG A 77 -5.34 4.78 21.28
CA ARG A 77 -5.28 6.13 20.73
C ARG A 77 -6.51 6.41 19.88
N GLY A 78 -6.95 5.42 19.10
CA GLY A 78 -8.16 5.59 18.30
C GLY A 78 -9.41 5.64 19.15
N ARG A 79 -9.44 4.88 20.25
CA ARG A 79 -10.59 4.94 21.15
C ARG A 79 -10.77 6.34 21.73
N LEU A 80 -9.65 7.03 22.00
CA LEU A 80 -9.74 8.38 22.54
C LEU A 80 -10.24 9.38 21.50
N LEU A 81 -9.73 9.27 20.27
CA LEU A 81 -10.23 10.14 19.19
C LEU A 81 -11.71 9.88 18.93
N ASP A 82 -12.13 8.62 19.01
CA ASP A 82 -13.54 8.29 18.83
C ASP A 82 -14.39 8.88 19.95
N LYS A 83 -13.89 8.82 21.19
CA LYS A 83 -14.62 9.42 22.30
C LYS A 83 -14.71 10.92 22.15
N LEU A 84 -13.65 11.56 21.66
CA LEU A 84 -13.67 12.99 21.42
C LEU A 84 -14.76 13.37 20.43
N ALA A 85 -14.93 12.59 19.36
CA ALA A 85 -15.98 12.87 18.40
C ALA A 85 -17.36 12.72 19.01
N ASP A 86 -17.52 11.78 19.96
CA ASP A 86 -18.80 11.65 20.66
C ASP A 86 -19.11 12.87 21.49
N LEU A 87 -18.10 13.45 22.15
CA LEU A 87 -18.33 14.63 22.97
C LEU A 87 -18.64 15.85 22.10
N VAL A 88 -17.94 15.99 20.97
CA VAL A 88 -18.26 17.07 20.03
C VAL A 88 -19.69 16.91 19.52
N GLU A 89 -20.11 15.67 19.28
CA GLU A 89 -21.49 15.42 18.84
C GLU A 89 -22.49 15.81 19.93
N ARG A 90 -22.17 15.51 21.18
CA ARG A 90 -23.07 15.85 22.28
C ARG A 90 -23.22 17.35 22.43
N ASP A 91 -22.11 18.09 22.35
CA ASP A 91 -22.11 19.54 22.45
C ASP A 91 -22.07 20.20 21.07
N ARG A 92 -22.75 19.61 20.09
CA ARG A 92 -22.70 20.13 18.73
C ARG A 92 -23.33 21.51 18.62
N ALA A 93 -24.43 21.74 19.34
CA ALA A 93 -25.11 23.02 19.26
C ALA A 93 -24.32 24.13 19.95
N VAL A 94 -23.67 23.81 21.07
CA VAL A 94 -22.88 24.80 21.79
C VAL A 94 -21.70 25.26 20.94
N LEU A 95 -21.01 24.31 20.32
CA LEU A 95 -19.84 24.65 19.52
C LEU A 95 -20.23 25.41 18.25
N ALA A 96 -21.35 25.03 17.63
CA ALA A 96 -21.81 25.74 16.44
C ALA A 96 -22.19 27.18 16.79
N THR A 97 -22.86 27.38 17.93
CA THR A 97 -23.14 28.72 18.39
C THR A 97 -21.86 29.50 18.68
N MET A 98 -20.86 28.82 19.26
CA MET A 98 -19.58 29.46 19.51
C MET A 98 -18.91 29.87 18.21
N GLU A 99 -18.99 29.03 17.19
CA GLU A 99 -18.41 29.38 15.90
C GLU A 99 -19.17 30.53 15.24
N SER A 100 -20.49 30.56 15.43
CA SER A 100 -21.31 31.62 14.83
C SER A 100 -21.05 32.96 15.51
N LEU A 101 -21.03 32.97 16.84
CA LEU A 101 -20.80 34.22 17.57
C LEU A 101 -19.38 34.73 17.38
N ASN A 102 -18.39 33.82 17.42
CA ASN A 102 -17.00 34.22 17.34
C ASN A 102 -16.56 34.48 15.89
N GLY A 103 -17.07 33.69 14.95
CA GLY A 103 -16.55 33.74 13.59
C GLY A 103 -17.47 34.38 12.56
N GLY A 104 -18.71 34.66 12.95
CA GLY A 104 -19.66 35.27 12.03
C GLY A 104 -20.31 34.31 11.05
N LYS A 105 -19.97 33.03 11.08
CA LYS A 105 -20.62 32.07 10.21
C LYS A 105 -22.10 31.95 10.59
N PRO A 106 -22.99 31.81 9.62
CA PRO A 106 -24.40 31.53 9.94
C PRO A 106 -24.50 30.23 10.74
N PHE A 107 -25.37 30.25 11.75
CA PHE A 107 -25.42 29.14 12.71
C PHE A 107 -25.75 27.82 12.02
N LEU A 108 -26.68 27.83 11.06
CA LEU A 108 -27.04 26.60 10.39
C LEU A 108 -25.88 26.03 9.58
N GLN A 109 -25.04 26.90 9.01
CA GLN A 109 -23.87 26.43 8.29
C GLN A 109 -22.82 25.87 9.23
N ALA A 110 -22.63 26.52 10.39
CA ALA A 110 -21.70 25.99 11.38
C ALA A 110 -22.17 24.67 11.94
N PHE A 111 -23.49 24.46 12.03
CA PHE A 111 -24.03 23.23 12.58
C PHE A 111 -23.93 22.08 11.60
N TYR A 112 -24.31 22.31 10.34
CA TYR A 112 -24.42 21.22 9.37
C TYR A 112 -23.16 21.02 8.53
N VAL A 113 -22.27 22.00 8.47
CA VAL A 113 -21.06 21.92 7.65
C VAL A 113 -19.81 21.85 8.54
N ASP A 114 -19.54 22.91 9.30
CA ASP A 114 -18.31 22.95 10.10
C ASP A 114 -18.31 21.86 11.16
N LEU A 115 -19.39 21.75 11.94
CA LEU A 115 -19.43 20.77 13.01
C LEU A 115 -19.45 19.34 12.45
N GLN A 116 -20.13 19.14 11.33
CA GLN A 116 -20.12 17.81 10.70
C GLN A 116 -18.72 17.43 10.26
N GLY A 117 -17.98 18.39 9.68
CA GLY A 117 -16.61 18.12 9.30
C GLY A 117 -15.71 17.80 10.48
N VAL A 118 -15.96 18.44 11.62
CA VAL A 118 -15.16 18.17 12.81
C VAL A 118 -15.40 16.75 13.31
N ILE A 119 -16.67 16.33 13.37
CA ILE A 119 -17.00 15.02 13.90
C ILE A 119 -16.49 13.92 12.98
N LYS A 120 -16.69 14.07 11.67
CA LYS A 120 -16.23 13.05 10.73
C LYS A 120 -14.72 12.98 10.68
N THR A 121 -14.03 14.09 10.92
CA THR A 121 -12.57 14.08 10.91
C THR A 121 -12.03 13.26 12.08
N PHE A 122 -12.57 13.48 13.28
CA PHE A 122 -12.12 12.72 14.45
C PHE A 122 -12.47 11.24 14.33
N ARG A 123 -13.67 10.93 13.83
CA ARG A 123 -14.04 9.54 13.64
C ARG A 123 -13.19 8.86 12.57
N TYR A 124 -12.79 9.61 11.54
CA TYR A 124 -11.97 9.04 10.48
C TYR A 124 -10.59 8.65 11.00
N TYR A 125 -9.91 9.58 11.67
CA TYR A 125 -8.57 9.32 12.14
C TYR A 125 -8.53 8.42 13.37
N ALA A 126 -9.66 8.27 14.07
CA ALA A 126 -9.74 7.27 15.13
C ALA A 126 -9.49 5.88 14.58
N GLY A 127 -9.96 5.60 13.36
CA GLY A 127 -9.78 4.28 12.78
C GLY A 127 -8.42 4.04 12.17
N TRP A 128 -7.63 5.11 11.96
CA TRP A 128 -6.32 4.97 11.34
C TRP A 128 -5.23 4.60 12.35
N ALA A 129 -5.48 4.77 13.65
CA ALA A 129 -4.40 4.72 14.63
C ALA A 129 -3.72 3.36 14.65
N ASP A 130 -4.48 2.27 14.62
CA ASP A 130 -3.92 0.93 14.65
C ASP A 130 -3.79 0.31 13.26
N LYS A 131 -3.86 1.14 12.21
CA LYS A 131 -3.70 0.67 10.85
C LYS A 131 -2.54 1.36 10.13
N ILE A 132 -1.70 2.09 10.85
CA ILE A 132 -0.50 2.69 10.28
C ILE A 132 0.57 1.59 10.21
N HIS A 133 0.93 1.19 9.00
CA HIS A 133 1.76 0.03 8.77
C HIS A 133 3.12 0.42 8.21
N GLY A 134 4.16 -0.29 8.66
CA GLY A 134 5.45 -0.27 8.01
C GLY A 134 5.52 -1.38 6.97
N MET A 135 6.74 -1.69 6.55
CA MET A 135 6.94 -2.72 5.54
C MET A 135 8.16 -3.57 5.86
N THR A 136 8.15 -4.80 5.38
CA THR A 136 9.31 -5.66 5.34
C THR A 136 9.78 -5.76 3.90
N ILE A 137 11.09 -5.67 3.69
CA ILE A 137 11.67 -5.39 2.38
C ILE A 137 12.63 -6.52 2.04
N PRO A 138 12.56 -7.10 0.83
CA PRO A 138 13.48 -8.18 0.41
C PRO A 138 14.80 -7.66 -0.16
N VAL A 139 15.69 -7.27 0.74
CA VAL A 139 16.95 -6.67 0.33
C VAL A 139 17.92 -7.74 -0.15
N ASP A 140 18.94 -7.30 -0.87
CA ASP A 140 20.00 -8.20 -1.31
C ASP A 140 20.81 -8.69 -0.10
N GLY A 141 21.41 -9.86 -0.26
CA GLY A 141 22.24 -10.42 0.79
C GLY A 141 21.44 -11.09 1.89
N ASP A 142 22.17 -11.50 2.94
CA ASP A 142 21.59 -12.23 4.06
C ASP A 142 21.12 -11.24 5.14
N TYR A 143 20.02 -10.57 4.85
CA TYR A 143 19.50 -9.55 5.75
C TYR A 143 17.99 -9.63 5.85
N PHE A 144 17.46 -9.26 7.02
CA PHE A 144 16.04 -9.08 7.24
C PHE A 144 15.82 -7.61 7.54
N THR A 145 15.20 -6.88 6.61
CA THR A 145 15.01 -5.45 6.71
C THR A 145 13.54 -5.13 6.88
N PHE A 146 13.21 -4.32 7.88
CA PHE A 146 11.85 -3.84 8.08
C PHE A 146 11.90 -2.39 8.54
N THR A 147 10.76 -1.71 8.41
CA THR A 147 10.63 -0.32 8.80
C THR A 147 9.49 -0.14 9.80
N ARG A 148 9.68 0.80 10.72
CA ARG A 148 8.64 1.23 11.64
C ARG A 148 8.24 2.65 11.32
N HIS A 149 6.97 2.97 11.56
CA HIS A 149 6.44 4.33 11.40
C HIS A 149 6.15 4.85 12.79
N GLU A 150 7.07 5.63 13.33
CA GLU A 150 7.00 6.15 14.69
C GLU A 150 6.57 7.61 14.69
N PRO A 151 6.01 8.09 15.80
CA PRO A 151 5.66 9.52 15.88
C PRO A 151 6.88 10.41 15.80
N ILE A 152 6.67 11.63 15.32
CA ILE A 152 7.76 12.60 15.21
C ILE A 152 8.23 13.04 16.59
N GLY A 153 7.30 13.49 17.43
CA GLY A 153 7.63 14.04 18.72
C GLY A 153 6.64 15.14 19.11
N VAL A 154 7.16 16.29 19.52
CA VAL A 154 6.32 17.44 19.85
C VAL A 154 6.06 18.23 18.57
N CYS A 155 4.80 18.43 18.25
CA CYS A 155 4.39 19.10 17.03
C CYS A 155 3.77 20.44 17.37
N GLY A 156 4.33 21.52 16.83
CA GLY A 156 3.73 22.84 16.94
C GLY A 156 2.77 23.07 15.79
N GLN A 157 1.60 23.62 16.12
CA GLN A 157 0.53 23.78 15.15
C GLN A 157 -0.06 25.18 15.25
N ILE A 158 -0.13 25.87 14.11
CA ILE A 158 -0.63 27.24 14.05
C ILE A 158 -1.69 27.30 12.95
N ILE A 159 -2.86 27.85 13.29
CA ILE A 159 -4.03 27.76 12.41
C ILE A 159 -4.65 29.15 12.29
N PRO A 160 -5.45 29.38 11.23
CA PRO A 160 -6.09 30.69 11.05
C PRO A 160 -7.51 30.76 11.57
N TRP A 161 -8.25 31.79 11.16
CA TRP A 161 -9.54 32.13 11.75
C TRP A 161 -10.74 31.80 10.88
N ASN A 162 -10.54 31.36 9.63
CA ASN A 162 -11.68 31.23 8.72
C ASN A 162 -12.49 29.97 8.98
N PHE A 163 -11.87 28.91 9.47
CA PHE A 163 -12.58 27.71 9.93
C PHE A 163 -11.97 27.27 11.24
N PRO A 164 -12.23 28.01 12.33
CA PRO A 164 -11.47 27.79 13.57
C PRO A 164 -11.55 26.36 14.11
N LEU A 165 -12.76 25.85 14.30
CA LEU A 165 -12.91 24.51 14.87
C LEU A 165 -12.48 23.43 13.88
N LEU A 166 -12.85 23.59 12.61
CA LEU A 166 -12.52 22.58 11.61
C LEU A 166 -11.01 22.49 11.40
N MET A 167 -10.32 23.63 11.35
CA MET A 167 -8.86 23.61 11.25
C MET A 167 -8.23 23.00 12.49
N PHE A 168 -8.85 23.19 13.65
CA PHE A 168 -8.36 22.58 14.88
C PHE A 168 -8.36 21.05 14.76
N ALA A 169 -9.47 20.48 14.28
CA ALA A 169 -9.56 19.04 14.14
C ALA A 169 -8.62 18.53 13.05
N TRP A 170 -8.49 19.29 11.95
CA TRP A 170 -7.62 18.86 10.85
C TRP A 170 -6.18 18.73 11.29
N LYS A 171 -5.77 19.47 12.31
CA LYS A 171 -4.38 19.46 12.75
C LYS A 171 -4.11 18.42 13.83
N ILE A 172 -4.94 18.37 14.87
CA ILE A 172 -4.63 17.50 16.00
C ILE A 172 -5.01 16.05 15.72
N ALA A 173 -6.04 15.80 14.92
CA ALA A 173 -6.48 14.42 14.70
C ALA A 173 -5.41 13.56 14.04
N PRO A 174 -4.78 13.96 12.93
CA PRO A 174 -3.71 13.11 12.38
C PRO A 174 -2.48 13.07 13.27
N ALA A 175 -2.18 14.15 13.99
CA ALA A 175 -1.02 14.17 14.87
C ALA A 175 -1.19 13.19 16.03
N LEU A 176 -2.35 13.21 16.66
CA LEU A 176 -2.62 12.27 17.75
C LEU A 176 -2.76 10.85 17.21
N CYS A 177 -3.30 10.70 16.01
CA CYS A 177 -3.47 9.38 15.42
C CYS A 177 -2.13 8.66 15.29
N CYS A 178 -1.06 9.39 14.99
CA CYS A 178 0.26 8.80 14.86
C CYS A 178 1.03 8.76 16.18
N GLY A 179 0.49 9.33 17.25
CA GLY A 179 1.09 9.21 18.56
C GLY A 179 1.91 10.39 19.04
N ASN A 180 1.86 11.53 18.36
CA ASN A 180 2.63 12.69 18.77
C ASN A 180 1.94 13.42 19.92
N THR A 181 2.60 14.44 20.44
CA THR A 181 2.00 15.42 21.33
C THR A 181 1.98 16.77 20.62
N VAL A 182 1.13 17.68 21.10
CA VAL A 182 0.74 18.85 20.32
C VAL A 182 0.79 20.10 21.19
N VAL A 183 1.40 21.16 20.66
CA VAL A 183 1.24 22.52 21.14
C VAL A 183 0.64 23.33 20.01
N ILE A 184 -0.63 23.70 20.15
CA ILE A 184 -1.39 24.31 19.06
C ILE A 184 -1.83 25.71 19.49
N LYS A 185 -1.66 26.68 18.59
CA LYS A 185 -2.04 28.06 18.82
C LYS A 185 -3.12 28.48 17.84
N PRO A 186 -4.38 28.59 18.25
CA PRO A 186 -5.42 29.07 17.34
C PRO A 186 -5.23 30.56 17.04
N ALA A 187 -5.95 31.02 16.03
CA ALA A 187 -5.88 32.43 15.66
C ALA A 187 -6.39 33.31 16.79
N GLU A 188 -5.75 34.48 16.96
CA GLU A 188 -6.16 35.39 18.01
C GLU A 188 -7.57 35.92 17.80
N GLN A 189 -8.07 35.89 16.56
CA GLN A 189 -9.44 36.34 16.32
C GLN A 189 -10.46 35.36 16.90
N THR A 190 -10.17 34.06 16.81
CA THR A 190 -11.16 33.01 17.10
C THR A 190 -10.53 31.92 17.95
N PRO A 191 -10.32 32.16 19.24
CA PRO A 191 -9.76 31.13 20.13
C PRO A 191 -10.77 30.33 20.93
N LEU A 192 -12.06 30.66 20.85
CA LEU A 192 -13.02 30.14 21.81
C LEU A 192 -13.40 28.69 21.53
N SER A 193 -13.57 28.31 20.26
CA SER A 193 -13.89 26.93 19.94
C SER A 193 -12.79 25.98 20.40
N ALA A 194 -11.53 26.36 20.17
CA ALA A 194 -10.41 25.50 20.52
C ALA A 194 -10.30 25.33 22.03
N LEU A 195 -10.55 26.40 22.79
CA LEU A 195 -10.48 26.30 24.24
C LEU A 195 -11.54 25.35 24.79
N TYR A 196 -12.76 25.42 24.23
CA TYR A 196 -13.79 24.47 24.62
C TYR A 196 -13.38 23.04 24.31
N MET A 197 -12.61 22.84 23.24
CA MET A 197 -12.14 21.49 22.92
C MET A 197 -11.18 20.97 23.99
N GLY A 198 -10.44 21.88 24.65
CA GLY A 198 -9.57 21.44 25.72
C GLY A 198 -10.33 20.79 26.85
N ALA A 199 -11.50 21.33 27.20
CA ALA A 199 -12.33 20.71 28.22
C ALA A 199 -12.84 19.35 27.77
N LEU A 200 -13.23 19.24 26.49
CA LEU A 200 -13.62 17.94 25.96
C LEU A 200 -12.43 16.99 25.87
N ILE A 201 -11.23 17.53 25.61
CA ILE A 201 -10.03 16.69 25.56
C ILE A 201 -9.76 16.07 26.92
N LYS A 202 -9.95 16.84 28.00
CA LYS A 202 -9.77 16.30 29.33
C LYS A 202 -10.88 15.33 29.70
N GLU A 203 -12.12 15.64 29.30
CA GLU A 203 -13.24 14.76 29.61
C GLU A 203 -13.10 13.42 28.90
N ALA A 204 -12.57 13.43 27.67
CA ALA A 204 -12.40 12.20 26.92
C ALA A 204 -11.35 11.28 27.55
N GLY A 205 -10.41 11.84 28.31
CA GLY A 205 -9.42 11.05 29.00
C GLY A 205 -8.03 11.06 28.40
N PHE A 206 -7.70 12.07 27.60
CA PHE A 206 -6.35 12.16 27.06
C PHE A 206 -5.35 12.42 28.19
N PRO A 207 -4.18 11.79 28.17
CA PRO A 207 -3.22 12.00 29.24
C PRO A 207 -2.73 13.45 29.25
N PRO A 208 -2.33 13.95 30.41
CA PRO A 208 -1.91 15.36 30.51
C PRO A 208 -0.69 15.64 29.64
N GLY A 209 -0.70 16.81 29.01
CA GLY A 209 0.41 17.24 28.18
C GLY A 209 0.38 16.75 26.75
N VAL A 210 -0.58 15.89 26.39
CA VAL A 210 -0.65 15.40 25.02
C VAL A 210 -1.11 16.49 24.07
N ILE A 211 -2.12 17.26 24.47
CA ILE A 211 -2.61 18.40 23.70
C ILE A 211 -2.56 19.63 24.60
N ASN A 212 -1.85 20.67 24.16
CA ASN A 212 -1.77 21.93 24.86
C ASN A 212 -2.22 23.04 23.93
N ILE A 213 -3.16 23.86 24.38
CA ILE A 213 -3.79 24.89 23.58
C ILE A 213 -3.42 26.25 24.18
N LEU A 214 -2.80 27.11 23.37
CA LEU A 214 -2.26 28.38 23.84
C LEU A 214 -2.79 29.52 22.99
N PRO A 215 -3.87 30.16 23.39
CA PRO A 215 -4.38 31.31 22.65
C PRO A 215 -3.46 32.51 22.80
N GLY A 216 -3.21 33.19 21.68
CA GLY A 216 -2.32 34.33 21.71
C GLY A 216 -2.14 34.89 20.32
N TYR A 217 -1.15 35.78 20.18
CA TYR A 217 -0.90 36.48 18.94
C TYR A 217 0.22 35.79 18.15
N GLY A 218 0.33 36.18 16.89
CA GLY A 218 1.28 35.61 15.97
C GLY A 218 2.72 35.87 16.30
N PRO A 219 3.12 37.15 16.35
CA PRO A 219 4.54 37.47 16.64
C PRO A 219 5.02 37.00 18.00
N THR A 220 4.12 36.82 18.96
CA THR A 220 4.54 36.39 20.29
C THR A 220 4.39 34.88 20.45
N ALA A 221 3.15 34.40 20.53
CA ALA A 221 2.92 32.98 20.75
C ALA A 221 3.32 32.15 19.54
N GLY A 222 2.94 32.60 18.34
CA GLY A 222 3.22 31.82 17.15
C GLY A 222 4.70 31.74 16.83
N ALA A 223 5.38 32.89 16.85
CA ALA A 223 6.81 32.91 16.53
C ALA A 223 7.64 32.13 17.56
N ALA A 224 7.19 32.10 18.82
CA ALA A 224 7.88 31.30 19.81
C ALA A 224 7.75 29.81 19.51
N ILE A 225 6.59 29.39 18.99
CA ILE A 225 6.43 28.01 18.59
C ILE A 225 7.33 27.68 17.39
N ALA A 226 7.42 28.61 16.44
CA ALA A 226 8.15 28.33 15.21
C ALA A 226 9.65 28.28 15.43
N SER A 227 10.16 29.02 16.42
CA SER A 227 11.59 29.09 16.67
C SER A 227 12.04 28.23 17.84
N HIS A 228 11.11 27.56 18.52
CA HIS A 228 11.48 26.72 19.65
C HIS A 228 12.37 25.57 19.21
N ILE A 229 13.46 25.34 19.93
CA ILE A 229 14.40 24.28 19.58
C ILE A 229 14.00 22.92 20.15
N GLY A 230 13.04 22.88 21.06
CA GLY A 230 12.53 21.65 21.62
C GLY A 230 11.30 21.11 20.91
N ILE A 231 10.93 21.70 19.78
CA ILE A 231 9.78 21.28 18.99
C ILE A 231 10.30 20.59 17.73
N ASP A 232 9.81 19.38 17.47
CA ASP A 232 10.35 18.57 16.38
C ASP A 232 9.73 18.91 15.03
N LYS A 233 8.48 19.37 15.01
CA LYS A 233 7.76 19.56 13.76
C LYS A 233 6.77 20.71 13.92
N ILE A 234 6.62 21.51 12.87
CA ILE A 234 5.67 22.60 12.85
C ILE A 234 4.71 22.40 11.68
N ALA A 235 3.42 22.58 11.94
CA ALA A 235 2.38 22.52 10.92
C ALA A 235 1.65 23.85 10.92
N PHE A 236 1.74 24.58 9.81
CA PHE A 236 1.21 25.93 9.72
C PHE A 236 0.19 26.01 8.61
N THR A 237 -0.96 26.63 8.89
CA THR A 237 -1.94 27.00 7.89
C THR A 237 -2.20 28.49 8.01
N GLY A 238 -2.00 29.21 6.91
CA GLY A 238 -2.18 30.66 6.95
C GLY A 238 -1.68 31.31 5.68
N SER A 239 -1.33 32.59 5.79
CA SER A 239 -0.92 33.35 4.62
C SER A 239 0.44 32.87 4.11
N THR A 240 0.70 33.15 2.84
CA THR A 240 1.98 32.78 2.24
C THR A 240 3.13 33.61 2.80
N GLU A 241 2.86 34.89 3.11
CA GLU A 241 3.91 35.74 3.64
C GLU A 241 4.40 35.26 4.99
N VAL A 242 3.47 34.88 5.87
CA VAL A 242 3.87 34.31 7.15
C VAL A 242 4.47 32.92 6.95
N GLY A 243 3.93 32.16 6.00
CA GLY A 243 4.46 30.84 5.71
C GLY A 243 5.93 30.87 5.31
N LYS A 244 6.37 31.94 4.64
CA LYS A 244 7.78 32.10 4.35
C LYS A 244 8.58 32.29 5.63
N LEU A 245 8.04 33.05 6.59
CA LEU A 245 8.73 33.28 7.84
C LEU A 245 8.82 32.01 8.68
N ILE A 246 7.89 31.08 8.49
CA ILE A 246 7.90 29.84 9.27
C ILE A 246 8.98 28.90 8.77
N GLN A 247 8.97 28.60 7.46
CA GLN A 247 9.99 27.74 6.88
C GLN A 247 11.39 28.32 7.09
N GLU A 248 11.51 29.65 7.08
CA GLU A 248 12.79 30.28 7.36
C GLU A 248 13.22 30.05 8.81
N ALA A 249 12.36 30.41 9.76
CA ALA A 249 12.69 30.28 11.17
C ALA A 249 12.92 28.82 11.58
N ALA A 250 12.33 27.87 10.85
CA ALA A 250 12.56 26.46 11.16
C ALA A 250 13.99 26.06 10.80
N GLY A 251 14.53 26.59 9.70
CA GLY A 251 15.87 26.22 9.30
C GLY A 251 16.94 26.82 10.18
N ARG A 252 16.77 28.08 10.57
CA ARG A 252 17.77 28.75 11.39
C ARG A 252 17.68 28.35 12.87
N SER A 253 16.60 27.70 13.28
CA SER A 253 16.49 27.22 14.66
C SER A 253 17.02 25.80 14.78
N ASN A 254 16.13 24.80 14.72
CA ASN A 254 16.49 23.41 14.95
C ASN A 254 16.09 22.50 13.81
N LEU A 255 15.94 23.04 12.60
CA LEU A 255 15.66 22.24 11.40
C LEU A 255 14.43 21.35 11.57
N LYS A 256 13.44 21.86 12.28
CA LYS A 256 12.20 21.10 12.47
C LYS A 256 11.50 20.87 11.14
N ARG A 257 10.79 19.75 11.05
CA ARG A 257 9.98 19.49 9.88
C ARG A 257 8.84 20.51 9.78
N VAL A 258 8.44 20.82 8.55
CA VAL A 258 7.52 21.92 8.28
C VAL A 258 6.41 21.44 7.36
N THR A 259 5.17 21.74 7.74
CA THR A 259 4.00 21.57 6.87
C THR A 259 3.35 22.94 6.70
N LEU A 260 3.06 23.29 5.45
CA LEU A 260 2.47 24.59 5.12
C LEU A 260 1.23 24.38 4.28
N GLU A 261 0.14 25.06 4.66
CA GLU A 261 -1.08 25.13 3.86
C GLU A 261 -1.40 26.61 3.66
N LEU A 262 -1.20 27.10 2.43
CA LEU A 262 -1.15 28.53 2.17
C LEU A 262 -2.23 29.04 1.22
N GLY A 263 -2.98 28.15 0.57
CA GLY A 263 -4.04 28.54 -0.34
C GLY A 263 -3.56 29.33 -1.54
N GLY A 264 -4.52 29.96 -2.24
CA GLY A 264 -4.18 30.68 -3.45
C GLY A 264 -5.29 31.42 -4.18
N LYS A 265 -5.22 31.41 -5.51
CA LYS A 265 -6.14 32.15 -6.39
C LYS A 265 -6.73 31.14 -7.37
N SER A 266 -7.69 30.35 -6.89
CA SER A 266 -8.07 29.11 -7.56
C SER A 266 -9.01 29.38 -8.73
N PRO A 267 -8.73 28.85 -9.92
CA PRO A 267 -9.62 29.06 -11.05
C PRO A 267 -10.83 28.12 -11.03
N ASN A 268 -11.89 28.57 -11.70
CA ASN A 268 -13.10 27.78 -11.89
C ASN A 268 -13.50 27.91 -13.36
N ILE A 269 -13.43 26.81 -14.10
CA ILE A 269 -13.60 26.83 -15.55
C ILE A 269 -14.99 26.29 -15.89
N ILE A 270 -15.76 27.07 -16.65
CA ILE A 270 -17.11 26.71 -17.05
C ILE A 270 -17.14 26.64 -18.57
N PHE A 271 -17.38 25.44 -19.10
CA PHE A 271 -17.56 25.25 -20.52
C PHE A 271 -19.02 25.39 -20.91
N ALA A 272 -19.26 25.67 -22.20
CA ALA A 272 -20.61 25.88 -22.67
C ALA A 272 -21.46 24.62 -22.54
N ASP A 273 -20.83 23.45 -22.57
CA ASP A 273 -21.55 22.18 -22.46
C ASP A 273 -21.79 21.76 -21.01
N ALA A 274 -22.05 22.71 -20.13
CA ALA A 274 -22.29 22.42 -18.72
C ALA A 274 -23.72 22.79 -18.35
N ASP A 275 -24.25 22.09 -17.34
CA ASP A 275 -25.53 22.45 -16.76
C ASP A 275 -25.45 23.88 -16.25
N LEU A 276 -25.95 24.82 -17.04
CA LEU A 276 -25.70 26.24 -16.77
C LEU A 276 -26.27 26.66 -15.43
N ASP A 277 -27.52 26.27 -15.15
CA ASP A 277 -28.12 26.63 -13.86
C ASP A 277 -27.36 26.00 -12.70
N TYR A 278 -26.93 24.76 -12.86
CA TYR A 278 -26.15 24.09 -11.82
C TYR A 278 -24.78 24.75 -11.66
N ALA A 279 -24.13 25.08 -12.78
CA ALA A 279 -22.79 25.68 -12.72
C ALA A 279 -22.84 27.06 -12.09
N VAL A 280 -23.87 27.85 -12.42
CA VAL A 280 -24.00 29.18 -11.82
C VAL A 280 -24.09 29.08 -10.30
N GLU A 281 -24.88 28.12 -9.81
CA GLU A 281 -25.06 27.98 -8.36
C GLU A 281 -23.79 27.47 -7.70
N GLN A 282 -23.13 26.48 -8.30
CA GLN A 282 -21.93 25.92 -7.70
C GLN A 282 -20.77 26.91 -7.73
N ALA A 283 -20.65 27.67 -8.82
CA ALA A 283 -19.63 28.72 -8.86
C ALA A 283 -19.98 29.87 -7.94
N HIS A 284 -21.28 30.09 -7.69
CA HIS A 284 -21.69 31.11 -6.73
C HIS A 284 -21.28 30.71 -5.31
N GLN A 285 -21.51 29.44 -4.94
CA GLN A 285 -21.06 28.96 -3.65
C GLN A 285 -19.53 28.91 -3.58
N GLY A 286 -18.87 28.68 -4.72
CA GLY A 286 -17.43 28.62 -4.76
C GLY A 286 -16.74 29.89 -4.33
N VAL A 287 -17.39 31.04 -4.49
CA VAL A 287 -16.83 32.32 -4.08
C VAL A 287 -17.44 32.82 -2.78
N PHE A 288 -18.74 32.58 -2.57
CA PHE A 288 -19.48 33.26 -1.51
C PHE A 288 -19.63 32.43 -0.24
N PHE A 289 -19.31 31.13 -0.26
CA PHE A 289 -19.42 30.34 0.96
C PHE A 289 -18.46 30.85 2.01
N ASN A 290 -18.90 30.80 3.27
CA ASN A 290 -18.10 31.25 4.41
C ASN A 290 -17.66 32.71 4.23
N GLN A 291 -18.59 33.55 3.74
CA GLN A 291 -18.34 34.97 3.56
C GLN A 291 -17.17 35.24 2.63
N GLY A 292 -16.96 34.34 1.67
CA GLY A 292 -15.81 34.45 0.77
C GLY A 292 -14.48 34.20 1.41
N GLN A 293 -14.45 33.65 2.62
CA GLN A 293 -13.20 33.48 3.37
C GLN A 293 -12.78 32.01 3.38
N CYS A 294 -12.67 31.48 2.17
CA CYS A 294 -12.13 30.15 1.93
C CYS A 294 -10.93 30.28 1.01
N CYS A 295 -9.89 29.49 1.31
CA CYS A 295 -8.73 29.45 0.41
C CYS A 295 -9.06 28.74 -0.89
N THR A 296 -10.00 27.82 -0.85
CA THR A 296 -10.48 27.17 -2.05
C THR A 296 -11.45 28.06 -2.84
N ALA A 297 -11.53 29.35 -2.52
CA ALA A 297 -12.47 30.23 -3.20
C ALA A 297 -12.15 30.29 -4.69
N GLY A 298 -13.13 29.95 -5.51
CA GLY A 298 -12.98 30.06 -6.94
C GLY A 298 -12.92 31.50 -7.40
N SER A 299 -11.85 32.20 -7.02
CA SER A 299 -11.73 33.63 -7.28
C SER A 299 -11.97 33.96 -8.75
N ARG A 300 -11.19 33.34 -9.63
CA ARG A 300 -11.28 33.59 -11.06
C ARG A 300 -12.20 32.53 -11.69
N ILE A 301 -13.39 32.94 -12.07
CA ILE A 301 -14.34 32.08 -12.77
C ILE A 301 -14.19 32.34 -14.25
N PHE A 302 -13.65 31.35 -14.97
CA PHE A 302 -13.52 31.42 -16.42
C PHE A 302 -14.76 30.82 -17.07
N VAL A 303 -15.38 31.57 -17.98
CA VAL A 303 -16.60 31.16 -18.66
C VAL A 303 -16.35 31.20 -20.16
N GLU A 304 -16.76 30.13 -20.85
CA GLU A 304 -16.66 30.12 -22.30
C GLU A 304 -17.51 31.23 -22.90
N GLU A 305 -17.02 31.80 -24.01
CA GLU A 305 -17.63 33.01 -24.56
C GLU A 305 -19.08 32.79 -24.96
N SER A 306 -19.43 31.56 -25.35
CA SER A 306 -20.80 31.30 -25.80
C SER A 306 -21.83 31.57 -24.72
N ILE A 307 -21.47 31.33 -23.46
CA ILE A 307 -22.40 31.44 -22.33
C ILE A 307 -21.99 32.54 -21.37
N TYR A 308 -21.09 33.43 -21.77
CA TYR A 308 -20.56 34.44 -20.84
C TYR A 308 -21.66 35.41 -20.39
N GLU A 309 -22.39 35.98 -21.34
CA GLU A 309 -23.38 37.00 -20.99
C GLU A 309 -24.48 36.42 -20.10
N GLU A 310 -24.98 35.23 -20.43
CA GLU A 310 -26.03 34.62 -19.63
C GLU A 310 -25.52 34.21 -18.25
N PHE A 311 -24.29 33.66 -18.19
CA PHE A 311 -23.71 33.31 -16.91
C PHE A 311 -23.54 34.54 -16.03
N VAL A 312 -23.10 35.64 -16.61
CA VAL A 312 -22.97 36.89 -15.85
C VAL A 312 -24.34 37.35 -15.36
N ARG A 313 -25.32 37.35 -16.26
CA ARG A 313 -26.67 37.79 -15.90
C ARG A 313 -27.27 36.91 -14.80
N ARG A 314 -27.03 35.60 -14.87
CA ARG A 314 -27.55 34.70 -13.85
C ARG A 314 -26.82 34.87 -12.54
N SER A 315 -25.49 35.02 -12.59
CA SER A 315 -24.72 35.20 -11.37
C SER A 315 -25.08 36.50 -10.66
N VAL A 316 -25.34 37.56 -11.44
CA VAL A 316 -25.69 38.85 -10.84
C VAL A 316 -27.04 38.76 -10.15
N GLU A 317 -28.01 38.09 -10.78
CA GLU A 317 -29.32 37.92 -10.15
C GLU A 317 -29.21 37.09 -8.88
N ARG A 318 -28.40 36.02 -8.91
CA ARG A 318 -28.20 35.19 -7.73
C ARG A 318 -27.53 35.98 -6.62
N ALA A 319 -26.57 36.84 -6.97
CA ALA A 319 -25.88 37.64 -5.96
C ALA A 319 -26.80 38.70 -5.36
N LYS A 320 -27.68 39.27 -6.18
CA LYS A 320 -28.65 40.24 -5.68
C LYS A 320 -29.67 39.60 -4.75
N ARG A 321 -29.85 38.28 -4.82
CA ARG A 321 -30.77 37.57 -3.97
C ARG A 321 -30.15 37.08 -2.67
N ARG A 322 -28.82 37.16 -2.54
CA ARG A 322 -28.14 36.59 -1.38
C ARG A 322 -28.51 37.35 -0.11
N VAL A 323 -28.90 36.61 0.92
CA VAL A 323 -29.40 37.19 2.15
C VAL A 323 -28.22 37.40 3.10
N VAL A 324 -27.90 38.67 3.36
CA VAL A 324 -26.89 39.04 4.35
C VAL A 324 -27.59 39.49 5.61
N GLY A 325 -27.16 38.99 6.75
CA GLY A 325 -27.81 39.35 8.00
C GLY A 325 -27.16 38.68 9.19
N SER A 326 -27.89 38.71 10.30
CA SER A 326 -27.37 38.18 11.56
C SER A 326 -27.11 36.68 11.43
N PRO A 327 -25.95 36.19 11.88
CA PRO A 327 -25.67 34.75 11.78
C PRO A 327 -26.68 33.88 12.51
N PHE A 328 -27.27 34.38 13.61
CA PHE A 328 -28.25 33.60 14.35
C PHE A 328 -29.60 33.51 13.63
N ASP A 329 -29.83 34.33 12.61
CA ASP A 329 -31.07 34.26 11.86
C ASP A 329 -31.03 33.08 10.90
N PRO A 330 -31.98 32.14 10.96
CA PRO A 330 -31.94 30.98 10.07
C PRO A 330 -32.06 31.33 8.59
N THR A 331 -32.53 32.53 8.26
CA THR A 331 -32.65 32.98 6.88
C THR A 331 -31.31 33.45 6.30
N THR A 332 -30.36 33.83 7.16
CA THR A 332 -29.11 34.40 6.71
C THR A 332 -28.28 33.40 5.91
N GLU A 333 -27.79 33.84 4.75
CA GLU A 333 -26.83 33.09 3.96
C GLU A 333 -25.40 33.56 4.15
N GLN A 334 -25.20 34.83 4.49
CA GLN A 334 -23.87 35.44 4.52
C GLN A 334 -23.74 36.26 5.79
N GLY A 335 -22.73 35.94 6.59
CA GLY A 335 -22.43 36.69 7.78
C GLY A 335 -21.47 37.83 7.48
N PRO A 336 -20.82 38.35 8.52
CA PRO A 336 -19.85 39.44 8.33
C PRO A 336 -18.46 38.90 8.04
N GLN A 337 -17.58 39.81 7.62
CA GLN A 337 -16.16 39.49 7.59
C GLN A 337 -15.62 39.43 9.01
N ILE A 338 -14.40 38.90 9.14
CA ILE A 338 -13.91 38.52 10.47
C ILE A 338 -13.56 39.76 11.30
N ASP A 339 -12.97 40.79 10.68
CA ASP A 339 -12.55 41.97 11.44
C ASP A 339 -12.42 43.15 10.49
N LYS A 340 -12.09 44.31 11.08
CA LYS A 340 -11.96 45.54 10.31
C LYS A 340 -10.78 45.48 9.35
N LYS A 341 -9.71 44.76 9.73
CA LYS A 341 -8.56 44.61 8.84
C LYS A 341 -8.95 43.95 7.53
N GLN A 342 -9.70 42.85 7.60
CA GLN A 342 -10.17 42.19 6.39
C GLN A 342 -11.17 43.05 5.64
N TYR A 343 -12.11 43.67 6.37
CA TYR A 343 -13.12 44.52 5.77
C TYR A 343 -12.49 45.63 4.93
N ASN A 344 -11.44 46.26 5.44
CA ASN A 344 -10.80 47.35 4.71
C ASN A 344 -10.06 46.85 3.48
N LYS A 345 -9.36 45.70 3.61
CA LYS A 345 -8.61 45.18 2.48
C LYS A 345 -9.52 44.73 1.34
N ILE A 346 -10.75 44.31 1.66
CA ILE A 346 -11.67 43.92 0.60
C ILE A 346 -12.22 45.16 -0.10
N LEU A 347 -12.55 46.20 0.66
CA LEU A 347 -13.08 47.42 0.05
C LEU A 347 -12.05 48.08 -0.85
N GLU A 348 -10.78 48.05 -0.46
CA GLU A 348 -9.72 48.63 -1.29
C GLU A 348 -9.54 47.85 -2.59
N LEU A 349 -9.60 46.52 -2.51
CA LEU A 349 -9.47 45.70 -3.72
C LEU A 349 -10.63 45.95 -4.67
N ILE A 350 -11.83 46.15 -4.13
CA ILE A 350 -12.98 46.46 -4.97
C ILE A 350 -12.78 47.78 -5.70
N GLN A 351 -12.24 48.78 -5.00
CA GLN A 351 -11.90 50.04 -5.66
C GLN A 351 -10.89 49.84 -6.76
N SER A 352 -9.93 48.93 -6.55
CA SER A 352 -8.91 48.68 -7.57
C SER A 352 -9.51 48.04 -8.81
N GLY A 353 -10.51 47.18 -8.64
CA GLY A 353 -11.15 46.56 -9.78
C GLY A 353 -11.89 47.57 -10.66
N VAL A 354 -12.59 48.51 -10.03
CA VAL A 354 -13.29 49.56 -10.79
C VAL A 354 -12.29 50.45 -11.50
N ALA A 355 -11.25 50.89 -10.79
CA ALA A 355 -10.30 51.84 -11.37
C ALA A 355 -9.55 51.25 -12.55
N GLU A 356 -9.43 49.92 -12.61
CA GLU A 356 -8.70 49.27 -13.68
C GLU A 356 -9.59 48.79 -14.82
N GLY A 357 -10.89 49.11 -14.78
CA GLY A 357 -11.75 48.90 -15.92
C GLY A 357 -12.77 47.79 -15.79
N ALA A 358 -12.78 47.02 -14.71
CA ALA A 358 -13.75 45.95 -14.55
C ALA A 358 -15.15 46.53 -14.35
N LYS A 359 -16.16 45.78 -14.79
CA LYS A 359 -17.54 46.22 -14.72
C LYS A 359 -18.14 45.77 -13.40
N LEU A 360 -18.40 46.73 -12.51
CA LEU A 360 -19.07 46.46 -11.24
C LEU A 360 -20.55 46.21 -11.51
N GLU A 361 -20.95 44.94 -11.45
CA GLU A 361 -22.32 44.58 -11.81
C GLU A 361 -23.29 44.77 -10.67
N CYS A 362 -22.84 44.58 -9.42
CA CYS A 362 -23.70 44.78 -8.26
C CYS A 362 -22.82 44.83 -7.01
N GLY A 363 -23.36 45.41 -5.95
CA GLY A 363 -22.65 45.49 -4.69
C GLY A 363 -21.46 46.42 -4.74
N GLY A 364 -20.41 46.06 -4.02
CA GLY A 364 -19.19 46.84 -3.97
C GLY A 364 -19.06 47.78 -2.80
N LYS A 365 -19.96 47.71 -1.82
CA LYS A 365 -19.94 48.62 -0.69
C LYS A 365 -20.25 47.87 0.59
N GLY A 366 -19.87 48.47 1.72
CA GLY A 366 -20.20 47.91 3.01
C GLY A 366 -21.68 47.93 3.27
N LEU A 367 -22.10 47.12 4.25
CA LEU A 367 -23.51 46.96 4.58
C LEU A 367 -23.71 47.29 6.05
N GLY A 368 -24.54 48.29 6.32
CA GLY A 368 -24.85 48.68 7.69
C GLY A 368 -23.75 49.51 8.32
N ARG A 369 -23.95 49.81 9.60
CA ARG A 369 -23.02 50.63 10.36
C ARG A 369 -22.26 49.85 11.44
N LYS A 370 -22.78 48.71 11.87
CA LYS A 370 -22.12 47.88 12.87
C LYS A 370 -21.71 46.55 12.24
N GLY A 371 -20.62 45.99 12.76
CA GLY A 371 -20.11 44.75 12.20
C GLY A 371 -19.22 44.99 11.00
N PHE A 372 -19.06 43.94 10.20
CA PHE A 372 -18.18 43.98 9.03
C PHE A 372 -18.87 43.29 7.85
N PHE A 373 -20.12 43.65 7.60
CA PHE A 373 -20.86 43.09 6.47
C PHE A 373 -20.53 43.84 5.19
N ILE A 374 -20.39 43.09 4.10
CA ILE A 374 -20.09 43.65 2.78
C ILE A 374 -21.12 43.14 1.80
N GLU A 375 -21.61 44.04 0.94
CA GLU A 375 -22.55 43.66 -0.10
C GLU A 375 -21.94 42.58 -0.99
N PRO A 376 -22.71 41.56 -1.37
CA PRO A 376 -22.23 40.62 -2.40
C PRO A 376 -21.91 41.36 -3.69
N THR A 377 -20.70 41.14 -4.19
CA THR A 377 -20.15 41.91 -5.30
C THR A 377 -19.80 40.99 -6.45
N VAL A 378 -20.12 41.42 -7.67
CA VAL A 378 -19.84 40.66 -8.89
C VAL A 378 -19.12 41.59 -9.87
N PHE A 379 -17.94 41.17 -10.31
CA PHE A 379 -17.18 41.86 -11.34
C PHE A 379 -17.25 41.03 -12.63
N SER A 380 -17.54 41.70 -13.74
CA SER A 380 -17.44 41.10 -15.06
C SER A 380 -16.37 41.84 -15.85
N ASN A 381 -16.10 41.35 -17.07
CA ASN A 381 -15.09 41.93 -17.96
C ASN A 381 -13.71 41.97 -17.30
N VAL A 382 -13.44 41.03 -16.41
CA VAL A 382 -12.18 40.98 -15.70
C VAL A 382 -11.11 40.34 -16.58
N THR A 383 -9.92 40.93 -16.62
CA THR A 383 -8.81 40.43 -17.40
C THR A 383 -7.69 39.96 -16.48
N ASP A 384 -6.76 39.19 -17.08
CA ASP A 384 -5.74 38.52 -16.28
C ASP A 384 -4.78 39.48 -15.59
N ASP A 385 -4.58 40.68 -16.16
CA ASP A 385 -3.59 41.61 -15.64
C ASP A 385 -4.12 42.45 -14.48
N MET A 386 -5.43 42.48 -14.25
CA MET A 386 -5.99 43.31 -13.20
C MET A 386 -5.55 42.82 -11.82
N ARG A 387 -5.50 43.75 -10.87
CA ARG A 387 -5.06 43.39 -9.52
C ARG A 387 -6.03 42.42 -8.85
N ILE A 388 -7.33 42.61 -9.06
CA ILE A 388 -8.32 41.71 -8.47
C ILE A 388 -8.16 40.30 -9.01
N ALA A 389 -7.57 40.15 -10.19
CA ALA A 389 -7.37 38.82 -10.78
C ALA A 389 -6.10 38.14 -10.29
N LYS A 390 -5.14 38.89 -9.75
CA LYS A 390 -3.88 38.32 -9.29
C LYS A 390 -3.76 38.25 -7.78
N GLU A 391 -4.62 38.95 -7.04
CA GLU A 391 -4.52 39.05 -5.59
C GLU A 391 -5.74 38.42 -4.93
N GLU A 392 -5.52 37.78 -3.80
CA GLU A 392 -6.54 36.99 -3.13
C GLU A 392 -7.52 37.92 -2.39
N ILE A 393 -8.80 37.82 -2.74
CA ILE A 393 -9.84 38.60 -2.08
C ILE A 393 -10.66 37.68 -1.19
N PHE A 394 -10.22 37.48 0.06
CA PHE A 394 -10.97 36.69 1.01
C PHE A 394 -12.26 37.40 1.40
N GLY A 395 -13.15 37.60 0.43
CA GLY A 395 -14.38 38.31 0.65
C GLY A 395 -15.42 37.97 -0.41
N PRO A 396 -16.65 38.45 -0.21
CA PRO A 396 -17.78 38.10 -1.10
C PRO A 396 -17.71 38.86 -2.43
N VAL A 397 -16.65 38.63 -3.19
CA VAL A 397 -16.43 39.30 -4.47
C VAL A 397 -16.20 38.24 -5.54
N GLN A 398 -17.10 38.20 -6.52
CA GLN A 398 -17.02 37.25 -7.63
C GLN A 398 -16.44 37.94 -8.85
N GLU A 399 -15.53 37.24 -9.54
CA GLU A 399 -14.85 37.78 -10.72
C GLU A 399 -15.04 36.80 -11.88
N ILE A 400 -15.58 37.29 -12.98
CA ILE A 400 -15.94 36.47 -14.12
C ILE A 400 -15.10 36.89 -15.32
N LEU A 401 -14.34 35.95 -15.86
CA LEU A 401 -13.52 36.16 -17.05
C LEU A 401 -13.99 35.26 -18.17
N ARG A 402 -13.84 35.72 -19.40
CA ARG A 402 -14.25 34.95 -20.57
C ARG A 402 -13.03 34.34 -21.25
N PHE A 403 -13.23 33.17 -21.85
CA PHE A 403 -12.20 32.49 -22.61
C PHE A 403 -12.82 31.88 -23.85
N LYS A 404 -11.97 31.36 -24.74
CA LYS A 404 -12.41 30.82 -26.02
C LYS A 404 -12.09 29.34 -26.19
N THR A 405 -10.84 28.95 -25.99
CA THR A 405 -10.40 27.58 -26.24
C THR A 405 -9.93 26.94 -24.94
N MET A 406 -9.97 25.59 -24.93
CA MET A 406 -9.51 24.86 -23.76
C MET A 406 -8.04 25.10 -23.48
N ASP A 407 -7.21 25.10 -24.54
CA ASP A 407 -5.78 25.33 -24.36
C ASP A 407 -5.50 26.74 -23.83
N GLU A 408 -6.31 27.72 -24.22
CA GLU A 408 -6.13 29.08 -23.70
C GLU A 408 -6.41 29.12 -22.21
N VAL A 409 -7.53 28.53 -21.78
CA VAL A 409 -7.93 28.61 -20.38
C VAL A 409 -7.05 27.73 -19.50
N ILE A 410 -6.40 26.71 -20.06
CA ILE A 410 -5.48 25.91 -19.26
C ILE A 410 -4.23 26.70 -18.92
N GLU A 411 -3.67 27.41 -19.90
CA GLU A 411 -2.48 28.23 -19.64
C GLU A 411 -2.78 29.37 -18.69
N ARG A 412 -3.94 30.02 -18.87
CA ARG A 412 -4.30 31.14 -17.99
C ARG A 412 -4.58 30.66 -16.57
N ALA A 413 -5.24 29.52 -16.41
CA ALA A 413 -5.53 29.02 -15.08
C ALA A 413 -4.28 28.59 -14.35
N ASN A 414 -3.32 28.01 -15.07
CA ASN A 414 -2.05 27.60 -14.47
C ASN A 414 -1.09 28.77 -14.25
N ASN A 415 -1.29 29.87 -14.96
CA ASN A 415 -0.42 31.05 -14.85
C ASN A 415 -0.67 31.71 -13.49
N SER A 416 -0.05 31.15 -12.45
CA SER A 416 -0.24 31.64 -11.10
C SER A 416 0.85 31.07 -10.21
N ASP A 417 1.35 31.88 -9.28
CA ASP A 417 2.28 31.39 -8.27
C ASP A 417 1.61 30.39 -7.33
N PHE A 418 0.28 30.37 -7.30
CA PHE A 418 -0.48 29.48 -6.44
C PHE A 418 -1.00 28.28 -7.24
N GLY A 419 -1.42 27.26 -6.50
CA GLY A 419 -1.96 26.05 -7.10
C GLY A 419 -2.61 25.16 -6.08
N LEU A 420 -3.57 25.71 -5.33
CA LEU A 420 -4.22 24.94 -4.29
C LEU A 420 -5.37 24.10 -4.85
N VAL A 421 -6.19 24.69 -5.71
CA VAL A 421 -7.47 24.09 -6.08
C VAL A 421 -7.88 24.57 -7.46
N ALA A 422 -8.66 23.74 -8.15
CA ALA A 422 -9.23 24.10 -9.45
C ALA A 422 -10.49 23.29 -9.67
N ALA A 423 -11.31 23.75 -10.61
CA ALA A 423 -12.54 23.06 -10.92
C ALA A 423 -12.93 23.31 -12.36
N VAL A 424 -13.56 22.30 -12.97
CA VAL A 424 -14.05 22.37 -14.34
C VAL A 424 -15.47 21.82 -14.36
N PHE A 425 -16.36 22.53 -15.06
CA PHE A 425 -17.76 22.12 -15.21
C PHE A 425 -18.01 21.81 -16.67
N THR A 426 -18.27 20.54 -16.96
CA THR A 426 -18.49 20.08 -18.32
C THR A 426 -19.08 18.68 -18.29
N ASN A 427 -19.84 18.36 -19.34
CA ASN A 427 -20.37 17.02 -19.54
C ASN A 427 -19.53 16.19 -20.50
N ASP A 428 -18.46 16.78 -21.05
CA ASP A 428 -17.57 16.08 -21.97
C ASP A 428 -16.46 15.40 -21.16
N ILE A 429 -16.35 14.08 -21.31
CA ILE A 429 -15.37 13.33 -20.53
C ILE A 429 -13.95 13.66 -20.96
N ASN A 430 -13.75 13.96 -22.26
CA ASN A 430 -12.41 14.26 -22.73
C ASN A 430 -11.92 15.61 -22.23
N LYS A 431 -12.80 16.63 -22.29
CA LYS A 431 -12.46 17.92 -21.72
C LYS A 431 -12.23 17.82 -20.22
N ALA A 432 -13.06 17.02 -19.53
CA ALA A 432 -12.95 16.91 -18.08
C ALA A 432 -11.62 16.27 -17.67
N LEU A 433 -11.20 15.22 -18.39
CA LEU A 433 -9.99 14.52 -18.02
C LEU A 433 -8.74 15.27 -18.47
N THR A 434 -8.79 15.91 -19.64
CA THR A 434 -7.65 16.68 -20.10
C THR A 434 -7.36 17.86 -19.19
N VAL A 435 -8.41 18.59 -18.79
CA VAL A 435 -8.22 19.78 -17.97
C VAL A 435 -7.75 19.40 -16.56
N SER A 436 -8.39 18.39 -15.96
CA SER A 436 -8.03 18.00 -14.61
C SER A 436 -6.61 17.46 -14.54
N SER A 437 -6.15 16.80 -15.60
CA SER A 437 -4.77 16.30 -15.61
C SER A 437 -3.77 17.43 -15.83
N ALA A 438 -4.19 18.51 -16.48
CA ALA A 438 -3.28 19.61 -16.81
C ALA A 438 -3.22 20.68 -15.73
N MET A 439 -4.18 20.72 -14.82
CA MET A 439 -4.17 21.73 -13.78
C MET A 439 -2.98 21.54 -12.84
N GLN A 440 -2.35 22.64 -12.48
CA GLN A 440 -1.26 22.64 -11.50
C GLN A 440 -1.84 22.95 -10.12
N ALA A 441 -2.61 22.00 -9.61
CA ALA A 441 -3.32 22.18 -8.34
C ALA A 441 -3.43 20.85 -7.61
N GLY A 442 -3.46 20.92 -6.28
CA GLY A 442 -3.53 19.72 -5.47
C GLY A 442 -4.87 19.04 -5.48
N THR A 443 -5.95 19.81 -5.65
CA THR A 443 -7.30 19.25 -5.72
C THR A 443 -8.00 19.82 -6.93
N VAL A 444 -8.59 18.95 -7.75
CA VAL A 444 -9.37 19.34 -8.91
C VAL A 444 -10.77 18.76 -8.76
N TRP A 445 -11.78 19.61 -8.87
CA TRP A 445 -13.16 19.18 -8.81
C TRP A 445 -13.76 19.20 -10.21
N ILE A 446 -14.56 18.18 -10.52
CA ILE A 446 -15.23 18.08 -11.80
C ILE A 446 -16.73 18.11 -11.55
N ASN A 447 -17.39 19.15 -12.06
CA ASN A 447 -18.83 19.33 -11.91
C ASN A 447 -19.25 19.42 -10.44
N CYS A 448 -18.39 19.98 -9.60
CA CYS A 448 -18.72 20.20 -8.19
C CYS A 448 -17.78 21.26 -7.64
N TYR A 449 -18.15 21.77 -6.46
CA TYR A 449 -17.43 22.84 -5.77
C TYR A 449 -18.16 23.19 -4.47
N ASN A 450 -17.63 22.78 -3.32
CA ASN A 450 -16.36 22.07 -3.24
C ASN A 450 -16.46 20.88 -2.28
N ALA A 451 -16.34 19.68 -2.83
CA ALA A 451 -16.49 18.45 -2.04
C ALA A 451 -15.17 18.14 -1.33
N LEU A 452 -15.07 18.56 -0.08
CA LEU A 452 -14.00 18.13 0.82
C LEU A 452 -14.52 17.02 1.73
N ASN A 453 -13.60 16.19 2.21
CA ASN A 453 -13.99 15.04 3.01
C ASN A 453 -12.81 14.55 3.82
N ALA A 454 -13.13 13.78 4.87
CA ALA A 454 -12.09 13.23 5.73
C ALA A 454 -11.17 12.27 5.00
N GLN A 455 -11.63 11.71 3.87
CA GLN A 455 -10.89 10.67 3.18
C GLN A 455 -9.97 11.20 2.08
N SER A 456 -10.19 12.43 1.61
CA SER A 456 -9.47 12.89 0.42
C SER A 456 -8.31 13.79 0.80
N PRO A 457 -7.10 13.52 0.31
CA PRO A 457 -5.97 14.39 0.62
C PRO A 457 -6.18 15.79 0.07
N PHE A 458 -5.75 16.79 0.84
CA PHE A 458 -5.96 18.19 0.49
C PHE A 458 -4.65 18.94 0.67
N GLY A 459 -4.21 19.61 -0.39
CA GLY A 459 -3.00 20.41 -0.34
C GLY A 459 -2.93 21.35 -1.51
N GLY A 460 -1.73 21.77 -1.84
CA GLY A 460 -1.55 22.73 -2.93
C GLY A 460 -0.24 22.53 -3.65
N PHE A 461 -0.25 22.86 -4.94
CA PHE A 461 0.96 22.93 -5.74
C PHE A 461 1.66 24.27 -5.50
N LYS A 462 2.91 24.35 -5.96
CA LYS A 462 3.68 25.61 -6.03
C LYS A 462 3.68 26.28 -4.66
N MET A 463 3.37 27.57 -4.57
CA MET A 463 3.41 28.32 -3.32
C MET A 463 2.11 28.22 -2.53
N SER A 464 1.25 27.26 -2.85
CA SER A 464 0.01 27.06 -2.10
C SER A 464 0.19 26.15 -0.90
N GLY A 465 1.33 25.49 -0.75
CA GLY A 465 1.58 24.69 0.42
C GLY A 465 2.69 23.69 0.21
N ASN A 466 3.08 23.07 1.32
CA ASN A 466 4.05 21.98 1.34
C ASN A 466 3.42 20.81 2.07
N GLY A 467 3.20 19.71 1.36
CA GLY A 467 2.61 18.54 1.96
C GLY A 467 1.09 18.51 1.83
N ARG A 468 0.50 17.47 2.41
CA ARG A 468 -0.92 17.22 2.28
C ARG A 468 -1.55 17.02 3.66
N GLU A 469 -2.85 17.30 3.73
CA GLU A 469 -3.68 17.01 4.89
C GLU A 469 -4.83 16.12 4.46
N MET A 470 -5.54 15.58 5.46
CA MET A 470 -6.71 14.71 5.25
C MET A 470 -6.33 13.40 4.58
N GLY A 471 -7.20 12.40 4.67
CA GLY A 471 -6.94 11.09 4.09
C GLY A 471 -5.75 10.38 4.73
N GLU A 472 -5.34 9.30 4.07
CA GLU A 472 -4.17 8.56 4.53
C GLU A 472 -2.90 9.39 4.40
N PHE A 473 -2.81 10.19 3.33
CA PHE A 473 -1.58 10.93 3.06
C PHE A 473 -1.33 12.03 4.08
N GLY A 474 -2.36 12.46 4.82
CA GLY A 474 -2.13 13.36 5.94
C GLY A 474 -1.36 12.74 7.08
N LEU A 475 -1.37 11.41 7.19
CA LEU A 475 -0.64 10.73 8.24
C LEU A 475 0.87 10.77 8.00
N ARG A 476 1.29 10.80 6.73
CA ARG A 476 2.71 10.77 6.40
C ARG A 476 3.45 12.01 6.90
N GLU A 477 2.75 13.13 7.10
CA GLU A 477 3.38 14.32 7.64
C GLU A 477 3.75 14.18 9.11
N TYR A 478 3.13 13.23 9.82
CA TYR A 478 3.28 13.14 11.27
C TYR A 478 3.97 11.86 11.71
N SER A 479 4.55 11.09 10.81
CA SER A 479 5.30 9.90 11.15
C SER A 479 6.72 10.00 10.58
N GLU A 480 7.65 9.33 11.23
CA GLU A 480 9.01 9.21 10.73
C GLU A 480 9.37 7.74 10.61
N VAL A 481 10.12 7.42 9.56
CA VAL A 481 10.41 6.04 9.19
C VAL A 481 11.77 5.66 9.77
N LYS A 482 11.79 4.57 10.55
CA LYS A 482 13.02 3.98 11.06
C LYS A 482 13.20 2.63 10.39
N THR A 483 14.34 2.44 9.73
CA THR A 483 14.66 1.20 9.05
C THR A 483 15.55 0.34 9.93
N VAL A 484 15.18 -0.92 10.10
CA VAL A 484 15.94 -1.87 10.90
C VAL A 484 16.38 -3.02 10.00
N THR A 485 17.69 -3.28 9.98
CA THR A 485 18.28 -4.32 9.16
C THR A 485 19.03 -5.29 10.05
N VAL A 486 18.64 -6.56 10.01
CA VAL A 486 19.22 -7.61 10.85
C VAL A 486 20.00 -8.56 9.98
N LYS A 487 21.22 -8.88 10.40
CA LYS A 487 22.02 -9.91 9.73
C LYS A 487 21.49 -11.28 10.12
N ILE A 488 21.22 -12.12 9.13
CA ILE A 488 20.63 -13.44 9.36
C ILE A 488 21.53 -14.49 8.73
N PRO A 489 21.46 -15.73 9.23
CA PRO A 489 22.40 -16.77 8.74
C PRO A 489 22.30 -17.07 7.26
N GLN A 490 21.10 -17.38 6.75
CA GLN A 490 20.98 -17.94 5.40
C GLN A 490 20.09 -17.13 4.48
N LYS A 491 18.91 -16.70 4.94
CA LYS A 491 17.86 -16.11 4.12
C LYS A 491 17.36 -17.06 3.03
N ASN A 492 16.06 -17.32 3.03
CA ASN A 492 15.43 -18.12 1.98
C ASN A 492 14.27 -17.31 1.42
N SER A 493 14.46 -16.78 0.21
CA SER A 493 13.44 -15.97 -0.44
C SER A 493 12.23 -16.81 -0.82
N PRO B 2 40.03 -7.34 -11.96
CA PRO B 2 40.01 -6.20 -12.88
C PRO B 2 41.13 -5.22 -12.61
N SER B 3 41.41 -4.40 -13.63
CA SER B 3 42.54 -3.47 -13.58
C SER B 3 42.06 -2.03 -13.76
N PRO B 4 42.68 -1.07 -13.09
CA PRO B 4 42.44 0.34 -13.42
C PRO B 4 42.91 0.63 -14.84
N THR B 5 42.05 1.28 -15.61
CA THR B 5 42.40 1.61 -16.99
C THR B 5 43.61 2.53 -17.00
N PRO B 6 44.65 2.22 -17.78
CA PRO B 6 45.96 2.89 -17.61
C PRO B 6 45.94 4.39 -17.85
N ASN B 7 46.29 4.82 -19.07
CA ASN B 7 46.39 6.24 -19.40
C ASN B 7 44.99 6.80 -19.59
N LEU B 8 44.35 7.10 -18.46
CA LEU B 8 42.96 7.57 -18.47
C LEU B 8 42.93 9.04 -18.84
N GLU B 9 42.53 9.33 -20.08
CA GLU B 9 42.15 10.67 -20.44
C GLU B 9 40.88 11.06 -19.70
N ILE B 10 40.79 12.34 -19.33
CA ILE B 10 39.57 12.90 -18.78
C ILE B 10 38.93 13.70 -19.90
N LYS B 11 38.00 13.07 -20.58
CA LYS B 11 37.44 13.60 -21.82
C LYS B 11 36.39 14.66 -21.57
N TYR B 12 35.64 14.56 -20.47
CA TYR B 12 34.48 15.40 -20.21
C TYR B 12 34.78 16.31 -19.03
N THR B 13 34.95 17.61 -19.32
CA THR B 13 35.23 18.61 -18.30
C THR B 13 34.34 19.83 -18.42
N LYS B 14 33.36 19.83 -19.32
CA LYS B 14 32.52 20.99 -19.57
C LYS B 14 31.16 20.82 -18.88
N ILE B 15 30.37 21.89 -18.96
CA ILE B 15 29.04 21.91 -18.35
C ILE B 15 28.06 21.18 -19.26
N PHE B 16 27.17 20.41 -18.65
CA PHE B 16 26.18 19.60 -19.36
C PHE B 16 24.81 20.24 -19.21
N ILE B 17 24.36 20.92 -20.27
CA ILE B 17 23.03 21.52 -20.32
C ILE B 17 22.38 21.16 -21.64
N ASN B 18 21.13 20.68 -21.58
CA ASN B 18 20.35 20.35 -22.79
C ASN B 18 21.07 19.33 -23.65
N ASN B 19 21.69 18.34 -23.01
CA ASN B 19 22.44 17.26 -23.67
C ASN B 19 23.62 17.79 -24.47
N GLU B 20 24.06 19.01 -24.20
CA GLU B 20 25.19 19.61 -24.91
C GLU B 20 26.27 20.03 -23.93
N TRP B 21 27.51 19.95 -24.39
CA TRP B 21 28.67 20.39 -23.62
C TRP B 21 28.92 21.86 -23.90
N GLN B 22 28.93 22.69 -22.84
CA GLN B 22 29.02 24.13 -22.98
C GLN B 22 30.06 24.68 -22.02
N ASN B 23 30.73 25.74 -22.48
CA ASN B 23 31.66 26.47 -21.62
C ASN B 23 30.89 27.29 -20.58
N SER B 24 31.61 27.71 -19.55
CA SER B 24 31.01 28.56 -18.53
C SER B 24 30.71 29.94 -19.09
N GLU B 25 29.64 30.55 -18.58
CA GLU B 25 29.22 31.85 -19.08
C GLU B 25 30.28 32.92 -18.82
N SER B 26 30.93 32.85 -17.66
CA SER B 26 31.98 33.82 -17.33
C SER B 26 33.29 33.52 -18.02
N GLY B 27 33.51 32.27 -18.42
CA GLY B 27 34.77 31.84 -18.98
C GLY B 27 35.72 31.21 -18.00
N ARG B 28 35.44 31.31 -16.70
CA ARG B 28 36.32 30.75 -15.68
C ARG B 28 36.29 29.22 -15.72
N VAL B 29 37.38 28.62 -15.25
CA VAL B 29 37.45 27.19 -14.97
C VAL B 29 38.00 27.04 -13.54
N PHE B 30 37.97 25.82 -13.05
CA PHE B 30 38.47 25.54 -11.71
C PHE B 30 39.19 24.20 -11.70
N PRO B 31 40.20 24.03 -10.84
CA PRO B 31 41.03 22.82 -10.88
C PRO B 31 40.45 21.65 -10.11
N VAL B 32 40.63 20.46 -10.68
CA VAL B 32 40.33 19.19 -10.03
C VAL B 32 41.66 18.55 -9.63
N TYR B 33 41.71 18.00 -8.42
CA TYR B 33 42.96 17.54 -7.83
C TYR B 33 42.92 16.05 -7.52
N ASN B 34 44.09 15.43 -7.57
CA ASN B 34 44.26 14.04 -7.17
C ASN B 34 44.67 14.03 -5.71
N PRO B 35 43.86 13.50 -4.79
CA PRO B 35 44.22 13.55 -3.36
C PRO B 35 45.34 12.61 -2.98
N ALA B 36 45.74 11.69 -3.86
CA ALA B 36 46.79 10.74 -3.53
C ALA B 36 48.19 11.28 -3.78
N THR B 37 48.31 12.42 -4.48
CA THR B 37 49.62 13.02 -4.73
C THR B 37 49.57 14.51 -4.40
N GLY B 38 48.57 15.20 -4.93
CA GLY B 38 48.49 16.64 -4.86
C GLY B 38 48.56 17.31 -6.23
N GLU B 39 48.83 16.56 -7.28
CA GLU B 39 48.93 17.12 -8.63
C GLU B 39 47.55 17.40 -9.20
N GLN B 40 47.43 18.51 -9.92
CA GLN B 40 46.17 18.88 -10.54
C GLN B 40 45.85 17.92 -11.68
N VAL B 41 44.62 17.41 -11.70
CA VAL B 41 44.27 16.41 -12.70
C VAL B 41 43.88 17.06 -14.02
N CYS B 42 43.02 18.07 -13.95
CA CYS B 42 42.51 18.81 -15.10
C CYS B 42 41.85 20.07 -14.56
N GLU B 43 41.22 20.83 -15.44
CA GLU B 43 40.40 21.98 -15.09
C GLU B 43 39.03 21.83 -15.71
N VAL B 44 38.00 22.16 -14.95
CA VAL B 44 36.62 21.94 -15.33
C VAL B 44 35.91 23.29 -15.41
N GLN B 45 35.04 23.47 -16.39
CA GLN B 45 34.27 24.70 -16.49
C GLN B 45 33.51 24.94 -15.19
N GLU B 46 33.58 26.16 -14.68
CA GLU B 46 32.98 26.52 -13.40
C GLU B 46 31.61 27.15 -13.64
N ALA B 47 30.56 26.48 -13.21
CA ALA B 47 29.22 27.03 -13.31
C ALA B 47 29.00 28.09 -12.23
N ASP B 48 28.29 29.16 -12.60
CA ASP B 48 27.83 30.13 -11.63
C ASP B 48 26.34 30.35 -11.82
N LYS B 49 25.81 31.44 -11.25
CA LYS B 49 24.37 31.68 -11.29
C LYS B 49 23.85 31.74 -12.72
N ALA B 50 24.59 32.40 -13.62
CA ALA B 50 24.14 32.53 -15.00
C ALA B 50 24.04 31.17 -15.68
N ASP B 51 24.95 30.25 -15.35
CA ASP B 51 24.89 28.91 -15.90
C ASP B 51 23.72 28.13 -15.33
N ILE B 52 23.42 28.34 -14.05
CA ILE B 52 22.27 27.67 -13.42
C ILE B 52 20.97 28.12 -14.09
N ASP B 53 20.87 29.42 -14.40
CA ASP B 53 19.67 29.94 -15.03
C ASP B 53 19.43 29.30 -16.39
N LYS B 54 20.49 28.96 -17.13
CA LYS B 54 20.33 28.26 -18.39
C LYS B 54 19.89 26.82 -18.17
N ALA B 55 20.47 26.16 -17.16
CA ALA B 55 20.11 24.77 -16.87
C ALA B 55 18.66 24.65 -16.42
N VAL B 56 18.20 25.63 -15.64
CA VAL B 56 16.81 25.61 -15.17
C VAL B 56 15.85 25.84 -16.33
N GLN B 57 16.20 26.77 -17.23
CA GLN B 57 15.36 27.00 -18.40
C GLN B 57 15.29 25.77 -19.29
N ALA B 58 16.41 25.04 -19.40
CA ALA B 58 16.41 23.81 -20.19
C ALA B 58 15.60 22.71 -19.50
N ALA B 59 15.72 22.60 -18.17
CA ALA B 59 14.97 21.60 -17.45
C ALA B 59 13.48 21.91 -17.45
N ARG B 60 13.13 23.20 -17.38
CA ARG B 60 11.71 23.58 -17.41
C ARG B 60 11.10 23.26 -18.77
N LEU B 61 11.86 23.44 -19.86
CA LEU B 61 11.32 23.18 -21.19
C LEU B 61 11.09 21.69 -21.40
N ALA B 62 12.01 20.85 -20.93
CA ALA B 62 11.86 19.41 -21.08
C ALA B 62 10.74 18.85 -20.20
N PHE B 63 10.27 19.63 -19.24
CA PHE B 63 9.19 19.20 -18.36
C PHE B 63 7.83 19.77 -18.76
N SER B 64 7.79 20.68 -19.72
CA SER B 64 6.52 21.29 -20.12
C SER B 64 5.56 20.24 -20.65
N LEU B 65 4.27 20.54 -20.50
CA LEU B 65 3.23 19.61 -20.95
C LEU B 65 3.38 19.30 -22.43
N GLY B 66 3.22 18.03 -22.78
CA GLY B 66 3.34 17.61 -24.16
C GLY B 66 4.77 17.38 -24.63
N SER B 67 5.75 17.53 -23.76
CA SER B 67 7.13 17.31 -24.16
C SER B 67 7.41 15.81 -24.31
N VAL B 68 8.58 15.50 -24.85
CA VAL B 68 8.97 14.10 -25.04
C VAL B 68 9.05 13.38 -23.69
N TRP B 69 9.57 14.06 -22.67
CA TRP B 69 9.75 13.44 -21.37
C TRP B 69 8.43 13.26 -20.64
N ARG B 70 7.48 14.17 -20.84
CA ARG B 70 6.19 14.06 -20.15
C ARG B 70 5.29 13.00 -20.79
N ARG B 71 5.23 12.98 -22.12
CA ARG B 71 4.35 12.04 -22.81
C ARG B 71 4.89 10.61 -22.82
N MET B 72 6.16 10.43 -22.51
CA MET B 72 6.76 9.11 -22.55
C MET B 72 6.05 8.16 -21.59
N ASP B 73 5.83 6.93 -22.05
CA ASP B 73 5.26 5.90 -21.18
C ASP B 73 6.12 5.76 -19.93
N ALA B 74 5.45 5.56 -18.78
CA ALA B 74 6.19 5.37 -17.53
C ALA B 74 7.15 4.20 -17.63
N SER B 75 6.76 3.13 -18.33
CA SER B 75 7.64 1.98 -18.48
C SER B 75 8.87 2.32 -19.31
N GLU B 76 8.76 3.26 -20.26
CA GLU B 76 9.93 3.65 -21.04
C GLU B 76 10.85 4.56 -20.25
N ARG B 77 10.32 5.31 -19.28
CA ARG B 77 11.17 5.96 -18.30
C ARG B 77 12.08 4.96 -17.62
N GLY B 78 11.55 3.78 -17.28
CA GLY B 78 12.36 2.76 -16.66
C GLY B 78 13.36 2.13 -17.61
N ARG B 79 12.95 1.92 -18.87
CA ARG B 79 13.87 1.35 -19.85
C ARG B 79 15.10 2.23 -20.03
N LEU B 80 14.92 3.55 -19.96
CA LEU B 80 16.05 4.47 -20.05
C LEU B 80 16.96 4.32 -18.83
N LEU B 81 16.38 4.20 -17.64
CA LEU B 81 17.17 3.99 -16.44
C LEU B 81 17.91 2.65 -16.50
N ASP B 82 17.26 1.61 -17.01
CA ASP B 82 17.92 0.33 -17.16
C ASP B 82 19.04 0.39 -18.18
N LYS B 83 18.84 1.14 -19.27
CA LYS B 83 19.90 1.29 -20.26
C LYS B 83 21.07 2.08 -19.71
N LEU B 84 20.82 3.03 -18.80
CA LEU B 84 21.91 3.74 -18.14
C LEU B 84 22.73 2.79 -17.28
N ALA B 85 22.08 1.82 -16.65
CA ALA B 85 22.79 0.83 -15.87
C ALA B 85 23.67 -0.06 -16.76
N ASP B 86 23.18 -0.38 -17.96
CA ASP B 86 23.98 -1.19 -18.89
C ASP B 86 25.21 -0.43 -19.35
N LEU B 87 25.07 0.86 -19.63
CA LEU B 87 26.22 1.65 -20.07
C LEU B 87 27.23 1.81 -18.94
N VAL B 88 26.76 1.95 -17.70
CA VAL B 88 27.66 2.06 -16.56
C VAL B 88 28.42 0.75 -16.36
N GLU B 89 27.71 -0.38 -16.50
CA GLU B 89 28.36 -1.69 -16.39
C GLU B 89 29.41 -1.89 -17.48
N ARG B 90 29.15 -1.36 -18.68
CA ARG B 90 30.13 -1.47 -19.76
C ARG B 90 31.39 -0.65 -19.46
N ASP B 91 31.20 0.53 -18.86
CA ASP B 91 32.32 1.41 -18.51
C ASP B 91 32.62 1.38 -17.02
N ARG B 92 32.43 0.22 -16.39
CA ARG B 92 32.60 0.11 -14.95
C ARG B 92 34.06 0.32 -14.54
N ALA B 93 34.99 -0.14 -15.38
CA ALA B 93 36.42 0.02 -15.07
C ALA B 93 36.83 1.48 -15.20
N VAL B 94 36.41 2.14 -16.28
CA VAL B 94 36.74 3.55 -16.49
C VAL B 94 36.14 4.41 -15.39
N LEU B 95 34.89 4.13 -15.02
CA LEU B 95 34.23 4.92 -13.98
C LEU B 95 34.89 4.70 -12.61
N ALA B 96 35.23 3.44 -12.30
CA ALA B 96 35.89 3.16 -11.03
C ALA B 96 37.30 3.74 -11.00
N THR B 97 38.01 3.69 -12.12
CA THR B 97 39.32 4.33 -12.20
C THR B 97 39.22 5.83 -11.93
N MET B 98 38.22 6.47 -12.54
CA MET B 98 38.01 7.90 -12.31
C MET B 98 37.66 8.18 -10.86
N GLU B 99 36.98 7.26 -10.19
CA GLU B 99 36.61 7.46 -8.79
C GLU B 99 37.80 7.29 -7.86
N SER B 100 38.73 6.39 -8.20
CA SER B 100 39.97 6.29 -7.43
C SER B 100 40.85 7.51 -7.66
N LEU B 101 40.90 7.98 -8.90
CA LEU B 101 41.75 9.12 -9.25
C LEU B 101 41.24 10.40 -8.58
N ASN B 102 39.92 10.62 -8.61
CA ASN B 102 39.37 11.89 -8.15
C ASN B 102 39.16 11.90 -6.64
N GLY B 103 38.56 10.86 -6.09
CA GLY B 103 38.22 10.85 -4.68
C GLY B 103 39.21 10.14 -3.79
N GLY B 104 40.19 9.47 -4.40
CA GLY B 104 41.20 8.77 -3.63
C GLY B 104 40.72 7.49 -2.99
N LYS B 105 39.73 6.83 -3.58
CA LYS B 105 39.29 5.57 -3.00
C LYS B 105 40.06 4.40 -3.60
N PRO B 106 40.32 3.35 -2.83
CA PRO B 106 40.96 2.15 -3.39
C PRO B 106 40.17 1.63 -4.59
N PHE B 107 40.88 1.39 -5.69
CA PHE B 107 40.21 1.09 -6.95
C PHE B 107 39.36 -0.18 -6.84
N LEU B 108 39.87 -1.18 -6.12
CA LEU B 108 39.17 -2.47 -6.08
C LEU B 108 37.86 -2.40 -5.31
N GLN B 109 37.70 -1.45 -4.39
CA GLN B 109 36.41 -1.27 -3.75
C GLN B 109 35.56 -0.21 -4.43
N ALA B 110 36.16 0.68 -5.21
CA ALA B 110 35.36 1.51 -6.11
C ALA B 110 34.71 0.65 -7.18
N PHE B 111 35.39 -0.41 -7.61
CA PHE B 111 34.84 -1.31 -8.62
C PHE B 111 33.76 -2.20 -8.03
N TYR B 112 33.99 -2.74 -6.82
CA TYR B 112 33.14 -3.79 -6.28
C TYR B 112 32.12 -3.29 -5.26
N VAL B 113 32.24 -2.04 -4.78
CA VAL B 113 31.28 -1.51 -3.83
C VAL B 113 30.52 -0.35 -4.45
N ASP B 114 31.23 0.75 -4.71
CA ASP B 114 30.59 1.96 -5.23
C ASP B 114 29.89 1.69 -6.55
N LEU B 115 30.60 1.12 -7.52
CA LEU B 115 30.02 0.90 -8.84
C LEU B 115 28.91 -0.13 -8.81
N GLN B 116 28.97 -1.10 -7.90
CA GLN B 116 27.87 -2.04 -7.76
C GLN B 116 26.61 -1.34 -7.26
N GLY B 117 26.75 -0.50 -6.23
CA GLY B 117 25.61 0.25 -5.74
C GLY B 117 25.01 1.19 -6.78
N VAL B 118 25.85 1.74 -7.66
CA VAL B 118 25.35 2.58 -8.73
C VAL B 118 24.54 1.77 -9.73
N ILE B 119 25.09 0.62 -10.14
CA ILE B 119 24.39 -0.24 -11.11
C ILE B 119 23.07 -0.73 -10.52
N LYS B 120 23.11 -1.18 -9.26
CA LYS B 120 21.89 -1.70 -8.63
C LYS B 120 20.86 -0.61 -8.41
N THR B 121 21.29 0.62 -8.14
CA THR B 121 20.33 1.71 -7.92
C THR B 121 19.55 2.02 -9.19
N PHE B 122 20.25 2.11 -10.33
CA PHE B 122 19.58 2.37 -11.60
C PHE B 122 18.65 1.22 -11.96
N ARG B 123 19.10 -0.02 -11.73
CA ARG B 123 18.26 -1.17 -12.03
C ARG B 123 17.04 -1.22 -11.13
N TYR B 124 17.22 -0.91 -9.84
CA TYR B 124 16.10 -0.98 -8.91
C TYR B 124 15.03 0.05 -9.24
N TYR B 125 15.43 1.30 -9.45
CA TYR B 125 14.46 2.35 -9.73
C TYR B 125 13.93 2.29 -11.16
N ALA B 126 14.61 1.58 -12.06
CA ALA B 126 14.05 1.35 -13.39
C ALA B 126 12.76 0.56 -13.31
N GLY B 127 12.65 -0.36 -12.33
CA GLY B 127 11.44 -1.13 -12.17
C GLY B 127 10.30 -0.38 -11.49
N TRP B 128 10.60 0.70 -10.79
CA TRP B 128 9.58 1.44 -10.05
C TRP B 128 8.77 2.39 -10.93
N ALA B 129 9.28 2.76 -12.11
CA ALA B 129 8.71 3.85 -12.88
C ALA B 129 7.24 3.61 -13.20
N ASP B 130 6.91 2.43 -13.74
CA ASP B 130 5.54 2.11 -14.07
C ASP B 130 4.81 1.38 -12.95
N LYS B 131 5.24 1.57 -11.70
CA LYS B 131 4.58 0.97 -10.55
C LYS B 131 4.28 2.02 -9.47
N ILE B 132 4.37 3.30 -9.81
CA ILE B 132 4.01 4.38 -8.90
C ILE B 132 2.50 4.59 -9.01
N HIS B 133 1.77 4.21 -7.98
CA HIS B 133 0.32 4.19 -8.01
C HIS B 133 -0.26 5.29 -7.14
N GLY B 134 -1.35 5.90 -7.62
CA GLY B 134 -2.25 6.66 -6.78
C GLY B 134 -3.30 5.73 -6.21
N MET B 135 -4.38 6.32 -5.71
CA MET B 135 -5.44 5.53 -5.10
C MET B 135 -6.80 6.09 -5.47
N THR B 136 -7.81 5.22 -5.37
CA THR B 136 -9.21 5.61 -5.41
C THR B 136 -9.79 5.44 -4.02
N ILE B 137 -10.61 6.41 -3.59
CA ILE B 137 -10.95 6.59 -2.20
C ILE B 137 -12.47 6.50 -2.06
N PRO B 138 -12.99 5.66 -1.16
CA PRO B 138 -14.46 5.55 -0.92
C PRO B 138 -14.98 6.71 -0.08
N VAL B 139 -15.27 7.81 -0.77
CA VAL B 139 -15.52 9.09 -0.12
C VAL B 139 -17.01 9.23 0.17
N ASP B 140 -17.33 10.06 1.16
CA ASP B 140 -18.72 10.35 1.49
C ASP B 140 -19.38 11.13 0.36
N GLY B 141 -20.69 10.95 0.20
CA GLY B 141 -21.44 11.65 -0.80
C GLY B 141 -21.35 11.01 -2.18
N ASP B 142 -22.08 11.62 -3.12
CA ASP B 142 -22.15 11.13 -4.50
C ASP B 142 -20.95 11.64 -5.30
N TYR B 143 -19.78 11.08 -4.98
CA TYR B 143 -18.54 11.51 -5.61
C TYR B 143 -17.68 10.31 -5.95
N PHE B 144 -16.79 10.52 -6.92
CA PHE B 144 -15.75 9.57 -7.28
C PHE B 144 -14.42 10.29 -7.13
N THR B 145 -13.60 9.83 -6.19
CA THR B 145 -12.36 10.51 -5.81
C THR B 145 -11.17 9.60 -6.07
N PHE B 146 -10.16 10.13 -6.75
CA PHE B 146 -8.91 9.41 -6.98
C PHE B 146 -7.75 10.38 -6.91
N THR B 147 -6.55 9.83 -6.75
CA THR B 147 -5.32 10.62 -6.68
C THR B 147 -4.39 10.23 -7.81
N ARG B 148 -3.50 11.16 -8.16
CA ARG B 148 -2.41 10.90 -9.10
C ARG B 148 -1.10 11.34 -8.47
N HIS B 149 -0.08 10.49 -8.61
CA HIS B 149 1.26 10.80 -8.13
C HIS B 149 2.04 11.41 -9.29
N GLU B 150 1.93 12.72 -9.44
CA GLU B 150 2.59 13.45 -10.51
C GLU B 150 4.02 13.83 -10.11
N PRO B 151 4.91 14.00 -11.08
CA PRO B 151 6.24 14.53 -10.76
C PRO B 151 6.15 15.98 -10.32
N ILE B 152 7.09 16.37 -9.46
CA ILE B 152 7.07 17.73 -8.92
C ILE B 152 7.53 18.73 -9.96
N GLY B 153 8.56 18.39 -10.73
CA GLY B 153 9.05 19.28 -11.77
C GLY B 153 10.56 19.38 -11.81
N VAL B 154 11.08 20.59 -11.91
CA VAL B 154 12.52 20.81 -11.94
C VAL B 154 13.07 20.67 -10.52
N CYS B 155 14.01 19.75 -10.36
CA CYS B 155 14.60 19.44 -9.05
C CYS B 155 16.06 19.83 -9.04
N GLY B 156 16.45 20.64 -8.06
CA GLY B 156 17.84 20.97 -7.84
C GLY B 156 18.44 20.03 -6.82
N GLN B 157 19.60 19.46 -7.14
CA GLN B 157 20.21 18.44 -6.31
C GLN B 157 21.67 18.81 -6.04
N ILE B 158 22.07 18.77 -4.78
CA ILE B 158 23.40 19.15 -4.34
C ILE B 158 23.98 18.00 -3.51
N ILE B 159 25.16 17.53 -3.89
CA ILE B 159 25.72 16.31 -3.31
C ILE B 159 27.16 16.56 -2.87
N PRO B 160 27.67 15.82 -1.86
CA PRO B 160 29.04 16.03 -1.40
C PRO B 160 30.07 15.20 -2.16
N TRP B 161 31.23 14.97 -1.54
CA TRP B 161 32.38 14.41 -2.22
C TRP B 161 32.76 13.01 -1.78
N ASN B 162 32.19 12.49 -0.69
CA ASN B 162 32.66 11.24 -0.13
C ASN B 162 32.16 10.01 -0.88
N PHE B 163 31.11 10.16 -1.69
CA PHE B 163 30.64 9.07 -2.57
C PHE B 163 30.12 9.68 -3.85
N PRO B 164 31.01 10.26 -4.67
CA PRO B 164 30.55 11.11 -5.79
C PRO B 164 29.65 10.40 -6.78
N LEU B 165 30.08 9.25 -7.30
CA LEU B 165 29.25 8.54 -8.28
C LEU B 165 28.01 7.95 -7.62
N LEU B 166 28.16 7.41 -6.40
CA LEU B 166 27.03 6.76 -5.73
C LEU B 166 25.94 7.77 -5.39
N MET B 167 26.32 8.91 -4.80
CA MET B 167 25.32 9.91 -4.46
C MET B 167 24.68 10.49 -5.71
N PHE B 168 25.43 10.57 -6.81
CA PHE B 168 24.84 11.00 -8.08
C PHE B 168 23.71 10.06 -8.50
N ALA B 169 23.93 8.75 -8.38
CA ALA B 169 22.89 7.80 -8.72
C ALA B 169 21.73 7.86 -7.73
N TRP B 170 22.05 7.96 -6.43
CA TRP B 170 21.01 8.01 -5.41
C TRP B 170 20.07 9.20 -5.57
N LYS B 171 20.51 10.25 -6.26
CA LYS B 171 19.71 11.46 -6.43
C LYS B 171 18.90 11.48 -7.72
N ILE B 172 19.52 11.15 -8.85
CA ILE B 172 18.81 11.27 -10.12
C ILE B 172 17.91 10.07 -10.38
N ALA B 173 18.26 8.89 -9.86
CA ALA B 173 17.46 7.69 -10.17
C ALA B 173 16.03 7.80 -9.66
N PRO B 174 15.76 8.11 -8.38
CA PRO B 174 14.36 8.28 -7.98
C PRO B 174 13.71 9.50 -8.60
N ALA B 175 14.48 10.57 -8.84
CA ALA B 175 13.91 11.77 -9.44
C ALA B 175 13.43 11.51 -10.87
N LEU B 176 14.28 10.88 -11.68
CA LEU B 176 13.86 10.54 -13.05
C LEU B 176 12.82 9.44 -13.05
N CYS B 177 12.86 8.53 -12.07
CA CYS B 177 11.88 7.47 -11.98
C CYS B 177 10.46 8.04 -11.88
N CYS B 178 10.31 9.14 -11.14
CA CYS B 178 9.01 9.79 -11.00
C CYS B 178 8.70 10.72 -12.15
N GLY B 179 9.65 10.99 -13.04
CA GLY B 179 9.39 11.82 -14.20
C GLY B 179 9.80 13.26 -14.06
N ASN B 180 10.69 13.59 -13.13
CA ASN B 180 11.15 14.96 -12.96
C ASN B 180 12.27 15.27 -13.95
N THR B 181 12.63 16.55 -13.99
CA THR B 181 13.85 17.02 -14.64
C THR B 181 14.80 17.54 -13.57
N VAL B 182 16.10 17.43 -13.83
CA VAL B 182 17.10 17.55 -12.79
C VAL B 182 18.16 18.57 -13.18
N VAL B 183 18.51 19.44 -12.25
CA VAL B 183 19.72 20.25 -12.30
C VAL B 183 20.54 19.86 -11.07
N ILE B 184 21.64 19.16 -11.29
CA ILE B 184 22.43 18.57 -10.20
C ILE B 184 23.83 19.17 -10.22
N LYS B 185 24.33 19.52 -9.03
CA LYS B 185 25.64 20.14 -8.87
C LYS B 185 26.52 19.26 -8.01
N PRO B 186 27.48 18.53 -8.59
CA PRO B 186 28.37 17.71 -7.78
C PRO B 186 29.35 18.56 -6.99
N ALA B 187 29.99 17.93 -6.01
CA ALA B 187 30.98 18.63 -5.20
C ALA B 187 32.13 19.10 -6.07
N GLU B 188 32.65 20.29 -5.76
CA GLU B 188 33.73 20.87 -6.55
C GLU B 188 34.99 20.01 -6.53
N GLN B 189 35.16 19.17 -5.50
CA GLN B 189 36.34 18.33 -5.41
C GLN B 189 36.28 17.14 -6.37
N THR B 190 35.09 16.61 -6.63
CA THR B 190 34.93 15.35 -7.38
C THR B 190 33.79 15.47 -8.38
N PRO B 191 33.99 16.26 -9.45
CA PRO B 191 32.94 16.39 -10.47
C PRO B 191 33.11 15.46 -11.67
N LEU B 192 34.21 14.72 -11.76
CA LEU B 192 34.58 14.07 -13.02
C LEU B 192 33.64 12.92 -13.35
N SER B 193 33.40 12.02 -12.38
CA SER B 193 32.53 10.87 -12.65
C SER B 193 31.12 11.33 -12.99
N ALA B 194 30.64 12.39 -12.35
CA ALA B 194 29.34 12.94 -12.68
C ALA B 194 29.31 13.45 -14.12
N LEU B 195 30.38 14.11 -14.55
CA LEU B 195 30.44 14.61 -15.92
C LEU B 195 30.55 13.46 -16.92
N TYR B 196 31.27 12.40 -16.57
CA TYR B 196 31.28 11.22 -17.43
C TYR B 196 29.89 10.59 -17.53
N MET B 197 29.13 10.66 -16.44
CA MET B 197 27.75 10.19 -16.48
C MET B 197 26.92 10.98 -17.49
N GLY B 198 27.29 12.24 -17.73
CA GLY B 198 26.58 13.04 -18.72
C GLY B 198 26.66 12.44 -20.11
N ALA B 199 27.84 11.93 -20.49
CA ALA B 199 27.96 11.27 -21.78
C ALA B 199 27.18 9.97 -21.83
N LEU B 200 27.16 9.23 -20.72
CA LEU B 200 26.35 8.01 -20.67
C LEU B 200 24.86 8.33 -20.73
N ILE B 201 24.43 9.40 -20.07
CA ILE B 201 23.03 9.82 -20.11
C ILE B 201 22.63 10.15 -21.54
N LYS B 202 23.49 10.91 -22.24
CA LYS B 202 23.21 11.25 -23.64
C LYS B 202 23.22 10.01 -24.51
N GLU B 203 24.15 9.09 -24.26
CA GLU B 203 24.20 7.84 -25.03
C GLU B 203 23.00 6.96 -24.74
N ALA B 204 22.47 7.00 -23.52
CA ALA B 204 21.34 6.16 -23.16
C ALA B 204 20.08 6.54 -23.94
N GLY B 205 19.92 7.82 -24.26
CA GLY B 205 18.78 8.26 -25.04
C GLY B 205 17.88 9.22 -24.29
N PHE B 206 18.35 9.75 -23.18
CA PHE B 206 17.55 10.68 -22.39
C PHE B 206 17.29 11.95 -23.20
N PRO B 207 16.08 12.50 -23.14
CA PRO B 207 15.78 13.70 -23.92
C PRO B 207 16.60 14.89 -23.44
N PRO B 208 16.83 15.88 -24.31
CA PRO B 208 17.65 17.03 -23.91
C PRO B 208 16.99 17.83 -22.81
N GLY B 209 17.77 18.18 -21.79
CA GLY B 209 17.29 18.99 -20.68
C GLY B 209 16.76 18.22 -19.49
N VAL B 210 16.62 16.90 -19.60
CA VAL B 210 16.06 16.12 -18.50
C VAL B 210 17.06 16.05 -17.34
N ILE B 211 18.35 15.89 -17.65
CA ILE B 211 19.41 15.91 -16.66
C ILE B 211 20.43 16.95 -17.08
N ASN B 212 20.77 17.86 -16.16
CA ASN B 212 21.75 18.90 -16.41
C ASN B 212 22.76 18.89 -15.27
N ILE B 213 24.04 18.75 -15.62
CA ILE B 213 25.13 18.60 -14.65
C ILE B 213 25.97 19.86 -14.69
N LEU B 214 26.06 20.55 -13.55
CA LEU B 214 26.74 21.84 -13.47
C LEU B 214 27.79 21.80 -12.36
N PRO B 215 29.04 21.56 -12.71
CA PRO B 215 30.11 21.57 -11.70
C PRO B 215 30.48 22.99 -11.30
N GLY B 216 30.72 23.17 -10.01
CA GLY B 216 31.06 24.49 -9.51
C GLY B 216 31.19 24.47 -7.99
N TYR B 217 31.24 25.67 -7.44
CA TYR B 217 31.43 25.85 -6.01
C TYR B 217 30.08 26.01 -5.30
N GLY B 218 30.12 25.87 -3.98
CA GLY B 218 28.93 25.90 -3.16
C GLY B 218 28.23 27.25 -3.13
N PRO B 219 28.87 28.25 -2.54
CA PRO B 219 28.20 29.56 -2.39
C PRO B 219 27.83 30.21 -3.71
N THR B 220 28.36 29.74 -4.83
CA THR B 220 28.03 30.33 -6.12
C THR B 220 26.95 29.51 -6.84
N ALA B 221 27.32 28.34 -7.35
CA ALA B 221 26.38 27.54 -8.13
C ALA B 221 25.33 26.89 -7.23
N GLY B 222 25.73 26.45 -6.04
CA GLY B 222 24.78 25.80 -5.15
C GLY B 222 23.76 26.77 -4.58
N ALA B 223 24.22 27.93 -4.13
CA ALA B 223 23.30 28.93 -3.60
C ALA B 223 22.39 29.48 -4.69
N ALA B 224 22.86 29.48 -5.95
CA ALA B 224 21.98 29.84 -7.05
C ALA B 224 20.85 28.83 -7.22
N ILE B 225 21.15 27.55 -6.98
CA ILE B 225 20.11 26.52 -7.04
C ILE B 225 19.14 26.68 -5.89
N ALA B 226 19.63 27.04 -4.70
CA ALA B 226 18.80 27.04 -3.51
C ALA B 226 17.73 28.13 -3.56
N SER B 227 18.07 29.31 -4.10
CA SER B 227 17.16 30.44 -4.11
C SER B 227 16.52 30.68 -5.47
N HIS B 228 16.74 29.79 -6.44
CA HIS B 228 16.16 29.96 -7.76
C HIS B 228 14.65 29.83 -7.71
N ILE B 229 13.95 30.82 -8.28
CA ILE B 229 12.49 30.83 -8.22
C ILE B 229 11.84 29.83 -9.16
N GLY B 230 12.60 29.28 -10.11
CA GLY B 230 12.09 28.33 -11.08
C GLY B 230 12.34 26.88 -10.76
N ILE B 231 12.91 26.58 -9.59
CA ILE B 231 13.14 25.20 -9.16
C ILE B 231 12.08 24.84 -8.14
N ASP B 232 11.36 23.75 -8.40
CA ASP B 232 10.23 23.37 -7.55
C ASP B 232 10.65 22.64 -6.28
N LYS B 233 11.83 22.03 -6.28
CA LYS B 233 12.23 21.17 -5.18
C LYS B 233 13.75 21.05 -5.14
N ILE B 234 14.31 21.06 -3.94
CA ILE B 234 15.75 20.93 -3.75
C ILE B 234 16.03 19.73 -2.85
N ALA B 235 17.01 18.92 -3.24
CA ALA B 235 17.49 17.81 -2.45
C ALA B 235 18.95 18.05 -2.13
N PHE B 236 19.27 18.22 -0.85
CA PHE B 236 20.62 18.55 -0.41
C PHE B 236 21.14 17.45 0.49
N THR B 237 22.37 17.02 0.23
CA THR B 237 23.10 16.09 1.10
C THR B 237 24.43 16.73 1.44
N GLY B 238 24.63 17.03 2.72
CA GLY B 238 25.86 17.68 3.14
C GLY B 238 25.90 18.03 4.62
N SER B 239 26.66 19.05 4.96
CA SER B 239 26.82 19.43 6.36
C SER B 239 25.54 20.04 6.90
N THR B 240 25.44 20.04 8.24
CA THR B 240 24.24 20.57 8.90
C THR B 240 24.11 22.08 8.68
N GLU B 241 25.21 22.81 8.79
CA GLU B 241 25.16 24.27 8.74
C GLU B 241 24.76 24.76 7.36
N VAL B 242 25.33 24.18 6.30
CA VAL B 242 24.87 24.51 4.95
C VAL B 242 23.43 24.08 4.75
N GLY B 243 23.02 23.01 5.43
CA GLY B 243 21.63 22.59 5.35
C GLY B 243 20.67 23.63 5.92
N LYS B 244 21.05 24.26 7.03
CA LYS B 244 20.24 25.34 7.58
C LYS B 244 20.12 26.49 6.59
N LEU B 245 21.21 26.81 5.88
CA LEU B 245 21.14 27.83 4.84
C LEU B 245 20.23 27.41 3.71
N ILE B 246 20.27 26.12 3.35
CA ILE B 246 19.42 25.62 2.27
C ILE B 246 17.94 25.78 2.63
N GLN B 247 17.60 25.42 3.87
CA GLN B 247 16.21 25.54 4.31
C GLN B 247 15.76 26.99 4.35
N GLU B 248 16.64 27.90 4.79
CA GLU B 248 16.30 29.31 4.84
C GLU B 248 16.08 29.87 3.44
N ALA B 249 16.91 29.45 2.48
CA ALA B 249 16.79 29.95 1.12
C ALA B 249 15.47 29.55 0.48
N ALA B 250 14.95 28.37 0.82
CA ALA B 250 13.68 27.93 0.26
C ALA B 250 12.53 28.82 0.72
N GLY B 251 12.39 29.00 2.03
CA GLY B 251 11.35 29.86 2.55
C GLY B 251 11.49 31.30 2.10
N ARG B 252 12.72 31.77 1.93
CA ARG B 252 12.93 33.14 1.49
C ARG B 252 12.51 33.33 0.04
N SER B 253 12.76 32.33 -0.82
CA SER B 253 12.49 32.46 -2.24
C SER B 253 11.06 32.05 -2.59
N ASN B 254 10.89 30.86 -3.14
CA ASN B 254 9.61 30.42 -3.68
C ASN B 254 8.99 29.26 -2.90
N LEU B 255 9.44 29.05 -1.66
CA LEU B 255 8.90 28.00 -0.79
C LEU B 255 9.00 26.63 -1.44
N LYS B 256 10.11 26.37 -2.12
CA LYS B 256 10.32 25.09 -2.76
C LYS B 256 10.41 23.98 -1.71
N ARG B 257 9.95 22.78 -2.10
CA ARG B 257 10.02 21.64 -1.20
C ARG B 257 11.47 21.22 -0.98
N VAL B 258 11.75 20.75 0.23
CA VAL B 258 13.13 20.59 0.71
C VAL B 258 13.29 19.24 1.40
N THR B 259 14.40 18.58 1.14
CA THR B 259 14.85 17.43 1.92
C THR B 259 16.34 17.57 2.17
N LEU B 260 16.76 17.25 3.40
CA LEU B 260 18.15 17.43 3.82
C LEU B 260 18.67 16.13 4.40
N GLU B 261 19.74 15.60 3.83
CA GLU B 261 20.49 14.47 4.39
C GLU B 261 21.76 15.03 5.00
N LEU B 262 21.87 14.97 6.33
CA LEU B 262 22.89 15.74 7.04
C LEU B 262 23.86 14.90 7.86
N GLY B 263 23.59 13.63 8.11
CA GLY B 263 24.50 12.78 8.87
C GLY B 263 24.66 13.22 10.32
N GLY B 264 25.48 12.48 11.05
CA GLY B 264 25.70 12.81 12.43
C GLY B 264 26.67 11.86 13.11
N LYS B 265 26.81 12.05 14.41
CA LYS B 265 27.68 11.25 15.27
C LYS B 265 26.90 10.03 15.72
N SER B 266 26.95 8.97 14.92
CA SER B 266 26.09 7.78 15.06
C SER B 266 26.78 6.73 15.93
N PRO B 267 26.09 6.18 16.92
CA PRO B 267 26.73 5.26 17.87
C PRO B 267 26.86 3.84 17.34
N ASN B 268 27.65 3.04 18.06
CA ASN B 268 27.86 1.63 17.72
C ASN B 268 27.98 0.87 19.03
N ILE B 269 27.03 -0.03 19.30
CA ILE B 269 26.85 -0.64 20.61
C ILE B 269 27.25 -2.11 20.53
N ILE B 270 28.40 -2.44 21.11
CA ILE B 270 28.81 -3.84 21.23
C ILE B 270 28.47 -4.33 22.63
N PHE B 271 27.83 -5.49 22.70
CA PHE B 271 27.46 -6.12 23.97
C PHE B 271 28.36 -7.35 24.19
N ALA B 272 28.32 -7.84 25.43
CA ALA B 272 29.16 -8.98 25.80
C ALA B 272 28.77 -10.24 25.04
N ASP B 273 27.49 -10.35 24.66
CA ASP B 273 27.02 -11.57 23.99
C ASP B 273 27.64 -11.74 22.61
N ALA B 274 28.07 -10.64 21.97
CA ALA B 274 28.48 -10.69 20.58
C ALA B 274 29.75 -11.53 20.40
N ASP B 275 29.93 -12.01 19.18
CA ASP B 275 31.17 -12.67 18.77
C ASP B 275 32.22 -11.59 18.56
N LEU B 276 33.27 -11.61 19.40
CA LEU B 276 34.23 -10.51 19.39
C LEU B 276 35.00 -10.45 18.08
N ASP B 277 35.36 -11.60 17.51
CA ASP B 277 36.06 -11.60 16.23
C ASP B 277 35.23 -10.90 15.15
N TYR B 278 33.91 -11.09 15.18
CA TYR B 278 33.05 -10.44 14.20
C TYR B 278 32.78 -8.99 14.56
N ALA B 279 32.55 -8.70 15.84
CA ALA B 279 32.22 -7.34 16.24
C ALA B 279 33.40 -6.38 16.04
N VAL B 280 34.63 -6.88 16.26
CA VAL B 280 35.80 -6.04 16.09
C VAL B 280 35.95 -5.62 14.63
N GLU B 281 35.83 -6.60 13.72
CA GLU B 281 36.01 -6.31 12.30
C GLU B 281 34.90 -5.41 11.76
N GLN B 282 33.68 -5.56 12.25
CA GLN B 282 32.57 -4.77 11.74
C GLN B 282 32.60 -3.34 12.28
N ALA B 283 32.83 -3.19 13.59
CA ALA B 283 33.02 -1.86 14.15
C ALA B 283 34.26 -1.19 13.60
N HIS B 284 35.25 -1.97 13.16
CA HIS B 284 36.40 -1.40 12.46
C HIS B 284 36.01 -0.86 11.10
N GLN B 285 35.37 -1.69 10.27
CA GLN B 285 34.89 -1.22 8.98
C GLN B 285 33.82 -0.16 9.14
N GLY B 286 33.05 -0.22 10.23
CA GLY B 286 31.99 0.75 10.44
C GLY B 286 32.47 2.17 10.66
N VAL B 287 33.77 2.35 10.92
CA VAL B 287 34.30 3.67 11.20
C VAL B 287 35.44 4.01 10.25
N PHE B 288 36.14 2.98 9.75
CA PHE B 288 37.30 3.19 8.91
C PHE B 288 37.01 3.16 7.42
N PHE B 289 35.87 2.59 7.00
CA PHE B 289 35.59 2.42 5.59
C PHE B 289 35.50 3.77 4.89
N ASN B 290 35.92 3.78 3.62
CA ASN B 290 35.98 4.98 2.80
C ASN B 290 36.82 6.07 3.48
N GLN B 291 37.96 5.64 4.05
CA GLN B 291 38.87 6.54 4.75
C GLN B 291 38.18 7.28 5.90
N GLY B 292 37.18 6.64 6.51
CA GLY B 292 36.44 7.22 7.61
C GLY B 292 35.53 8.37 7.25
N GLN B 293 35.42 8.71 5.97
CA GLN B 293 34.61 9.87 5.54
C GLN B 293 33.16 9.45 5.29
N CYS B 294 32.54 8.92 6.33
CA CYS B 294 31.15 8.51 6.29
C CYS B 294 30.41 9.14 7.47
N CYS B 295 29.10 9.32 7.31
CA CYS B 295 28.26 9.79 8.39
C CYS B 295 27.66 8.62 9.16
N THR B 296 27.37 7.53 8.45
CA THR B 296 27.12 6.26 9.11
C THR B 296 28.29 5.82 9.95
N ALA B 297 29.46 6.47 9.81
CA ALA B 297 30.68 6.06 10.49
C ALA B 297 30.42 5.80 11.98
N GLY B 298 31.04 4.73 12.48
CA GLY B 298 30.82 4.34 13.87
C GLY B 298 31.23 5.41 14.85
N SER B 299 32.41 6.02 14.63
CA SER B 299 32.96 7.01 15.55
C SER B 299 32.91 6.49 16.97
N ARG B 300 31.80 6.73 17.66
CA ARG B 300 31.60 6.17 18.99
C ARG B 300 31.42 4.66 18.90
N ILE B 301 32.08 3.93 19.80
CA ILE B 301 31.93 2.48 19.89
C ILE B 301 31.77 2.07 21.35
N PHE B 302 30.52 2.03 21.82
CA PHE B 302 30.25 1.63 23.19
C PHE B 302 30.48 0.12 23.34
N VAL B 303 31.37 -0.27 24.24
CA VAL B 303 31.67 -1.66 24.52
C VAL B 303 31.33 -1.94 25.98
N GLU B 304 30.75 -3.11 26.23
CA GLU B 304 30.36 -3.48 27.58
C GLU B 304 31.58 -3.62 28.48
N GLU B 305 31.35 -3.53 29.79
CA GLU B 305 32.42 -3.57 30.76
C GLU B 305 33.35 -4.76 30.54
N SER B 306 32.78 -5.96 30.44
CA SER B 306 33.56 -7.19 30.52
C SER B 306 34.41 -7.45 29.29
N ILE B 307 34.22 -6.71 28.19
CA ILE B 307 34.94 -6.96 26.95
C ILE B 307 35.69 -5.73 26.46
N TYR B 308 35.77 -4.68 27.27
CA TYR B 308 36.37 -3.43 26.81
C TYR B 308 37.85 -3.59 26.51
N GLU B 309 38.58 -4.32 27.35
CA GLU B 309 40.03 -4.39 27.23
C GLU B 309 40.45 -5.12 25.96
N GLU B 310 40.04 -6.38 25.82
CA GLU B 310 40.44 -7.16 24.66
C GLU B 310 39.83 -6.63 23.36
N PHE B 311 38.73 -5.90 23.44
CA PHE B 311 38.21 -5.23 22.25
C PHE B 311 39.19 -4.19 21.74
N VAL B 312 39.65 -3.30 22.63
CA VAL B 312 40.69 -2.36 22.24
C VAL B 312 41.93 -3.12 21.78
N ARG B 313 42.29 -4.20 22.48
CA ARG B 313 43.46 -4.99 22.10
C ARG B 313 43.34 -5.52 20.68
N ARG B 314 42.16 -6.04 20.31
CA ARG B 314 41.97 -6.56 18.97
C ARG B 314 41.79 -5.46 17.94
N SER B 315 41.24 -4.31 18.35
CA SER B 315 41.06 -3.20 17.43
C SER B 315 42.41 -2.67 16.94
N VAL B 316 43.27 -2.26 17.88
CA VAL B 316 44.59 -1.73 17.52
C VAL B 316 45.41 -2.77 16.78
N GLU B 317 45.22 -4.05 17.10
CA GLU B 317 45.92 -5.10 16.38
C GLU B 317 45.62 -5.05 14.89
N ARG B 318 44.33 -5.03 14.53
CA ARG B 318 43.95 -4.93 13.13
C ARG B 318 44.11 -3.52 12.59
N ALA B 319 43.90 -2.50 13.43
CA ALA B 319 44.10 -1.12 13.00
C ALA B 319 45.55 -0.84 12.60
N LYS B 320 46.49 -1.68 13.04
CA LYS B 320 47.89 -1.53 12.65
C LYS B 320 48.25 -2.30 11.41
N ARG B 321 47.40 -3.23 10.96
CA ARG B 321 47.62 -3.93 9.71
C ARG B 321 46.88 -3.29 8.53
N ARG B 322 46.06 -2.27 8.80
CA ARG B 322 45.33 -1.56 7.76
C ARG B 322 46.28 -1.01 6.71
N VAL B 323 46.38 -1.68 5.56
CA VAL B 323 47.33 -1.32 4.52
C VAL B 323 46.96 0.03 3.91
N VAL B 324 47.62 1.08 4.36
CA VAL B 324 47.50 2.39 3.74
C VAL B 324 48.42 2.44 2.53
N GLY B 325 47.96 3.07 1.44
CA GLY B 325 48.79 3.17 0.26
C GLY B 325 48.05 3.77 -0.90
N SER B 326 48.60 3.57 -2.10
CA SER B 326 48.06 4.20 -3.29
C SER B 326 46.77 3.50 -3.72
N PRO B 327 45.77 4.25 -4.19
CA PRO B 327 44.49 3.62 -4.54
C PRO B 327 44.58 2.62 -5.68
N PHE B 328 45.49 2.81 -6.63
CA PHE B 328 45.61 1.89 -7.75
C PHE B 328 46.32 0.59 -7.40
N ASP B 329 46.79 0.45 -6.15
CA ASP B 329 47.47 -0.76 -5.70
C ASP B 329 46.45 -1.75 -5.13
N PRO B 330 46.43 -3.00 -5.60
CA PRO B 330 45.45 -3.97 -5.09
C PRO B 330 45.62 -4.31 -3.61
N THR B 331 46.71 -3.89 -2.97
CA THR B 331 46.90 -4.13 -1.55
C THR B 331 46.29 -3.06 -0.67
N THR B 332 45.95 -1.91 -1.24
CA THR B 332 45.54 -0.76 -0.43
C THR B 332 44.14 -0.97 0.15
N GLU B 333 44.03 -0.86 1.46
CA GLU B 333 42.74 -0.85 2.13
C GLU B 333 42.20 0.56 2.31
N GLN B 334 43.08 1.53 2.58
CA GLN B 334 42.68 2.90 2.87
C GLN B 334 43.50 3.86 2.02
N GLY B 335 42.81 4.77 1.33
CA GLY B 335 43.47 5.81 0.58
C GLY B 335 43.64 7.07 1.39
N PRO B 336 43.81 8.20 0.72
CA PRO B 336 44.01 9.47 1.42
C PRO B 336 42.70 10.22 1.63
N GLN B 337 42.77 11.24 2.50
CA GLN B 337 41.64 12.13 2.69
C GLN B 337 41.44 12.99 1.44
N ILE B 338 40.31 13.69 1.39
CA ILE B 338 39.86 14.28 0.12
C ILE B 338 40.71 15.49 -0.26
N ASP B 339 41.06 16.33 0.71
CA ASP B 339 41.87 17.51 0.45
C ASP B 339 42.60 17.88 1.74
N LYS B 340 43.30 19.02 1.69
CA LYS B 340 44.15 19.44 2.80
C LYS B 340 43.33 19.93 3.99
N LYS B 341 42.28 20.69 3.72
CA LYS B 341 41.46 21.22 4.80
C LYS B 341 40.81 20.09 5.60
N GLN B 342 40.31 19.07 4.91
CA GLN B 342 39.83 17.90 5.63
C GLN B 342 41.00 17.13 6.24
N TYR B 343 42.15 17.10 5.58
CA TYR B 343 43.36 16.51 6.13
C TYR B 343 43.91 17.32 7.30
N ASN B 344 43.48 18.57 7.46
CA ASN B 344 43.95 19.42 8.54
C ASN B 344 43.03 19.33 9.77
N LYS B 345 41.76 19.71 9.61
CA LYS B 345 40.85 19.72 10.74
C LYS B 345 40.57 18.34 11.31
N ILE B 346 40.95 17.27 10.62
CA ILE B 346 40.95 15.95 11.25
C ILE B 346 42.02 15.89 12.32
N LEU B 347 43.18 16.51 12.06
CA LEU B 347 44.31 16.38 12.96
C LEU B 347 44.24 17.36 14.11
N GLU B 348 43.52 18.47 13.95
CA GLU B 348 43.14 19.27 15.10
C GLU B 348 42.41 18.40 16.13
N LEU B 349 41.45 17.61 15.66
CA LEU B 349 40.65 16.80 16.55
C LEU B 349 41.44 15.63 17.14
N ILE B 350 42.40 15.09 16.38
CA ILE B 350 43.29 14.07 16.94
C ILE B 350 44.15 14.68 18.05
N GLN B 351 44.68 15.88 17.81
CA GLN B 351 45.39 16.59 18.88
C GLN B 351 44.43 16.96 20.01
N SER B 352 43.17 17.24 19.69
CA SER B 352 42.18 17.51 20.73
C SER B 352 41.94 16.29 21.61
N GLY B 353 42.10 15.09 21.05
CA GLY B 353 41.87 13.88 21.82
C GLY B 353 42.82 13.74 22.99
N VAL B 354 44.12 13.91 22.73
CA VAL B 354 45.10 13.85 23.81
C VAL B 354 44.97 15.07 24.71
N ALA B 355 44.66 16.23 24.13
CA ALA B 355 44.52 17.46 24.90
C ALA B 355 43.40 17.39 25.93
N GLU B 356 42.51 16.40 25.84
CA GLU B 356 41.45 16.20 26.82
C GLU B 356 41.59 14.90 27.59
N GLY B 357 42.64 14.11 27.32
CA GLY B 357 42.89 12.90 28.09
C GLY B 357 42.26 11.66 27.52
N ALA B 358 42.84 11.13 26.43
CA ALA B 358 42.37 9.90 25.82
C ALA B 358 43.58 9.03 25.50
N LYS B 359 43.59 7.81 26.03
CA LYS B 359 44.68 6.88 25.79
C LYS B 359 44.81 6.55 24.31
N LEU B 360 45.47 7.43 23.56
CA LEU B 360 45.74 7.19 22.16
C LEU B 360 46.59 5.94 22.01
N GLU B 361 45.95 4.82 21.65
CA GLU B 361 46.65 3.53 21.54
C GLU B 361 47.68 3.59 20.43
N CYS B 362 47.34 3.07 19.26
CA CYS B 362 48.05 3.43 18.06
C CYS B 362 47.45 4.75 17.57
N GLY B 363 47.78 5.14 16.35
CA GLY B 363 47.23 6.32 15.72
C GLY B 363 47.84 7.63 16.22
N GLY B 364 47.56 8.69 15.47
CA GLY B 364 48.11 10.00 15.75
C GLY B 364 48.56 10.72 14.49
N LYS B 365 48.73 9.99 13.38
CA LYS B 365 49.17 10.46 12.06
C LYS B 365 50.69 10.48 11.93
N GLY B 366 51.20 9.88 10.86
CA GLY B 366 52.62 9.82 10.58
C GLY B 366 52.93 9.05 9.32
N LEU B 367 52.37 9.49 8.20
CA LEU B 367 52.59 8.87 6.90
C LEU B 367 53.35 9.81 5.99
N GLY B 368 54.16 9.24 5.09
CA GLY B 368 54.87 10.02 4.12
C GLY B 368 53.95 10.86 3.28
N ARG B 369 54.12 12.19 3.32
CA ARG B 369 53.15 13.11 2.74
C ARG B 369 53.03 12.99 1.21
N LYS B 370 53.40 11.84 0.66
CA LYS B 370 53.13 11.54 -0.74
C LYS B 370 51.63 11.43 -0.97
N GLY B 371 50.89 12.50 -0.71
CA GLY B 371 49.45 12.49 -0.80
C GLY B 371 48.78 13.17 0.39
N PHE B 372 47.66 12.61 0.84
CA PHE B 372 46.88 13.14 1.95
C PHE B 372 46.56 12.04 2.95
N PHE B 373 47.53 11.19 3.23
CA PHE B 373 47.31 9.96 3.99
C PHE B 373 47.53 10.20 5.48
N ILE B 374 46.79 9.45 6.29
CA ILE B 374 46.84 9.60 7.74
C ILE B 374 46.85 8.21 8.38
N GLU B 375 47.63 8.05 9.43
CA GLU B 375 47.79 6.76 10.07
C GLU B 375 46.51 6.36 10.80
N PRO B 376 46.08 5.11 10.68
CA PRO B 376 44.84 4.69 11.35
C PRO B 376 44.94 4.83 12.87
N THR B 377 43.93 5.46 13.45
CA THR B 377 43.99 5.93 14.83
C THR B 377 42.93 5.25 15.68
N VAL B 378 43.33 4.80 16.87
CA VAL B 378 42.41 4.20 17.83
C VAL B 378 42.56 4.95 19.16
N PHE B 379 41.50 5.61 19.58
CA PHE B 379 41.42 6.22 20.91
C PHE B 379 40.64 5.31 21.84
N SER B 380 40.91 5.45 23.14
CA SER B 380 40.17 4.72 24.16
C SER B 380 40.08 5.58 25.41
N ASN B 381 39.32 5.09 26.38
CA ASN B 381 38.99 5.85 27.59
C ASN B 381 38.33 7.19 27.24
N VAL B 382 37.62 7.22 26.12
CA VAL B 382 36.90 8.41 25.70
C VAL B 382 35.64 8.56 26.54
N THR B 383 35.26 9.81 26.79
CA THR B 383 34.05 10.11 27.54
C THR B 383 33.15 11.02 26.71
N ASP B 384 31.88 11.07 27.10
CA ASP B 384 30.92 11.93 26.41
C ASP B 384 31.30 13.40 26.51
N ASP B 385 32.13 13.78 27.48
CA ASP B 385 32.49 15.18 27.65
C ASP B 385 33.40 15.68 26.54
N MET B 386 34.35 14.85 26.12
CA MET B 386 35.42 15.29 25.24
C MET B 386 34.88 15.71 23.87
N ARG B 387 35.58 16.65 23.24
CA ARG B 387 35.10 17.25 22.00
C ARG B 387 35.09 16.23 20.86
N ILE B 388 35.98 15.25 20.88
CA ILE B 388 36.00 14.24 19.83
C ILE B 388 34.78 13.34 19.85
N ALA B 389 33.98 13.39 20.91
CA ALA B 389 32.77 12.58 21.03
C ALA B 389 31.53 13.29 20.50
N LYS B 390 31.59 14.61 20.27
CA LYS B 390 30.41 15.39 19.93
C LYS B 390 30.37 15.86 18.49
N GLU B 391 31.52 16.13 17.87
CA GLU B 391 31.56 16.56 16.48
C GLU B 391 32.18 15.46 15.62
N GLU B 392 31.66 15.31 14.41
CA GLU B 392 32.09 14.23 13.53
C GLU B 392 33.49 14.49 12.99
N ILE B 393 34.20 13.41 12.69
CA ILE B 393 35.61 13.47 12.33
C ILE B 393 35.82 13.35 10.83
N PHE B 394 35.16 12.38 10.20
CA PHE B 394 35.35 12.07 8.78
C PHE B 394 36.81 11.73 8.51
N GLY B 395 37.34 10.78 9.27
CA GLY B 395 38.70 10.33 9.13
C GLY B 395 38.91 9.01 9.85
N PRO B 396 40.01 8.32 9.53
CA PRO B 396 40.24 7.00 10.14
C PRO B 396 40.55 7.08 11.63
N VAL B 397 39.59 7.59 12.41
CA VAL B 397 39.74 7.73 13.85
C VAL B 397 38.62 6.95 14.52
N GLN B 398 38.98 5.95 15.31
CA GLN B 398 38.04 5.05 15.97
C GLN B 398 38.11 5.31 17.47
N GLU B 399 36.97 5.70 18.05
CA GLU B 399 36.90 6.07 19.46
C GLU B 399 36.06 5.04 20.21
N ILE B 400 36.66 4.43 21.23
CA ILE B 400 36.03 3.34 21.98
C ILE B 400 35.67 3.84 23.37
N LEU B 401 34.46 3.50 23.82
CA LEU B 401 33.92 3.96 25.09
C LEU B 401 33.50 2.77 25.93
N ARG B 402 33.11 3.05 27.17
CA ARG B 402 32.70 2.04 28.12
C ARG B 402 31.25 2.24 28.52
N PHE B 403 30.57 1.15 28.82
CA PHE B 403 29.23 1.21 29.37
C PHE B 403 28.95 -0.08 30.16
N LYS B 404 28.05 0.03 31.14
CA LYS B 404 27.70 -1.07 32.02
C LYS B 404 26.28 -1.57 31.79
N THR B 405 25.29 -0.71 31.98
CA THR B 405 23.88 -1.05 31.87
C THR B 405 23.40 -0.83 30.44
N MET B 406 22.35 -1.57 30.07
CA MET B 406 21.68 -1.30 28.80
C MET B 406 20.94 0.03 28.83
N ASP B 407 20.31 0.35 29.96
CA ASP B 407 19.56 1.61 30.07
C ASP B 407 20.49 2.81 29.98
N GLU B 408 21.73 2.69 30.45
CA GLU B 408 22.66 3.81 30.37
C GLU B 408 23.17 4.01 28.96
N VAL B 409 23.32 2.93 28.19
CA VAL B 409 23.85 3.06 26.84
C VAL B 409 22.79 3.56 25.86
N ILE B 410 21.51 3.41 26.18
CA ILE B 410 20.47 3.96 25.31
C ILE B 410 20.37 5.47 25.49
N GLU B 411 20.42 5.95 26.74
CA GLU B 411 20.43 7.38 26.97
C GLU B 411 21.70 8.02 26.41
N ARG B 412 22.85 7.37 26.61
CA ARG B 412 24.11 7.93 26.12
C ARG B 412 24.15 7.97 24.60
N ALA B 413 23.60 6.94 23.95
CA ALA B 413 23.59 6.92 22.49
C ALA B 413 22.60 7.94 21.94
N ASN B 414 21.45 8.12 22.61
CA ASN B 414 20.42 9.01 22.09
C ASN B 414 20.69 10.47 22.44
N ASN B 415 21.41 10.75 23.52
CA ASN B 415 21.73 12.13 23.89
C ASN B 415 22.59 12.78 22.81
N SER B 416 21.94 13.18 21.71
CA SER B 416 22.62 13.78 20.57
C SER B 416 21.59 14.37 19.63
N ASP B 417 21.80 15.63 19.22
CA ASP B 417 20.87 16.27 18.29
C ASP B 417 20.95 15.68 16.89
N PHE B 418 21.94 14.82 16.63
CA PHE B 418 22.02 14.07 15.38
C PHE B 418 21.27 12.75 15.54
N GLY B 419 21.42 11.86 14.57
CA GLY B 419 20.76 10.58 14.63
C GLY B 419 20.47 9.99 13.26
N LEU B 420 21.51 9.75 12.48
CA LEU B 420 21.33 9.17 11.15
C LEU B 420 21.18 7.66 11.23
N VAL B 421 22.15 6.98 11.82
CA VAL B 421 22.15 5.52 11.95
C VAL B 421 22.59 5.14 13.37
N ALA B 422 22.61 3.84 13.62
CA ALA B 422 23.03 3.25 14.89
C ALA B 422 23.14 1.75 14.69
N ALA B 423 23.98 1.11 15.51
CA ALA B 423 24.20 -0.32 15.39
C ALA B 423 24.23 -0.97 16.76
N VAL B 424 23.82 -2.23 16.81
CA VAL B 424 23.87 -3.06 18.01
C VAL B 424 24.44 -4.41 17.63
N PHE B 425 25.38 -4.90 18.42
CA PHE B 425 25.93 -6.23 18.20
C PHE B 425 25.61 -7.09 19.41
N THR B 426 24.77 -8.11 19.21
CA THR B 426 24.40 -9.03 20.27
C THR B 426 23.61 -10.18 19.70
N ASN B 427 23.43 -11.20 20.54
CA ASN B 427 22.63 -12.35 20.20
C ASN B 427 21.43 -12.54 21.11
N ASP B 428 21.25 -11.70 22.12
CA ASP B 428 20.02 -11.71 22.92
C ASP B 428 18.94 -10.97 22.14
N ILE B 429 17.81 -11.64 21.90
CA ILE B 429 16.77 -11.08 21.03
C ILE B 429 16.04 -9.94 21.73
N ASN B 430 15.85 -10.05 23.04
CA ASN B 430 15.17 -9.00 23.78
C ASN B 430 15.99 -7.72 23.77
N LYS B 431 17.27 -7.83 24.06
CA LYS B 431 18.10 -6.63 24.11
C LYS B 431 18.33 -6.09 22.71
N ALA B 432 18.32 -6.95 21.68
CA ALA B 432 18.46 -6.45 20.31
C ALA B 432 17.22 -5.68 19.87
N LEU B 433 16.03 -6.18 20.25
CA LEU B 433 14.79 -5.51 19.87
C LEU B 433 14.54 -4.26 20.71
N THR B 434 14.90 -4.30 22.00
CA THR B 434 14.66 -3.16 22.87
C THR B 434 15.55 -1.98 22.48
N VAL B 435 16.84 -2.22 22.28
CA VAL B 435 17.77 -1.14 21.94
C VAL B 435 17.43 -0.57 20.58
N SER B 436 17.12 -1.43 19.61
CA SER B 436 16.80 -0.95 18.26
C SER B 436 15.53 -0.10 18.26
N SER B 437 14.53 -0.48 19.06
CA SER B 437 13.30 0.29 19.12
C SER B 437 13.47 1.59 19.90
N ALA B 438 14.47 1.68 20.77
CA ALA B 438 14.68 2.86 21.59
C ALA B 438 15.58 3.90 20.91
N MET B 439 16.28 3.53 19.84
CA MET B 439 17.18 4.46 19.18
C MET B 439 16.41 5.57 18.49
N GLN B 440 16.92 6.80 18.63
CA GLN B 440 16.39 7.94 17.87
C GLN B 440 17.25 8.14 16.62
N ALA B 441 17.11 7.20 15.69
CA ALA B 441 17.91 7.19 14.47
C ALA B 441 17.07 6.64 13.33
N GLY B 442 17.47 7.01 12.10
CA GLY B 442 16.71 6.60 10.94
C GLY B 442 16.93 5.15 10.54
N THR B 443 18.16 4.66 10.72
CA THR B 443 18.49 3.28 10.39
C THR B 443 19.20 2.64 11.58
N VAL B 444 18.76 1.45 11.96
CA VAL B 444 19.37 0.69 13.05
C VAL B 444 19.84 -0.64 12.48
N TRP B 445 21.13 -0.93 12.62
CA TRP B 445 21.69 -2.19 12.18
C TRP B 445 21.88 -3.11 13.38
N ILE B 446 21.56 -4.39 13.19
CA ILE B 446 21.70 -5.40 14.23
C ILE B 446 22.65 -6.47 13.71
N ASN B 447 23.79 -6.63 14.39
CA ASN B 447 24.81 -7.62 14.04
C ASN B 447 25.39 -7.38 12.65
N CYS B 448 25.42 -6.12 12.23
CA CYS B 448 26.04 -5.74 10.97
C CYS B 448 26.25 -4.23 10.99
N TYR B 449 26.91 -3.71 9.95
CA TYR B 449 27.12 -2.28 9.84
C TYR B 449 27.24 -1.89 8.38
N ASN B 450 26.76 -0.68 8.07
CA ASN B 450 26.86 -0.09 6.74
C ASN B 450 26.20 -0.93 5.66
N ALA B 451 25.23 -1.76 6.05
CA ALA B 451 24.52 -2.63 5.10
C ALA B 451 23.40 -1.83 4.46
N LEU B 452 23.74 -1.09 3.42
CA LEU B 452 22.77 -0.33 2.64
C LEU B 452 22.35 -1.14 1.43
N ASN B 453 21.10 -0.94 1.02
CA ASN B 453 20.56 -1.62 -0.16
C ASN B 453 19.66 -0.63 -0.91
N ALA B 454 19.54 -0.85 -2.22
CA ALA B 454 18.66 -0.01 -3.02
C ALA B 454 17.20 -0.13 -2.59
N GLN B 455 16.84 -1.23 -1.93
CA GLN B 455 15.44 -1.50 -1.59
C GLN B 455 15.00 -0.86 -0.27
N SER B 456 15.95 -0.46 0.59
CA SER B 456 15.60 -0.03 1.93
C SER B 456 15.73 1.47 2.07
N PRO B 457 14.71 2.14 2.63
CA PRO B 457 14.80 3.60 2.81
C PRO B 457 15.91 3.99 3.77
N PHE B 458 16.40 5.21 3.62
CA PHE B 458 17.54 5.71 4.38
C PHE B 458 17.33 7.18 4.66
N GLY B 459 17.62 7.60 5.88
CA GLY B 459 17.42 8.97 6.27
C GLY B 459 17.75 9.16 7.74
N GLY B 460 17.63 10.42 8.17
CA GLY B 460 18.04 10.81 9.52
C GLY B 460 16.87 11.29 10.37
N PHE B 461 16.96 11.01 11.67
CA PHE B 461 16.08 11.58 12.66
C PHE B 461 16.56 12.98 13.05
N LYS B 462 15.70 13.70 13.77
CA LYS B 462 16.05 14.98 14.38
C LYS B 462 16.73 15.93 13.41
N MET B 463 17.83 16.54 13.85
CA MET B 463 18.51 17.55 13.04
C MET B 463 19.50 16.92 12.07
N SER B 464 19.08 15.87 11.34
CA SER B 464 20.08 15.19 10.48
C SER B 464 19.54 14.30 9.38
N GLY B 465 18.36 14.47 8.77
CA GLY B 465 17.42 15.55 8.97
C GLY B 465 16.27 15.39 7.99
N ASN B 466 15.27 16.27 8.10
CA ASN B 466 14.10 16.40 7.22
C ASN B 466 14.16 15.54 5.95
N GLY B 467 13.39 14.47 5.91
CA GLY B 467 13.16 13.71 4.69
C GLY B 467 13.70 12.29 4.77
N ARG B 468 13.28 11.50 3.79
CA ARG B 468 13.70 10.11 3.63
C ARG B 468 14.10 9.86 2.19
N GLU B 469 15.17 9.08 2.01
CA GLU B 469 15.64 8.67 0.70
C GLU B 469 15.69 7.15 0.64
N MET B 470 15.88 6.63 -0.57
CA MET B 470 16.04 5.20 -0.85
C MET B 470 14.76 4.41 -0.62
N GLY B 471 14.71 3.18 -1.15
CA GLY B 471 13.54 2.33 -1.06
C GLY B 471 12.35 2.92 -1.81
N GLU B 472 11.17 2.44 -1.43
CA GLU B 472 9.95 3.04 -1.97
C GLU B 472 9.73 4.44 -1.40
N PHE B 473 10.02 4.63 -0.11
CA PHE B 473 9.76 5.90 0.55
C PHE B 473 10.61 7.04 -0.01
N GLY B 474 11.70 6.72 -0.72
CA GLY B 474 12.45 7.75 -1.42
C GLY B 474 11.70 8.34 -2.61
N LEU B 475 10.68 7.62 -3.11
CA LEU B 475 9.89 8.12 -4.23
C LEU B 475 8.87 9.16 -3.79
N ARG B 476 8.37 9.06 -2.55
CA ARG B 476 7.42 10.05 -2.06
C ARG B 476 8.03 11.44 -2.00
N GLU B 477 9.35 11.51 -1.83
CA GLU B 477 10.06 12.78 -1.84
C GLU B 477 10.01 13.47 -3.19
N TYR B 478 9.82 12.71 -4.28
CA TYR B 478 9.90 13.25 -5.63
C TYR B 478 8.55 13.22 -6.36
N SER B 479 7.44 13.19 -5.62
CA SER B 479 6.12 13.13 -6.23
C SER B 479 5.19 14.12 -5.55
N GLU B 480 4.24 14.64 -6.33
CA GLU B 480 3.23 15.56 -5.85
C GLU B 480 1.86 14.90 -6.00
N VAL B 481 1.10 14.86 -4.91
CA VAL B 481 -0.21 14.23 -4.90
C VAL B 481 -1.25 15.22 -5.40
N LYS B 482 -2.01 14.83 -6.41
CA LYS B 482 -3.15 15.60 -6.88
C LYS B 482 -4.42 14.77 -6.69
N THR B 483 -5.42 15.35 -6.05
CA THR B 483 -6.70 14.69 -5.81
C THR B 483 -7.72 15.20 -6.83
N VAL B 484 -8.45 14.26 -7.45
CA VAL B 484 -9.52 14.59 -8.38
C VAL B 484 -10.81 14.01 -7.82
N THR B 485 -11.82 14.86 -7.66
CA THR B 485 -13.13 14.47 -7.15
C THR B 485 -14.17 14.77 -8.20
N VAL B 486 -14.89 13.75 -8.65
CA VAL B 486 -15.87 13.86 -9.71
C VAL B 486 -17.25 13.64 -9.13
N LYS B 487 -18.15 14.61 -9.33
CA LYS B 487 -19.54 14.45 -8.94
C LYS B 487 -20.21 13.40 -9.83
N ILE B 488 -20.88 12.44 -9.21
CA ILE B 488 -21.51 11.35 -9.94
C ILE B 488 -23.00 11.34 -9.63
N PRO B 489 -23.85 10.82 -10.54
CA PRO B 489 -25.31 10.84 -10.27
C PRO B 489 -25.71 10.09 -9.02
N GLN B 490 -25.17 8.89 -8.79
CA GLN B 490 -25.50 8.12 -7.60
C GLN B 490 -24.37 7.15 -7.31
N LYS B 491 -23.99 7.06 -6.04
CA LYS B 491 -22.90 6.20 -5.59
C LYS B 491 -23.46 4.88 -5.07
N ASN B 492 -22.76 3.80 -5.38
CA ASN B 492 -23.16 2.47 -4.92
C ASN B 492 -21.92 1.74 -4.42
N SER B 493 -22.06 0.42 -4.24
CA SER B 493 -21.04 -0.45 -3.66
C SER B 493 -20.79 -0.12 -2.19
N PRO C 2 9.06 -6.58 -40.66
CA PRO C 2 9.68 -7.89 -40.61
C PRO C 2 8.95 -8.89 -41.51
N SER C 3 9.62 -10.01 -41.73
CA SER C 3 9.08 -11.08 -42.56
C SER C 3 9.11 -12.40 -41.79
N PRO C 4 8.14 -13.27 -42.04
CA PRO C 4 8.17 -14.60 -41.40
C PRO C 4 9.43 -15.35 -41.82
N THR C 5 10.13 -15.89 -40.83
CA THR C 5 11.34 -16.67 -41.09
C THR C 5 11.00 -17.84 -41.99
N PRO C 6 11.56 -17.93 -43.20
CA PRO C 6 11.08 -18.91 -44.17
C PRO C 6 11.55 -20.32 -43.86
N ASN C 7 10.69 -21.28 -44.20
CA ASN C 7 10.94 -22.71 -43.98
C ASN C 7 11.35 -22.96 -42.53
N LEU C 8 10.54 -22.45 -41.61
CA LEU C 8 10.87 -22.50 -40.20
C LEU C 8 11.03 -23.94 -39.73
N GLU C 9 12.14 -24.20 -39.04
CA GLU C 9 12.44 -25.52 -38.51
C GLU C 9 11.99 -25.58 -37.05
N ILE C 10 11.09 -26.52 -36.76
CA ILE C 10 10.63 -26.73 -35.39
C ILE C 10 11.64 -27.67 -34.72
N LYS C 11 12.36 -27.15 -33.73
CA LYS C 11 13.50 -27.84 -33.16
C LYS C 11 13.22 -28.47 -31.80
N TYR C 12 12.23 -27.97 -31.06
CA TYR C 12 11.96 -28.41 -29.70
C TYR C 12 10.58 -29.05 -29.65
N THR C 13 10.55 -30.37 -29.48
CA THR C 13 9.32 -31.15 -29.50
C THR C 13 9.21 -32.11 -28.34
N LYS C 14 10.10 -32.02 -27.36
CA LYS C 14 10.13 -32.95 -26.24
C LYS C 14 9.65 -32.29 -24.96
N ILE C 15 9.50 -33.09 -23.92
CA ILE C 15 9.09 -32.62 -22.60
C ILE C 15 10.27 -31.93 -21.93
N PHE C 16 9.99 -30.80 -21.28
CA PHE C 16 11.02 -29.97 -20.65
C PHE C 16 10.91 -30.12 -19.14
N ILE C 17 11.79 -30.92 -18.55
CA ILE C 17 11.82 -31.17 -17.12
C ILE C 17 13.24 -31.00 -16.62
N ASN C 18 13.40 -30.18 -15.56
CA ASN C 18 14.70 -29.95 -14.94
C ASN C 18 15.73 -29.44 -15.96
N ASN C 19 15.26 -28.60 -16.88
CA ASN C 19 16.10 -28.06 -17.96
C ASN C 19 16.69 -29.14 -18.85
N GLU C 20 15.97 -30.26 -18.99
CA GLU C 20 16.37 -31.36 -19.85
C GLU C 20 15.21 -31.75 -20.75
N TRP C 21 15.51 -31.97 -22.03
CA TRP C 21 14.51 -32.46 -22.97
C TRP C 21 14.39 -33.97 -22.82
N GLN C 22 13.16 -34.44 -22.62
CA GLN C 22 12.91 -35.85 -22.33
C GLN C 22 11.75 -36.35 -23.17
N ASN C 23 11.70 -37.67 -23.33
CA ASN C 23 10.61 -38.32 -24.05
C ASN C 23 9.48 -38.70 -23.09
N SER C 24 8.36 -39.10 -23.66
CA SER C 24 7.25 -39.59 -22.86
C SER C 24 7.66 -40.85 -22.12
N GLU C 25 7.14 -41.00 -20.90
CA GLU C 25 7.34 -42.25 -20.17
C GLU C 25 6.64 -43.41 -20.87
N SER C 26 5.50 -43.15 -21.51
CA SER C 26 4.83 -44.17 -22.29
C SER C 26 5.45 -44.34 -23.68
N GLY C 27 6.10 -43.29 -24.19
CA GLY C 27 6.60 -43.26 -25.54
C GLY C 27 5.66 -42.62 -26.53
N ARG C 28 4.41 -42.36 -26.14
CA ARG C 28 3.43 -41.80 -27.05
C ARG C 28 3.84 -40.40 -27.51
N VAL C 29 3.35 -40.02 -28.70
CA VAL C 29 3.49 -38.67 -29.23
C VAL C 29 2.15 -38.26 -29.81
N PHE C 30 1.98 -36.95 -30.00
CA PHE C 30 0.75 -36.46 -30.61
C PHE C 30 1.07 -35.42 -31.68
N PRO C 31 0.25 -35.33 -32.72
CA PRO C 31 0.53 -34.42 -33.83
C PRO C 31 0.02 -33.01 -33.58
N VAL C 32 0.76 -32.06 -34.14
CA VAL C 32 0.39 -30.65 -34.12
C VAL C 32 0.15 -30.21 -35.56
N TYR C 33 -0.92 -29.44 -35.79
CA TYR C 33 -1.36 -29.10 -37.13
C TYR C 33 -1.25 -27.60 -37.37
N ASN C 34 -1.13 -27.26 -38.66
CA ASN C 34 -1.22 -25.89 -39.14
C ASN C 34 -2.65 -25.64 -39.57
N PRO C 35 -3.42 -24.80 -38.84
CA PRO C 35 -4.84 -24.63 -39.17
C PRO C 35 -5.11 -23.78 -40.39
N ALA C 36 -4.07 -23.27 -41.07
CA ALA C 36 -4.27 -22.56 -42.32
C ALA C 36 -4.26 -23.48 -43.52
N THR C 37 -3.66 -24.66 -43.40
CA THR C 37 -3.61 -25.63 -44.47
C THR C 37 -4.09 -27.02 -44.07
N GLY C 38 -4.29 -27.28 -42.78
CA GLY C 38 -4.99 -28.47 -42.31
C GLY C 38 -4.13 -29.71 -42.09
N GLU C 39 -2.84 -29.66 -42.41
CA GLU C 39 -1.99 -30.83 -42.32
C GLU C 39 -0.97 -30.66 -41.19
N GLN C 40 -0.17 -31.70 -40.99
CA GLN C 40 0.61 -31.84 -39.77
C GLN C 40 1.91 -31.06 -39.81
N VAL C 41 2.20 -30.34 -38.73
CA VAL C 41 3.46 -29.61 -38.64
C VAL C 41 4.59 -30.51 -38.15
N CYS C 42 4.38 -31.16 -37.02
CA CYS C 42 5.40 -32.01 -36.41
C CYS C 42 4.71 -32.93 -35.41
N GLU C 43 5.52 -33.61 -34.59
CA GLU C 43 5.04 -34.48 -33.54
C GLU C 43 5.71 -34.11 -32.23
N VAL C 44 4.93 -34.13 -31.14
CA VAL C 44 5.39 -33.67 -29.84
C VAL C 44 5.15 -34.78 -28.82
N GLN C 45 6.11 -34.95 -27.91
CA GLN C 45 5.97 -35.95 -26.86
C GLN C 45 4.72 -35.65 -26.02
N GLU C 46 4.01 -36.73 -25.65
CA GLU C 46 2.76 -36.62 -24.92
C GLU C 46 3.02 -36.89 -23.44
N ALA C 47 2.85 -35.88 -22.60
CA ALA C 47 3.04 -36.03 -21.18
C ALA C 47 1.77 -36.59 -20.53
N ASP C 48 1.96 -37.45 -19.53
CA ASP C 48 0.84 -38.03 -18.80
C ASP C 48 1.16 -37.97 -17.31
N LYS C 49 0.39 -38.73 -16.52
CA LYS C 49 0.51 -38.67 -15.06
C LYS C 49 1.93 -38.98 -14.60
N ALA C 50 2.59 -39.94 -15.24
CA ALA C 50 3.96 -40.27 -14.86
C ALA C 50 4.91 -39.12 -15.15
N ASP C 51 4.69 -38.39 -16.25
CA ASP C 51 5.57 -37.28 -16.59
C ASP C 51 5.32 -36.08 -15.68
N ILE C 52 4.05 -35.81 -15.36
CA ILE C 52 3.75 -34.76 -14.39
C ILE C 52 4.40 -35.07 -13.05
N ASP C 53 4.42 -36.35 -12.66
CA ASP C 53 5.06 -36.75 -11.42
C ASP C 53 6.55 -36.38 -11.42
N LYS C 54 7.23 -36.62 -12.53
CA LYS C 54 8.64 -36.23 -12.63
C LYS C 54 8.78 -34.72 -12.56
N ALA C 55 7.85 -33.98 -13.20
CA ALA C 55 7.92 -32.53 -13.17
C ALA C 55 7.72 -31.99 -11.75
N VAL C 56 6.72 -32.52 -11.05
CA VAL C 56 6.45 -32.08 -9.69
C VAL C 56 7.65 -32.34 -8.78
N GLN C 57 8.27 -33.52 -8.93
CA GLN C 57 9.43 -33.85 -8.11
C GLN C 57 10.59 -32.90 -8.39
N ALA C 58 10.82 -32.57 -9.67
CA ALA C 58 11.87 -31.62 -10.00
C ALA C 58 11.55 -30.22 -9.49
N ALA C 59 10.28 -29.82 -9.60
CA ALA C 59 9.88 -28.51 -9.10
C ALA C 59 9.93 -28.45 -7.58
N ARG C 60 9.64 -29.55 -6.91
CA ARG C 60 9.72 -29.59 -5.46
C ARG C 60 11.16 -29.46 -4.98
N LEU C 61 12.09 -30.10 -5.69
CA LEU C 61 13.50 -30.03 -5.30
C LEU C 61 14.07 -28.64 -5.54
N ALA C 62 13.69 -28.00 -6.66
CA ALA C 62 14.15 -26.64 -6.94
C ALA C 62 13.58 -25.62 -5.96
N PHE C 63 12.57 -25.98 -5.17
CA PHE C 63 11.97 -25.08 -4.20
C PHE C 63 12.39 -25.38 -2.76
N SER C 64 13.10 -26.47 -2.52
CA SER C 64 13.49 -26.82 -1.17
C SER C 64 14.41 -25.75 -0.58
N LEU C 65 14.41 -25.68 0.76
CA LEU C 65 15.18 -24.66 1.46
C LEU C 65 16.67 -24.79 1.13
N GLY C 66 17.33 -23.65 1.00
CA GLY C 66 18.74 -23.62 0.69
C GLY C 66 19.08 -23.82 -0.78
N SER C 67 18.09 -24.08 -1.62
CA SER C 67 18.34 -24.26 -3.05
C SER C 67 18.78 -22.94 -3.67
N VAL C 68 19.33 -23.04 -4.89
CA VAL C 68 19.77 -21.84 -5.61
C VAL C 68 18.60 -20.88 -5.82
N TRP C 69 17.45 -21.42 -6.22
CA TRP C 69 16.28 -20.58 -6.49
C TRP C 69 15.74 -19.94 -5.22
N ARG C 70 15.81 -20.63 -4.08
CA ARG C 70 15.31 -20.07 -2.84
C ARG C 70 16.30 -19.08 -2.23
N ARG C 71 17.60 -19.36 -2.33
CA ARG C 71 18.61 -18.47 -1.78
C ARG C 71 18.83 -17.24 -2.65
N MET C 72 18.35 -17.26 -3.89
CA MET C 72 18.62 -16.17 -4.83
C MET C 72 18.05 -14.85 -4.32
N ASP C 73 18.84 -13.79 -4.47
CA ASP C 73 18.34 -12.45 -4.20
C ASP C 73 17.11 -12.18 -5.06
N ALA C 74 16.12 -11.51 -4.47
CA ALA C 74 14.91 -11.19 -5.21
C ALA C 74 15.22 -10.37 -6.45
N SER C 75 16.17 -9.44 -6.34
CA SER C 75 16.57 -8.63 -7.49
C SER C 75 17.21 -9.48 -8.59
N GLU C 76 17.83 -10.61 -8.21
CA GLU C 76 18.42 -11.49 -9.20
C GLU C 76 17.36 -12.35 -9.88
N ARG C 77 16.29 -12.70 -9.17
CA ARG C 77 15.12 -13.29 -9.84
C ARG C 77 14.60 -12.37 -10.93
N GLY C 78 14.62 -11.06 -10.67
CA GLY C 78 14.14 -10.12 -11.66
C GLY C 78 15.05 -10.03 -12.87
N ARG C 79 16.37 -10.00 -12.65
CA ARG C 79 17.29 -9.91 -13.77
C ARG C 79 17.24 -11.17 -14.64
N LEU C 80 16.88 -12.32 -14.06
CA LEU C 80 16.62 -13.50 -14.87
C LEU C 80 15.39 -13.29 -15.75
N LEU C 81 14.33 -12.70 -15.20
CA LEU C 81 13.14 -12.41 -15.99
C LEU C 81 13.43 -11.36 -17.06
N ASP C 82 14.32 -10.40 -16.78
CA ASP C 82 14.66 -9.40 -17.77
C ASP C 82 15.56 -9.97 -18.86
N LYS C 83 16.44 -10.91 -18.52
CA LYS C 83 17.23 -11.61 -19.53
C LYS C 83 16.32 -12.42 -20.45
N LEU C 84 15.29 -13.05 -19.88
CA LEU C 84 14.33 -13.80 -20.69
C LEU C 84 13.63 -12.88 -21.68
N ALA C 85 13.32 -11.64 -21.28
CA ALA C 85 12.70 -10.70 -22.19
C ALA C 85 13.67 -10.27 -23.29
N ASP C 86 14.96 -10.16 -22.94
CA ASP C 86 15.96 -9.87 -23.96
C ASP C 86 16.02 -10.98 -25.01
N LEU C 87 15.98 -12.24 -24.56
CA LEU C 87 16.04 -13.36 -25.49
C LEU C 87 14.80 -13.42 -26.38
N VAL C 88 13.62 -13.22 -25.79
CA VAL C 88 12.39 -13.22 -26.57
C VAL C 88 12.43 -12.11 -27.63
N GLU C 89 12.98 -10.95 -27.26
CA GLU C 89 13.16 -9.88 -28.23
C GLU C 89 14.13 -10.28 -29.33
N ARG C 90 15.18 -11.02 -28.96
CA ARG C 90 16.15 -11.47 -29.96
C ARG C 90 15.51 -12.39 -30.98
N ASP C 91 14.80 -13.42 -30.52
CA ASP C 91 14.11 -14.36 -31.40
C ASP C 91 12.66 -13.97 -31.63
N ARG C 92 12.38 -12.67 -31.77
CA ARG C 92 11.00 -12.19 -31.87
C ARG C 92 10.34 -12.68 -33.15
N ALA C 93 11.03 -12.56 -34.29
CA ALA C 93 10.45 -13.00 -35.55
C ALA C 93 10.29 -14.52 -35.60
N VAL C 94 11.16 -15.26 -34.91
CA VAL C 94 11.04 -16.71 -34.87
C VAL C 94 9.78 -17.11 -34.10
N LEU C 95 9.56 -16.49 -32.94
CA LEU C 95 8.41 -16.86 -32.12
C LEU C 95 7.10 -16.42 -32.76
N ALA C 96 7.09 -15.27 -33.43
CA ALA C 96 5.89 -14.84 -34.13
C ALA C 96 5.56 -15.78 -35.28
N THR C 97 6.59 -16.24 -36.01
CA THR C 97 6.37 -17.22 -37.06
C THR C 97 5.84 -18.52 -36.48
N MET C 98 6.35 -18.94 -35.31
CA MET C 98 5.84 -20.13 -34.66
C MET C 98 4.40 -19.94 -34.19
N GLU C 99 4.00 -18.70 -33.90
CA GLU C 99 2.64 -18.43 -33.45
C GLU C 99 1.67 -18.33 -34.62
N SER C 100 2.13 -17.81 -35.76
CA SER C 100 1.30 -17.80 -36.96
C SER C 100 1.11 -19.21 -37.50
N LEU C 101 2.19 -20.00 -37.52
CA LEU C 101 2.14 -21.35 -38.08
C LEU C 101 1.29 -22.27 -37.23
N ASN C 102 1.40 -22.17 -35.90
CA ASN C 102 0.67 -23.07 -35.01
C ASN C 102 -0.75 -22.60 -34.73
N GLY C 103 -0.96 -21.28 -34.63
CA GLY C 103 -2.25 -20.77 -34.19
C GLY C 103 -3.09 -20.11 -35.26
N GLY C 104 -2.54 -19.93 -36.45
CA GLY C 104 -3.27 -19.27 -37.52
C GLY C 104 -3.41 -17.77 -37.39
N LYS C 105 -2.64 -17.15 -36.50
CA LYS C 105 -2.68 -15.70 -36.36
C LYS C 105 -1.87 -15.04 -37.47
N PRO C 106 -2.36 -13.94 -38.05
CA PRO C 106 -1.55 -13.19 -39.01
C PRO C 106 -0.20 -12.84 -38.41
N PHE C 107 0.86 -13.02 -39.20
CA PHE C 107 2.22 -12.91 -38.68
C PHE C 107 2.49 -11.53 -38.09
N LEU C 108 2.04 -10.48 -38.78
CA LEU C 108 2.29 -9.14 -38.29
C LEU C 108 1.53 -8.87 -37.00
N GLN C 109 0.31 -9.41 -36.87
CA GLN C 109 -0.41 -9.33 -35.61
C GLN C 109 0.33 -10.08 -34.51
N ALA C 110 0.88 -11.25 -34.84
CA ALA C 110 1.66 -12.00 -33.86
C ALA C 110 2.94 -11.25 -33.48
N PHE C 111 3.53 -10.52 -34.42
CA PHE C 111 4.79 -9.83 -34.17
C PHE C 111 4.58 -8.56 -33.35
N TYR C 112 3.59 -7.74 -33.73
CA TYR C 112 3.43 -6.41 -33.16
C TYR C 112 2.48 -6.37 -31.97
N VAL C 113 1.70 -7.41 -31.74
CA VAL C 113 0.73 -7.41 -30.63
C VAL C 113 1.11 -8.49 -29.62
N ASP C 114 0.98 -9.76 -30.03
CA ASP C 114 1.19 -10.87 -29.11
C ASP C 114 2.56 -10.80 -28.45
N LEU C 115 3.62 -10.69 -29.25
CA LEU C 115 4.97 -10.71 -28.69
C LEU C 115 5.34 -9.38 -28.03
N GLN C 116 4.73 -8.27 -28.45
CA GLN C 116 4.94 -7.03 -27.73
C GLN C 116 4.41 -7.14 -26.30
N GLY C 117 3.30 -7.85 -26.12
CA GLY C 117 2.80 -8.09 -24.78
C GLY C 117 3.67 -9.05 -24.00
N VAL C 118 4.24 -10.04 -24.68
CA VAL C 118 5.10 -11.02 -24.01
C VAL C 118 6.34 -10.34 -23.44
N ILE C 119 7.00 -9.51 -24.27
CA ILE C 119 8.23 -8.86 -23.84
C ILE C 119 7.94 -7.87 -22.71
N LYS C 120 6.90 -7.05 -22.87
CA LYS C 120 6.55 -6.09 -21.83
C LYS C 120 6.13 -6.77 -20.54
N THR C 121 5.49 -7.94 -20.64
CA THR C 121 5.06 -8.67 -19.44
C THR C 121 6.27 -9.12 -18.62
N PHE C 122 7.26 -9.71 -19.29
CA PHE C 122 8.46 -10.15 -18.57
C PHE C 122 9.22 -8.98 -17.99
N ARG C 123 9.32 -7.87 -18.73
CA ARG C 123 10.02 -6.70 -18.23
C ARG C 123 9.27 -6.07 -17.06
N TYR C 124 7.93 -6.07 -17.11
CA TYR C 124 7.16 -5.49 -16.03
C TYR C 124 7.34 -6.28 -14.74
N TYR C 125 7.20 -7.59 -14.80
CA TYR C 125 7.35 -8.42 -13.61
C TYR C 125 8.79 -8.62 -13.20
N ALA C 126 9.74 -8.31 -14.09
CA ALA C 126 11.15 -8.29 -13.69
C ALA C 126 11.41 -7.22 -12.64
N GLY C 127 10.66 -6.12 -12.68
CA GLY C 127 10.79 -5.05 -11.72
C GLY C 127 10.06 -5.24 -10.41
N TRP C 128 9.11 -6.17 -10.35
CA TRP C 128 8.34 -6.42 -9.14
C TRP C 128 9.03 -7.36 -8.17
N ALA C 129 10.07 -8.08 -8.61
CA ALA C 129 10.60 -9.20 -7.83
C ALA C 129 11.13 -8.74 -6.47
N ASP C 130 11.92 -7.67 -6.44
CA ASP C 130 12.49 -7.16 -5.21
C ASP C 130 11.66 -6.03 -4.61
N LYS C 131 10.38 -5.92 -4.98
CA LYS C 131 9.50 -4.90 -4.44
C LYS C 131 8.23 -5.49 -3.84
N ILE C 132 8.17 -6.80 -3.66
CA ILE C 132 7.06 -7.44 -2.95
C ILE C 132 7.29 -7.22 -1.46
N HIS C 133 6.47 -6.36 -0.85
CA HIS C 133 6.65 -5.92 0.52
C HIS C 133 5.64 -6.59 1.44
N GLY C 134 6.11 -7.07 2.57
CA GLY C 134 5.25 -7.38 3.69
C GLY C 134 4.95 -6.12 4.46
N MET C 135 4.54 -6.30 5.73
CA MET C 135 4.18 -5.14 6.53
C MET C 135 4.46 -5.42 8.00
N THR C 136 4.65 -4.33 8.75
CA THR C 136 4.73 -4.37 10.21
C THR C 136 3.50 -3.68 10.77
N ILE C 137 2.90 -4.29 11.78
CA ILE C 137 1.55 -3.95 12.24
C ILE C 137 1.62 -3.53 13.69
N PRO C 138 0.99 -2.42 14.10
CA PRO C 138 1.01 -1.97 15.51
C PRO C 138 -0.09 -2.63 16.35
N VAL C 139 0.12 -3.91 16.66
CA VAL C 139 -0.90 -4.68 17.37
C VAL C 139 -0.95 -4.28 18.83
N ASP C 140 -2.05 -4.66 19.49
CA ASP C 140 -2.18 -4.45 20.93
C ASP C 140 -1.20 -5.33 21.69
N GLY C 141 -0.86 -4.90 22.91
CA GLY C 141 0.01 -5.66 23.76
C GLY C 141 1.49 -5.45 23.45
N ASP C 142 2.33 -6.04 24.31
CA ASP C 142 3.78 -5.92 24.18
C ASP C 142 4.29 -6.90 23.14
N TYR C 143 4.00 -6.59 21.88
CA TYR C 143 4.34 -7.47 20.77
C TYR C 143 4.86 -6.66 19.59
N PHE C 144 5.77 -7.28 18.84
CA PHE C 144 6.24 -6.77 17.56
C PHE C 144 5.80 -7.75 16.48
N THR C 145 4.96 -7.31 15.56
CA THR C 145 4.34 -8.17 14.57
C THR C 145 4.68 -7.68 13.17
N PHE C 146 5.15 -8.59 12.32
CA PHE C 146 5.41 -8.29 10.92
C PHE C 146 4.93 -9.46 10.08
N THR C 147 4.93 -9.27 8.76
CA THR C 147 4.49 -10.28 7.82
C THR C 147 5.55 -10.51 6.75
N ARG C 148 5.64 -11.76 6.30
CA ARG C 148 6.48 -12.14 5.18
C ARG C 148 5.59 -12.63 4.05
N HIS C 149 5.85 -12.14 2.84
CA HIS C 149 5.12 -12.58 1.64
C HIS C 149 6.01 -13.60 0.93
N GLU C 150 5.81 -14.86 1.28
CA GLU C 150 6.62 -15.95 0.75
C GLU C 150 5.94 -16.57 -0.47
N PRO C 151 6.70 -17.22 -1.35
CA PRO C 151 6.09 -17.99 -2.43
C PRO C 151 5.37 -19.22 -1.90
N ILE C 152 4.27 -19.57 -2.57
CA ILE C 152 3.48 -20.71 -2.14
C ILE C 152 4.24 -22.02 -2.35
N GLY C 153 4.93 -22.14 -3.48
CA GLY C 153 5.68 -23.34 -3.78
C GLY C 153 5.57 -23.79 -5.22
N VAL C 154 5.20 -25.05 -5.42
CA VAL C 154 5.04 -25.59 -6.77
C VAL C 154 3.67 -25.18 -7.31
N CYS C 155 3.67 -24.51 -8.45
CA CYS C 155 2.45 -24.00 -9.05
C CYS C 155 2.18 -24.72 -10.36
N GLY C 156 1.02 -25.36 -10.45
CA GLY C 156 0.57 -25.96 -11.70
C GLY C 156 -0.21 -24.93 -12.51
N GLN C 157 0.04 -24.92 -13.82
CA GLN C 157 -0.55 -23.91 -14.69
C GLN C 157 -1.03 -24.56 -15.98
N ILE C 158 -2.27 -24.25 -16.36
CA ILE C 158 -2.92 -24.82 -17.54
C ILE C 158 -3.51 -23.69 -18.36
N ILE C 159 -3.18 -23.65 -19.64
CA ILE C 159 -3.49 -22.51 -20.49
C ILE C 159 -4.19 -22.94 -21.78
N PRO C 160 -4.97 -22.06 -22.42
CA PRO C 160 -5.64 -22.45 -23.67
C PRO C 160 -4.81 -22.15 -24.91
N TRP C 161 -5.45 -22.20 -26.07
CA TRP C 161 -4.77 -22.18 -27.37
C TRP C 161 -4.89 -20.85 -28.10
N ASN C 162 -5.67 -19.90 -27.59
CA ASN C 162 -5.98 -18.70 -28.35
C ASN C 162 -4.92 -17.61 -28.26
N PHE C 163 -4.07 -17.65 -27.23
CA PHE C 163 -2.94 -16.73 -27.11
C PHE C 163 -1.79 -17.50 -26.45
N PRO C 164 -1.25 -18.50 -27.15
CA PRO C 164 -0.36 -19.47 -26.48
C PRO C 164 0.86 -18.85 -25.84
N LEU C 165 1.61 -18.01 -26.57
CA LEU C 165 2.80 -17.40 -26.00
C LEU C 165 2.44 -16.37 -24.93
N LEU C 166 1.43 -15.55 -25.18
CA LEU C 166 1.02 -14.56 -24.20
C LEU C 166 0.47 -15.21 -22.93
N MET C 167 -0.33 -16.28 -23.09
CA MET C 167 -0.79 -17.04 -21.93
C MET C 167 0.38 -17.57 -21.13
N PHE C 168 1.36 -18.16 -21.82
CA PHE C 168 2.55 -18.69 -21.17
C PHE C 168 3.25 -17.61 -20.35
N ALA C 169 3.41 -16.42 -20.92
CA ALA C 169 4.06 -15.34 -20.20
C ALA C 169 3.23 -14.87 -19.01
N TRP C 170 1.92 -14.69 -19.22
CA TRP C 170 1.06 -14.21 -18.16
C TRP C 170 1.02 -15.15 -16.97
N LYS C 171 1.34 -16.43 -17.17
CA LYS C 171 1.27 -17.42 -16.09
C LYS C 171 2.59 -17.52 -15.32
N ILE C 172 3.71 -17.65 -16.04
CA ILE C 172 4.98 -17.88 -15.36
C ILE C 172 5.64 -16.58 -14.88
N ALA C 173 5.35 -15.44 -15.51
CA ALA C 173 6.02 -14.21 -15.10
C ALA C 173 5.71 -13.83 -13.66
N PRO C 174 4.46 -13.72 -13.22
CA PRO C 174 4.23 -13.42 -11.80
C PRO C 174 4.60 -14.57 -10.89
N ALA C 175 4.49 -15.82 -11.36
CA ALA C 175 4.85 -16.97 -10.55
C ALA C 175 6.34 -16.97 -10.24
N LEU C 176 7.17 -16.74 -11.26
CA LEU C 176 8.61 -16.68 -11.03
C LEU C 176 8.99 -15.41 -10.27
N CYS C 177 8.28 -14.31 -10.53
CA CYS C 177 8.56 -13.06 -9.84
C CYS C 177 8.45 -13.21 -8.33
N CYS C 178 7.53 -14.06 -7.86
CA CYS C 178 7.33 -14.28 -6.43
C CYS C 178 8.21 -15.39 -5.86
N GLY C 179 8.94 -16.12 -6.71
CA GLY C 179 9.83 -17.15 -6.25
C GLY C 179 9.31 -18.57 -6.34
N ASN C 180 8.17 -18.79 -7.00
CA ASN C 180 7.62 -20.12 -7.11
C ASN C 180 8.36 -20.93 -8.18
N THR C 181 8.09 -22.24 -8.20
CA THR C 181 8.48 -23.11 -9.29
C THR C 181 7.21 -23.57 -10.02
N VAL C 182 7.36 -23.89 -11.30
CA VAL C 182 6.22 -23.98 -12.21
C VAL C 182 6.21 -25.33 -12.93
N VAL C 183 5.03 -25.94 -12.99
CA VAL C 183 4.73 -27.04 -13.91
C VAL C 183 3.58 -26.57 -14.78
N ILE C 184 3.88 -26.26 -16.04
CA ILE C 184 2.91 -25.64 -16.95
C ILE C 184 2.60 -26.60 -18.09
N LYS C 185 1.32 -26.70 -18.43
CA LYS C 185 0.86 -27.58 -19.52
C LYS C 185 0.21 -26.73 -20.60
N PRO C 186 0.89 -26.50 -21.72
CA PRO C 186 0.28 -25.72 -22.81
C PRO C 186 -0.83 -26.52 -23.50
N ALA C 187 -1.69 -25.78 -24.19
CA ALA C 187 -2.79 -26.41 -24.91
C ALA C 187 -2.26 -27.37 -25.97
N GLU C 188 -2.92 -28.53 -26.08
CA GLU C 188 -2.48 -29.57 -27.00
C GLU C 188 -2.47 -29.09 -28.45
N GLN C 189 -3.30 -28.10 -28.78
CA GLN C 189 -3.28 -27.56 -30.14
C GLN C 189 -2.04 -26.72 -30.40
N THR C 190 -1.54 -26.02 -29.38
CA THR C 190 -0.48 -25.02 -29.55
C THR C 190 0.57 -25.18 -28.46
N PRO C 191 1.38 -26.25 -28.53
CA PRO C 191 2.47 -26.43 -27.56
C PRO C 191 3.84 -25.97 -28.03
N LEU C 192 3.95 -25.43 -29.25
CA LEU C 192 5.27 -25.21 -29.86
C LEU C 192 5.99 -24.02 -29.25
N SER C 193 5.38 -22.83 -29.33
CA SER C 193 6.06 -21.63 -28.83
C SER C 193 6.38 -21.73 -27.35
N ALA C 194 5.57 -22.48 -26.59
CA ALA C 194 5.88 -22.69 -25.18
C ALA C 194 7.12 -23.57 -25.02
N LEU C 195 7.29 -24.56 -25.90
CA LEU C 195 8.46 -25.42 -25.80
C LEU C 195 9.72 -24.67 -26.22
N TYR C 196 9.62 -23.81 -27.24
CA TYR C 196 10.73 -22.94 -27.58
C TYR C 196 11.15 -22.07 -26.40
N MET C 197 10.17 -21.66 -25.59
CA MET C 197 10.49 -20.85 -24.41
C MET C 197 11.41 -21.61 -23.46
N GLY C 198 11.19 -22.92 -23.33
CA GLY C 198 12.07 -23.73 -22.50
C GLY C 198 13.52 -23.66 -22.92
N ALA C 199 13.77 -23.54 -24.23
CA ALA C 199 15.13 -23.30 -24.71
C ALA C 199 15.62 -21.93 -24.27
N LEU C 200 14.76 -20.91 -24.34
CA LEU C 200 15.13 -19.59 -23.85
C LEU C 200 15.24 -19.57 -22.33
N ILE C 201 14.43 -20.37 -21.64
CA ILE C 201 14.57 -20.50 -20.19
C ILE C 201 15.94 -21.06 -19.84
N LYS C 202 16.35 -22.10 -20.57
CA LYS C 202 17.66 -22.71 -20.32
C LYS C 202 18.79 -21.72 -20.60
N GLU C 203 18.70 -21.00 -21.73
CA GLU C 203 19.75 -20.06 -22.08
C GLU C 203 19.83 -18.91 -21.08
N ALA C 204 18.68 -18.45 -20.59
CA ALA C 204 18.67 -17.33 -19.66
C ALA C 204 19.37 -17.69 -18.34
N GLY C 205 19.38 -18.96 -17.97
CA GLY C 205 20.06 -19.40 -16.77
C GLY C 205 19.19 -19.68 -15.57
N PHE C 206 17.90 -19.93 -15.76
CA PHE C 206 17.07 -20.32 -14.64
C PHE C 206 17.55 -21.65 -14.06
N PRO C 207 17.54 -21.82 -12.75
CA PRO C 207 18.02 -23.08 -12.18
C PRO C 207 17.19 -24.22 -12.65
N PRO C 208 17.77 -25.42 -12.75
CA PRO C 208 17.02 -26.58 -13.27
C PRO C 208 15.84 -26.91 -12.39
N GLY C 209 14.69 -27.11 -13.02
CA GLY C 209 13.47 -27.47 -12.32
C GLY C 209 12.59 -26.32 -11.91
N VAL C 210 13.05 -25.07 -12.08
CA VAL C 210 12.23 -23.92 -11.71
C VAL C 210 11.03 -23.81 -12.65
N ILE C 211 11.22 -24.09 -13.93
CA ILE C 211 10.14 -24.10 -14.91
C ILE C 211 10.16 -25.44 -15.63
N ASN C 212 9.04 -26.16 -15.57
CA ASN C 212 8.89 -27.44 -16.26
C ASN C 212 7.69 -27.35 -17.18
N ILE C 213 7.92 -27.59 -18.48
CA ILE C 213 6.92 -27.44 -19.51
C ILE C 213 6.57 -28.83 -20.04
N LEU C 214 5.30 -29.21 -19.92
CA LEU C 214 4.85 -30.57 -20.26
C LEU C 214 3.68 -30.50 -21.22
N PRO C 215 3.92 -30.66 -22.52
CA PRO C 215 2.82 -30.67 -23.48
C PRO C 215 2.05 -31.98 -23.40
N GLY C 216 0.73 -31.88 -23.51
CA GLY C 216 -0.11 -33.05 -23.43
C GLY C 216 -1.56 -32.69 -23.58
N TYR C 217 -2.42 -33.65 -23.24
CA TYR C 217 -3.86 -33.50 -23.36
C TYR C 217 -4.49 -33.14 -22.02
N GLY C 218 -5.74 -32.70 -22.08
CA GLY C 218 -6.44 -32.18 -20.93
C GLY C 218 -6.77 -33.22 -19.87
N PRO C 219 -7.68 -34.15 -20.19
CA PRO C 219 -8.12 -35.14 -19.19
C PRO C 219 -7.03 -36.09 -18.72
N THR C 220 -5.81 -35.93 -19.24
CA THR C 220 -4.67 -36.74 -18.84
C THR C 220 -3.63 -35.89 -18.12
N ALA C 221 -2.86 -35.07 -18.84
CA ALA C 221 -1.83 -34.27 -18.20
C ALA C 221 -2.43 -33.18 -17.33
N GLY C 222 -3.54 -32.57 -17.76
CA GLY C 222 -4.15 -31.52 -16.96
C GLY C 222 -4.79 -32.05 -15.69
N ALA C 223 -5.55 -33.14 -15.82
CA ALA C 223 -6.20 -33.72 -14.65
C ALA C 223 -5.18 -34.24 -13.64
N ALA C 224 -4.05 -34.74 -14.12
CA ALA C 224 -2.99 -35.16 -13.20
C ALA C 224 -2.42 -33.96 -12.44
N ILE C 225 -2.31 -32.81 -13.11
CA ILE C 225 -1.86 -31.60 -12.44
C ILE C 225 -2.89 -31.15 -11.40
N ALA C 226 -4.16 -31.14 -11.78
CA ALA C 226 -5.20 -30.63 -10.89
C ALA C 226 -5.36 -31.48 -9.64
N SER C 227 -5.13 -32.79 -9.75
CA SER C 227 -5.32 -33.71 -8.64
C SER C 227 -4.03 -34.06 -7.92
N HIS C 228 -2.89 -33.53 -8.36
CA HIS C 228 -1.61 -33.89 -7.76
C HIS C 228 -1.51 -33.36 -6.33
N ILE C 229 -1.03 -34.23 -5.43
CA ILE C 229 -0.96 -33.88 -4.02
C ILE C 229 0.30 -33.11 -3.65
N GLY C 230 1.29 -33.08 -4.52
CA GLY C 230 2.50 -32.30 -4.32
C GLY C 230 2.50 -30.93 -4.94
N ILE C 231 1.37 -30.50 -5.51
CA ILE C 231 1.24 -29.18 -6.11
C ILE C 231 0.46 -28.30 -5.14
N ASP C 232 1.01 -27.12 -4.84
CA ASP C 232 0.42 -26.24 -3.85
C ASP C 232 -0.67 -25.34 -4.42
N LYS C 233 -0.62 -25.04 -5.71
CA LYS C 233 -1.54 -24.07 -6.30
C LYS C 233 -1.66 -24.34 -7.80
N ILE C 234 -2.89 -24.27 -8.30
CA ILE C 234 -3.15 -24.42 -9.73
C ILE C 234 -3.74 -23.13 -10.26
N ALA C 235 -3.31 -22.74 -11.46
CA ALA C 235 -3.84 -21.58 -12.17
C ALA C 235 -4.34 -22.06 -13.52
N PHE C 236 -5.65 -21.98 -13.73
CA PHE C 236 -6.28 -22.48 -14.94
C PHE C 236 -6.91 -21.34 -15.72
N THR C 237 -6.68 -21.34 -17.03
CA THR C 237 -7.37 -20.45 -17.96
C THR C 237 -8.00 -21.30 -19.03
N GLY C 238 -9.32 -21.21 -19.18
CA GLY C 238 -10.01 -22.01 -20.17
C GLY C 238 -11.51 -21.92 -20.03
N SER C 239 -12.19 -22.99 -20.44
CA SER C 239 -13.64 -23.01 -20.45
C SER C 239 -14.20 -23.09 -19.03
N THR C 240 -15.43 -22.61 -18.89
CA THR C 240 -16.10 -22.64 -17.60
C THR C 240 -16.31 -24.07 -17.11
N GLU C 241 -16.68 -24.98 -18.03
CA GLU C 241 -16.99 -26.35 -17.65
C GLU C 241 -15.77 -27.08 -17.11
N VAL C 242 -14.62 -26.94 -17.78
CA VAL C 242 -13.40 -27.55 -17.28
C VAL C 242 -12.97 -26.89 -15.97
N GLY C 243 -13.19 -25.58 -15.83
CA GLY C 243 -12.88 -24.90 -14.59
C GLY C 243 -13.63 -25.47 -13.40
N LYS C 244 -14.86 -25.93 -13.61
CA LYS C 244 -15.59 -26.61 -12.54
C LYS C 244 -14.94 -27.94 -12.18
N LEU C 245 -14.45 -28.67 -13.19
CA LEU C 245 -13.69 -29.88 -12.93
C LEU C 245 -12.41 -29.57 -12.16
N ILE C 246 -11.80 -28.42 -12.44
CA ILE C 246 -10.53 -28.06 -11.81
C ILE C 246 -10.72 -27.83 -10.31
N GLN C 247 -11.71 -27.01 -9.95
CA GLN C 247 -11.93 -26.73 -8.53
C GLN C 247 -12.40 -27.97 -7.78
N GLU C 248 -13.15 -28.86 -8.44
CA GLU C 248 -13.54 -30.11 -7.81
C GLU C 248 -12.34 -30.97 -7.50
N ALA C 249 -11.41 -31.09 -8.44
CA ALA C 249 -10.21 -31.90 -8.22
C ALA C 249 -9.38 -31.32 -7.07
N ALA C 250 -9.32 -30.00 -6.96
CA ALA C 250 -8.56 -29.37 -5.89
C ALA C 250 -9.17 -29.69 -4.53
N GLY C 251 -10.49 -29.59 -4.41
CA GLY C 251 -11.14 -29.92 -3.15
C GLY C 251 -11.10 -31.40 -2.82
N ARG C 252 -11.14 -32.25 -3.84
CA ARG C 252 -11.14 -33.70 -3.62
C ARG C 252 -9.78 -34.21 -3.18
N SER C 253 -8.71 -33.47 -3.45
CA SER C 253 -7.36 -34.00 -3.28
C SER C 253 -6.55 -33.23 -2.24
N ASN C 254 -6.05 -32.05 -2.63
CA ASN C 254 -5.00 -31.36 -1.91
C ASN C 254 -5.44 -30.10 -1.19
N LEU C 255 -6.65 -29.60 -1.47
CA LEU C 255 -7.06 -28.26 -1.06
C LEU C 255 -6.08 -27.21 -1.56
N LYS C 256 -5.48 -27.47 -2.73
CA LYS C 256 -4.57 -26.53 -3.34
C LYS C 256 -5.30 -25.23 -3.69
N ARG C 257 -4.57 -24.13 -3.66
CA ARG C 257 -5.14 -22.85 -4.03
C ARG C 257 -5.46 -22.83 -5.52
N VAL C 258 -6.59 -22.21 -5.87
CA VAL C 258 -7.11 -22.24 -7.23
C VAL C 258 -7.44 -20.81 -7.67
N THR C 259 -7.04 -20.48 -8.89
CA THR C 259 -7.53 -19.30 -9.59
C THR C 259 -7.96 -19.72 -10.98
N LEU C 260 -9.10 -19.19 -11.43
CA LEU C 260 -9.68 -19.57 -12.70
C LEU C 260 -9.89 -18.32 -13.57
N GLU C 261 -9.64 -18.47 -14.87
CA GLU C 261 -9.91 -17.44 -15.86
C GLU C 261 -10.82 -18.07 -16.91
N LEU C 262 -12.10 -17.74 -16.87
CA LEU C 262 -13.11 -18.44 -17.66
C LEU C 262 -13.74 -17.50 -18.69
N GLY C 263 -14.82 -17.98 -19.32
CA GLY C 263 -15.45 -17.34 -20.46
C GLY C 263 -15.95 -15.93 -20.24
N GLY C 264 -16.50 -15.33 -21.30
CA GLY C 264 -16.86 -13.93 -21.26
C GLY C 264 -18.28 -13.57 -21.67
N LYS C 265 -18.57 -13.66 -22.97
CA LYS C 265 -19.82 -13.13 -23.53
C LYS C 265 -20.04 -11.68 -23.08
N SER C 266 -19.05 -10.86 -23.40
CA SER C 266 -18.90 -9.52 -22.85
C SER C 266 -19.66 -8.50 -23.68
N PRO C 267 -20.42 -7.60 -23.04
CA PRO C 267 -21.21 -6.63 -23.81
C PRO C 267 -20.40 -5.41 -24.22
N ASN C 268 -20.81 -4.85 -25.36
CA ASN C 268 -20.26 -3.59 -25.86
C ASN C 268 -21.41 -2.62 -26.05
N ILE C 269 -21.38 -1.52 -25.31
CA ILE C 269 -22.47 -0.54 -25.29
C ILE C 269 -22.01 0.72 -26.00
N ILE C 270 -22.75 1.11 -27.04
CA ILE C 270 -22.43 2.30 -27.83
C ILE C 270 -23.60 3.26 -27.71
N PHE C 271 -23.33 4.49 -27.28
CA PHE C 271 -24.33 5.53 -27.20
C PHE C 271 -24.30 6.39 -28.46
N ALA C 272 -25.39 7.13 -28.69
CA ALA C 272 -25.52 7.89 -29.92
C ALA C 272 -24.52 9.02 -30.02
N ASP C 273 -24.08 9.57 -28.89
CA ASP C 273 -23.13 10.68 -28.90
C ASP C 273 -21.71 10.25 -29.22
N ALA C 274 -21.45 8.95 -29.34
CA ALA C 274 -20.11 8.47 -29.64
C ALA C 274 -19.69 8.86 -31.05
N ASP C 275 -18.37 8.85 -31.28
CA ASP C 275 -17.83 9.04 -32.62
C ASP C 275 -18.01 7.74 -33.39
N LEU C 276 -18.96 7.72 -34.32
CA LEU C 276 -19.40 6.46 -34.90
C LEU C 276 -18.32 5.79 -35.75
N ASP C 277 -17.47 6.59 -36.41
CA ASP C 277 -16.37 5.99 -37.17
C ASP C 277 -15.43 5.22 -36.24
N TYR C 278 -15.06 5.83 -35.12
CA TYR C 278 -14.16 5.19 -34.15
C TYR C 278 -14.83 3.98 -33.50
N ALA C 279 -16.10 4.13 -33.10
CA ALA C 279 -16.79 3.03 -32.42
C ALA C 279 -17.04 1.85 -33.35
N VAL C 280 -17.29 2.13 -34.64
CA VAL C 280 -17.52 1.03 -35.59
C VAL C 280 -16.30 0.14 -35.69
N GLU C 281 -15.10 0.74 -35.74
CA GLU C 281 -13.88 -0.05 -35.89
C GLU C 281 -13.46 -0.70 -34.58
N GLN C 282 -13.63 0.00 -33.45
CA GLN C 282 -13.28 -0.57 -32.16
C GLN C 282 -14.17 -1.77 -31.84
N ALA C 283 -15.48 -1.63 -32.02
CA ALA C 283 -16.39 -2.76 -31.82
C ALA C 283 -16.21 -3.83 -32.88
N HIS C 284 -15.62 -3.50 -34.04
CA HIS C 284 -15.32 -4.50 -35.04
C HIS C 284 -14.10 -5.32 -34.65
N GLN C 285 -13.06 -4.67 -34.13
CA GLN C 285 -11.94 -5.42 -33.59
C GLN C 285 -12.32 -6.12 -32.29
N GLY C 286 -13.30 -5.58 -31.57
CA GLY C 286 -13.72 -6.21 -30.32
C GLY C 286 -14.31 -7.60 -30.52
N VAL C 287 -14.80 -7.88 -31.73
CA VAL C 287 -15.35 -9.18 -32.06
C VAL C 287 -14.40 -9.99 -32.92
N PHE C 288 -13.75 -9.37 -33.91
CA PHE C 288 -13.06 -10.11 -34.95
C PHE C 288 -11.58 -10.38 -34.65
N PHE C 289 -10.99 -9.67 -33.69
CA PHE C 289 -9.57 -9.86 -33.41
C PHE C 289 -9.28 -11.30 -32.98
N ASN C 290 -8.11 -11.80 -33.39
CA ASN C 290 -7.69 -13.17 -33.09
C ASN C 290 -8.69 -14.18 -33.63
N GLN C 291 -9.25 -13.87 -34.81
CA GLN C 291 -10.26 -14.71 -35.46
C GLN C 291 -11.48 -14.91 -34.58
N GLY C 292 -11.82 -13.88 -33.79
CA GLY C 292 -12.95 -13.96 -32.90
C GLY C 292 -12.74 -14.83 -31.67
N GLN C 293 -11.52 -15.32 -31.46
CA GLN C 293 -11.22 -16.28 -30.39
C GLN C 293 -10.62 -15.61 -29.17
N CYS C 294 -11.17 -14.46 -28.77
CA CYS C 294 -10.81 -13.81 -27.52
C CYS C 294 -11.96 -14.01 -26.54
N CYS C 295 -11.63 -14.42 -25.30
CA CYS C 295 -12.63 -14.44 -24.24
C CYS C 295 -13.24 -13.06 -24.03
N THR C 296 -12.45 -12.01 -24.29
CA THR C 296 -12.90 -10.63 -24.19
C THR C 296 -13.69 -10.18 -25.41
N ALA C 297 -14.18 -11.10 -26.23
CA ALA C 297 -14.92 -10.72 -27.43
C ALA C 297 -16.21 -10.01 -27.06
N GLY C 298 -16.44 -8.86 -27.68
CA GLY C 298 -17.66 -8.10 -27.48
C GLY C 298 -18.81 -8.60 -28.33
N SER C 299 -19.19 -9.86 -28.14
CA SER C 299 -20.18 -10.53 -28.97
C SER C 299 -21.60 -10.07 -28.70
N ARG C 300 -21.79 -9.04 -27.87
CA ARG C 300 -23.12 -8.49 -27.58
C ARG C 300 -23.02 -6.97 -27.71
N ILE C 301 -23.03 -6.50 -28.95
CA ILE C 301 -22.90 -5.07 -29.24
C ILE C 301 -24.28 -4.42 -29.10
N PHE C 302 -24.43 -3.58 -28.08
CA PHE C 302 -25.66 -2.83 -27.85
C PHE C 302 -25.48 -1.43 -28.41
N VAL C 303 -26.34 -1.06 -29.37
CA VAL C 303 -26.26 0.23 -30.05
C VAL C 303 -27.52 1.02 -29.76
N GLU C 304 -27.36 2.30 -29.46
CA GLU C 304 -28.50 3.16 -29.20
C GLU C 304 -29.40 3.24 -30.42
N GLU C 305 -30.70 3.42 -30.16
CA GLU C 305 -31.70 3.32 -31.22
C GLU C 305 -31.45 4.33 -32.33
N SER C 306 -31.07 5.56 -31.98
CA SER C 306 -30.96 6.64 -32.96
C SER C 306 -29.90 6.36 -34.01
N ILE C 307 -28.94 5.48 -33.73
CA ILE C 307 -27.79 5.23 -34.59
C ILE C 307 -27.70 3.76 -35.02
N TYR C 308 -28.72 2.97 -34.71
CA TYR C 308 -28.62 1.52 -34.88
C TYR C 308 -28.44 1.13 -36.34
N GLU C 309 -29.45 1.42 -37.17
CA GLU C 309 -29.41 0.99 -38.56
C GLU C 309 -28.23 1.58 -39.31
N GLU C 310 -27.77 2.77 -38.91
CA GLU C 310 -26.56 3.32 -39.51
C GLU C 310 -25.31 2.58 -39.02
N PHE C 311 -25.29 2.22 -37.73
CA PHE C 311 -24.18 1.43 -37.21
C PHE C 311 -24.11 0.08 -37.89
N VAL C 312 -25.27 -0.54 -38.15
CA VAL C 312 -25.29 -1.84 -38.81
C VAL C 312 -24.67 -1.74 -40.20
N ARG C 313 -24.95 -0.65 -40.93
CA ARG C 313 -24.46 -0.51 -42.29
C ARG C 313 -22.94 -0.43 -42.33
N ARG C 314 -22.35 0.44 -41.49
CA ARG C 314 -20.90 0.55 -41.47
C ARG C 314 -20.26 -0.74 -40.98
N SER C 315 -20.85 -1.37 -39.97
CA SER C 315 -20.34 -2.65 -39.50
C SER C 315 -20.38 -3.70 -40.60
N VAL C 316 -21.43 -3.69 -41.41
CA VAL C 316 -21.53 -4.62 -42.52
C VAL C 316 -20.46 -4.33 -43.56
N GLU C 317 -20.29 -3.04 -43.92
CA GLU C 317 -19.31 -2.67 -44.93
C GLU C 317 -17.89 -3.04 -44.51
N ARG C 318 -17.57 -2.81 -43.24
CA ARG C 318 -16.24 -3.17 -42.75
C ARG C 318 -16.03 -4.67 -42.72
N ALA C 319 -17.08 -5.44 -42.45
CA ALA C 319 -16.96 -6.89 -42.38
C ALA C 319 -16.65 -7.49 -43.76
N LYS C 320 -17.41 -7.08 -44.78
CA LYS C 320 -17.16 -7.57 -46.12
C LYS C 320 -15.79 -7.14 -46.64
N ARG C 321 -15.21 -6.08 -46.08
CA ARG C 321 -13.90 -5.61 -46.49
C ARG C 321 -12.75 -6.35 -45.80
N ARG C 322 -13.04 -7.10 -44.73
CA ARG C 322 -12.00 -7.74 -43.95
C ARG C 322 -11.33 -8.85 -44.77
N VAL C 323 -10.02 -8.74 -44.96
CA VAL C 323 -9.28 -9.68 -45.81
C VAL C 323 -9.00 -10.95 -45.03
N VAL C 324 -9.47 -12.08 -45.56
CA VAL C 324 -9.24 -13.40 -44.97
C VAL C 324 -8.29 -14.16 -45.88
N GLY C 325 -7.24 -14.72 -45.30
CA GLY C 325 -6.27 -15.45 -46.10
C GLY C 325 -5.16 -16.03 -45.27
N SER C 326 -4.05 -16.34 -45.94
CA SER C 326 -2.93 -17.01 -45.29
C SER C 326 -2.31 -16.08 -44.25
N PRO C 327 -2.00 -16.59 -43.05
CA PRO C 327 -1.41 -15.72 -42.02
C PRO C 327 -0.05 -15.16 -42.40
N PHE C 328 0.75 -15.91 -43.15
CA PHE C 328 2.05 -15.41 -43.60
C PHE C 328 1.93 -14.27 -44.60
N ASP C 329 0.73 -13.98 -45.10
CA ASP C 329 0.53 -12.92 -46.06
C ASP C 329 0.37 -11.58 -45.35
N PRO C 330 1.14 -10.55 -45.74
CA PRO C 330 1.09 -9.28 -45.01
C PRO C 330 -0.25 -8.56 -45.09
N THR C 331 -1.09 -8.87 -46.08
CA THR C 331 -2.39 -8.22 -46.21
C THR C 331 -3.49 -8.92 -45.43
N THR C 332 -3.17 -10.03 -44.75
CA THR C 332 -4.18 -10.83 -44.07
C THR C 332 -4.55 -10.20 -42.74
N GLU C 333 -5.82 -9.88 -42.57
CA GLU C 333 -6.33 -9.42 -41.29
C GLU C 333 -6.84 -10.58 -40.44
N GLN C 334 -7.56 -11.52 -41.03
CA GLN C 334 -8.17 -12.65 -40.33
C GLN C 334 -7.60 -13.95 -40.86
N GLY C 335 -7.19 -14.83 -39.94
CA GLY C 335 -6.72 -16.14 -40.30
C GLY C 335 -7.79 -17.19 -40.08
N PRO C 336 -7.38 -18.44 -39.92
CA PRO C 336 -8.34 -19.54 -39.70
C PRO C 336 -8.61 -19.78 -38.22
N GLN C 337 -9.66 -20.56 -37.97
CA GLN C 337 -9.94 -21.03 -36.62
C GLN C 337 -8.93 -22.11 -36.24
N ILE C 338 -8.98 -22.52 -34.96
CA ILE C 338 -7.88 -23.29 -34.41
C ILE C 338 -7.90 -24.74 -34.91
N ASP C 339 -9.08 -25.33 -35.07
CA ASP C 339 -9.15 -26.70 -35.55
C ASP C 339 -10.55 -26.99 -36.09
N LYS C 340 -10.81 -28.26 -36.39
CA LYS C 340 -12.06 -28.68 -37.00
C LYS C 340 -13.22 -28.62 -36.02
N LYS C 341 -12.98 -29.02 -34.76
CA LYS C 341 -14.03 -28.97 -33.75
C LYS C 341 -14.54 -27.56 -33.55
N GLN C 342 -13.63 -26.58 -33.47
CA GLN C 342 -14.05 -25.19 -33.33
C GLN C 342 -14.74 -24.68 -34.57
N TYR C 343 -14.26 -25.11 -35.75
CA TYR C 343 -14.86 -24.69 -37.02
C TYR C 343 -16.32 -25.11 -37.09
N ASN C 344 -16.64 -26.31 -36.60
CA ASN C 344 -18.00 -26.82 -36.70
C ASN C 344 -18.93 -26.13 -35.70
N LYS C 345 -18.45 -25.87 -34.49
CA LYS C 345 -19.32 -25.27 -33.48
C LYS C 345 -19.76 -23.87 -33.88
N ILE C 346 -18.89 -23.12 -34.56
CA ILE C 346 -19.25 -21.77 -34.99
C ILE C 346 -20.41 -21.82 -35.98
N LEU C 347 -20.28 -22.64 -37.03
CA LEU C 347 -21.33 -22.71 -38.04
C LEU C 347 -22.63 -23.24 -37.45
N GLU C 348 -22.54 -24.19 -36.51
CA GLU C 348 -23.74 -24.68 -35.84
C GLU C 348 -24.40 -23.61 -35.00
N LEU C 349 -23.64 -22.59 -34.56
CA LEU C 349 -24.24 -21.44 -33.90
C LEU C 349 -24.67 -20.37 -34.89
N ILE C 350 -23.97 -20.25 -36.03
CA ILE C 350 -24.42 -19.35 -37.09
C ILE C 350 -25.76 -19.81 -37.64
N GLN C 351 -25.92 -21.12 -37.83
CA GLN C 351 -27.22 -21.66 -38.24
C GLN C 351 -28.26 -21.55 -37.14
N SER C 352 -27.84 -21.49 -35.87
CA SER C 352 -28.78 -21.24 -34.78
C SER C 352 -29.40 -19.86 -34.91
N GLY C 353 -28.61 -18.87 -35.36
CA GLY C 353 -29.12 -17.52 -35.45
C GLY C 353 -30.12 -17.33 -36.57
N VAL C 354 -29.91 -17.98 -37.71
CA VAL C 354 -30.82 -17.81 -38.84
C VAL C 354 -32.08 -18.66 -38.65
N ALA C 355 -31.97 -19.80 -37.97
CA ALA C 355 -33.16 -20.58 -37.65
C ALA C 355 -34.07 -19.83 -36.70
N GLU C 356 -33.56 -18.84 -35.99
CA GLU C 356 -34.34 -17.94 -35.16
C GLU C 356 -34.41 -16.57 -35.84
N GLY C 357 -34.81 -15.55 -35.08
CA GLY C 357 -35.21 -14.29 -35.68
C GLY C 357 -34.07 -13.46 -36.29
N ALA C 358 -32.82 -13.77 -35.94
CA ALA C 358 -31.71 -12.90 -36.31
C ALA C 358 -31.55 -12.78 -37.82
N LYS C 359 -31.15 -11.59 -38.26
CA LYS C 359 -30.95 -11.29 -39.67
C LYS C 359 -29.46 -11.37 -40.00
N LEU C 360 -29.12 -12.24 -40.96
CA LEU C 360 -27.73 -12.43 -41.36
C LEU C 360 -27.40 -11.46 -42.49
N GLU C 361 -26.43 -10.57 -42.23
CA GLU C 361 -26.12 -9.49 -43.15
C GLU C 361 -24.98 -9.81 -44.12
N CYS C 362 -24.09 -10.73 -43.77
CA CYS C 362 -22.97 -11.09 -44.64
C CYS C 362 -22.33 -12.36 -44.09
N GLY C 363 -21.52 -13.00 -44.94
CA GLY C 363 -20.81 -14.19 -44.53
C GLY C 363 -21.76 -15.34 -44.23
N GLY C 364 -21.45 -16.08 -43.17
CA GLY C 364 -22.31 -17.14 -42.69
C GLY C 364 -21.87 -18.54 -43.02
N LYS C 365 -20.83 -18.71 -43.86
CA LYS C 365 -20.38 -20.04 -44.28
C LYS C 365 -18.87 -20.07 -44.28
N GLY C 366 -18.33 -21.26 -44.59
CA GLY C 366 -16.89 -21.42 -44.72
C GLY C 366 -16.37 -20.87 -46.04
N LEU C 367 -15.05 -20.90 -46.18
CA LEU C 367 -14.38 -20.29 -47.33
C LEU C 367 -13.94 -21.28 -48.38
N GLY C 368 -13.36 -22.42 -47.98
CA GLY C 368 -12.90 -23.40 -48.95
C GLY C 368 -12.73 -24.78 -48.37
N ARG C 369 -11.53 -25.35 -48.50
CA ARG C 369 -11.25 -26.67 -47.92
C ARG C 369 -10.01 -26.62 -47.03
N LYS C 370 -8.89 -26.11 -47.57
CA LYS C 370 -7.68 -26.00 -46.77
C LYS C 370 -7.90 -25.00 -45.64
N GLY C 371 -7.49 -25.37 -44.44
CA GLY C 371 -7.70 -24.53 -43.28
C GLY C 371 -9.15 -24.49 -42.85
N PHE C 372 -9.37 -23.80 -41.74
CA PHE C 372 -10.72 -23.66 -41.19
C PHE C 372 -11.16 -22.21 -41.22
N PHE C 373 -11.16 -21.62 -42.41
CA PHE C 373 -11.52 -20.22 -42.57
C PHE C 373 -13.04 -20.06 -42.60
N ILE C 374 -13.53 -19.04 -41.90
CA ILE C 374 -14.95 -18.73 -41.85
C ILE C 374 -15.15 -17.29 -42.28
N GLU C 375 -16.16 -17.06 -43.12
CA GLU C 375 -16.43 -15.72 -43.62
C GLU C 375 -16.72 -14.77 -42.45
N PRO C 376 -16.24 -13.53 -42.52
CA PRO C 376 -16.69 -12.53 -41.54
C PRO C 376 -18.20 -12.38 -41.58
N THR C 377 -18.83 -12.52 -40.42
CA THR C 377 -20.27 -12.67 -40.31
C THR C 377 -20.84 -11.59 -39.40
N VAL C 378 -21.94 -10.97 -39.83
CA VAL C 378 -22.63 -9.94 -39.06
C VAL C 378 -24.10 -10.31 -38.95
N PHE C 379 -24.60 -10.33 -37.73
CA PHE C 379 -26.01 -10.58 -37.45
C PHE C 379 -26.65 -9.29 -36.95
N SER C 380 -27.81 -8.96 -37.49
CA SER C 380 -28.60 -7.83 -37.04
C SER C 380 -29.85 -8.31 -36.31
N ASN C 381 -30.50 -7.38 -35.63
CA ASN C 381 -31.77 -7.63 -34.92
C ASN C 381 -31.69 -8.89 -34.07
N VAL C 382 -30.71 -8.92 -33.19
CA VAL C 382 -30.53 -10.02 -32.25
C VAL C 382 -31.25 -9.67 -30.96
N THR C 383 -31.95 -10.65 -30.38
CA THR C 383 -32.62 -10.47 -29.10
C THR C 383 -31.98 -11.38 -28.05
N ASP C 384 -32.27 -11.08 -26.79
CA ASP C 384 -31.59 -11.75 -25.68
C ASP C 384 -31.96 -13.23 -25.57
N ASP C 385 -33.07 -13.65 -26.16
CA ASP C 385 -33.52 -15.03 -26.02
C ASP C 385 -32.74 -16.00 -26.89
N MET C 386 -32.12 -15.52 -27.97
CA MET C 386 -31.49 -16.39 -28.94
C MET C 386 -30.29 -17.12 -28.33
N ARG C 387 -30.06 -18.35 -28.81
CA ARG C 387 -28.86 -19.08 -28.42
C ARG C 387 -27.60 -18.34 -28.82
N ILE C 388 -27.66 -17.57 -29.91
CA ILE C 388 -26.48 -16.85 -30.39
C ILE C 388 -26.08 -15.73 -29.45
N ALA C 389 -26.99 -15.25 -28.61
CA ALA C 389 -26.70 -14.19 -27.65
C ALA C 389 -26.39 -14.71 -26.26
N LYS C 390 -26.61 -16.01 -26.00
CA LYS C 390 -26.37 -16.60 -24.70
C LYS C 390 -25.13 -17.50 -24.64
N GLU C 391 -24.60 -17.89 -25.79
CA GLU C 391 -23.50 -18.85 -25.85
C GLU C 391 -22.28 -18.21 -26.51
N GLU C 392 -21.10 -18.59 -26.03
CA GLU C 392 -19.85 -17.97 -26.48
C GLU C 392 -19.50 -18.47 -27.87
N ILE C 393 -19.38 -17.54 -28.82
CA ILE C 393 -18.95 -17.86 -30.18
C ILE C 393 -17.51 -17.40 -30.31
N PHE C 394 -16.58 -18.35 -30.29
CA PHE C 394 -15.16 -18.09 -30.53
C PHE C 394 -14.87 -18.08 -32.03
N GLY C 395 -15.50 -17.11 -32.70
CA GLY C 395 -15.34 -16.95 -34.12
C GLY C 395 -15.64 -15.54 -34.58
N PRO C 396 -15.50 -15.30 -35.89
CA PRO C 396 -15.73 -13.96 -36.44
C PRO C 396 -17.21 -13.69 -36.71
N VAL C 397 -18.01 -13.73 -35.66
CA VAL C 397 -19.46 -13.55 -35.74
C VAL C 397 -19.84 -12.38 -34.84
N GLN C 398 -20.26 -11.28 -35.45
CA GLN C 398 -20.57 -10.04 -34.74
C GLN C 398 -22.08 -9.84 -34.68
N GLU C 399 -22.62 -9.77 -33.47
CA GLU C 399 -24.04 -9.59 -33.24
C GLU C 399 -24.29 -8.15 -32.79
N ILE C 400 -25.31 -7.52 -33.37
CA ILE C 400 -25.64 -6.12 -33.10
C ILE C 400 -27.06 -6.07 -32.57
N LEU C 401 -27.20 -5.74 -31.29
CA LEU C 401 -28.49 -5.55 -30.65
C LEU C 401 -28.84 -4.07 -30.63
N ARG C 402 -30.02 -3.75 -30.10
CA ARG C 402 -30.54 -2.39 -30.09
C ARG C 402 -31.16 -2.08 -28.74
N PHE C 403 -30.88 -0.88 -28.22
CA PHE C 403 -31.44 -0.45 -26.95
C PHE C 403 -31.91 1.00 -27.07
N LYS C 404 -32.70 1.43 -26.08
CA LYS C 404 -33.29 2.76 -26.06
C LYS C 404 -32.80 3.59 -24.89
N THR C 405 -32.90 3.08 -23.67
CA THR C 405 -32.56 3.82 -22.46
C THR C 405 -31.32 3.24 -21.79
N MET C 406 -30.73 4.04 -20.89
CA MET C 406 -29.54 3.61 -20.18
C MET C 406 -29.87 2.51 -19.17
N ASP C 407 -30.93 2.71 -18.39
CA ASP C 407 -31.32 1.71 -17.40
C ASP C 407 -31.65 0.37 -18.07
N GLU C 408 -32.09 0.40 -19.33
CA GLU C 408 -32.39 -0.83 -20.03
C GLU C 408 -31.11 -1.60 -20.36
N VAL C 409 -30.12 -0.92 -20.94
CA VAL C 409 -28.93 -1.61 -21.43
C VAL C 409 -28.05 -2.07 -20.28
N ILE C 410 -28.10 -1.39 -19.13
CA ILE C 410 -27.38 -1.88 -17.95
C ILE C 410 -28.01 -3.18 -17.46
N GLU C 411 -29.33 -3.24 -17.44
CA GLU C 411 -30.03 -4.47 -17.05
C GLU C 411 -29.70 -5.62 -18.01
N ARG C 412 -29.69 -5.35 -19.31
CA ARG C 412 -29.46 -6.41 -20.29
C ARG C 412 -28.01 -6.89 -20.26
N ALA C 413 -27.07 -5.96 -20.10
CA ALA C 413 -25.66 -6.34 -20.09
C ALA C 413 -25.31 -7.17 -18.86
N ASN C 414 -25.90 -6.83 -17.71
CA ASN C 414 -25.59 -7.54 -16.47
C ASN C 414 -26.29 -8.88 -16.36
N ASN C 415 -27.30 -9.14 -17.18
CA ASN C 415 -28.05 -10.39 -17.13
C ASN C 415 -27.19 -11.49 -17.77
N SER C 416 -26.35 -12.10 -16.94
CA SER C 416 -25.44 -13.15 -17.39
C SER C 416 -24.76 -13.78 -16.19
N ASP C 417 -24.58 -15.10 -16.22
CA ASP C 417 -23.73 -15.76 -15.24
C ASP C 417 -22.27 -15.37 -15.44
N PHE C 418 -21.90 -14.98 -16.64
CA PHE C 418 -20.56 -14.49 -16.91
C PHE C 418 -20.46 -13.02 -16.53
N GLY C 419 -19.27 -12.46 -16.72
CA GLY C 419 -19.02 -11.07 -16.40
C GLY C 419 -17.55 -10.76 -16.39
N LEU C 420 -16.87 -11.04 -17.49
CA LEU C 420 -15.43 -10.84 -17.52
C LEU C 420 -15.05 -9.41 -17.91
N VAL C 421 -15.80 -8.80 -18.82
CA VAL C 421 -15.35 -7.60 -19.51
C VAL C 421 -16.60 -6.84 -19.99
N ALA C 422 -16.48 -5.52 -20.07
CA ALA C 422 -17.51 -4.70 -20.69
C ALA C 422 -16.88 -3.44 -21.26
N ALA C 423 -17.59 -2.81 -22.20
CA ALA C 423 -17.10 -1.59 -22.83
C ALA C 423 -18.26 -0.61 -23.02
N VAL C 424 -17.93 0.68 -22.96
CA VAL C 424 -18.89 1.76 -23.16
C VAL C 424 -18.26 2.80 -24.07
N PHE C 425 -19.01 3.27 -25.06
CA PHE C 425 -18.55 4.30 -25.98
C PHE C 425 -19.50 5.49 -25.88
N THR C 426 -19.02 6.57 -25.25
CA THR C 426 -19.81 7.78 -25.08
C THR C 426 -18.88 8.92 -24.71
N ASN C 427 -19.29 10.13 -25.04
CA ASN C 427 -18.56 11.34 -24.66
C ASN C 427 -19.17 12.04 -23.45
N ASP C 428 -20.29 11.54 -22.93
CA ASP C 428 -20.93 12.09 -21.76
C ASP C 428 -20.33 11.46 -20.52
N ILE C 429 -19.80 12.28 -19.62
CA ILE C 429 -19.08 11.76 -18.45
C ILE C 429 -20.03 11.08 -17.47
N ASN C 430 -21.28 11.53 -17.40
CA ASN C 430 -22.19 11.00 -16.39
C ASN C 430 -22.63 9.58 -16.73
N LYS C 431 -23.08 9.34 -17.96
CA LYS C 431 -23.48 7.99 -18.33
C LYS C 431 -22.28 7.07 -18.46
N ALA C 432 -21.10 7.61 -18.78
CA ALA C 432 -19.89 6.80 -18.81
C ALA C 432 -19.57 6.28 -17.42
N LEU C 433 -19.63 7.14 -16.42
CA LEU C 433 -19.29 6.72 -15.05
C LEU C 433 -20.40 5.88 -14.45
N THR C 434 -21.66 6.20 -14.75
CA THR C 434 -22.77 5.43 -14.19
C THR C 434 -22.79 4.02 -14.76
N VAL C 435 -22.61 3.87 -16.07
CA VAL C 435 -22.63 2.55 -16.69
C VAL C 435 -21.42 1.74 -16.24
N SER C 436 -20.22 2.34 -16.29
CA SER C 436 -19.00 1.62 -15.93
C SER C 436 -19.03 1.16 -14.48
N SER C 437 -19.67 1.93 -13.59
CA SER C 437 -19.77 1.52 -12.20
C SER C 437 -20.83 0.45 -12.00
N ALA C 438 -21.89 0.45 -12.81
CA ALA C 438 -22.98 -0.51 -12.67
C ALA C 438 -22.67 -1.86 -13.31
N MET C 439 -21.62 -1.95 -14.12
CA MET C 439 -21.30 -3.20 -14.78
C MET C 439 -20.84 -4.25 -13.77
N GLN C 440 -21.20 -5.51 -14.06
CA GLN C 440 -20.76 -6.65 -13.25
C GLN C 440 -19.65 -7.39 -14.00
N ALA C 441 -18.52 -6.69 -14.15
CA ALA C 441 -17.38 -7.24 -14.86
C ALA C 441 -16.10 -6.73 -14.22
N GLY C 442 -15.02 -7.50 -14.37
CA GLY C 442 -13.76 -7.11 -13.78
C GLY C 442 -13.02 -6.03 -14.52
N THR C 443 -13.32 -5.82 -15.80
CA THR C 443 -12.69 -4.78 -16.60
C THR C 443 -13.76 -4.05 -17.39
N VAL C 444 -13.75 -2.72 -17.30
CA VAL C 444 -14.66 -1.88 -18.08
C VAL C 444 -13.80 -0.91 -18.89
N TRP C 445 -14.00 -0.91 -20.20
CA TRP C 445 -13.31 0.00 -21.10
C TRP C 445 -14.26 1.11 -21.53
N ILE C 446 -13.76 2.34 -21.53
CA ILE C 446 -14.55 3.52 -21.92
C ILE C 446 -13.87 4.16 -23.10
N ASN C 447 -14.56 4.17 -24.25
CA ASN C 447 -14.05 4.75 -25.50
C ASN C 447 -12.78 4.03 -25.98
N CYS C 448 -12.72 2.72 -25.73
CA CYS C 448 -11.69 1.85 -26.25
C CYS C 448 -12.18 0.42 -26.05
N TYR C 449 -11.40 -0.55 -26.55
CA TYR C 449 -11.75 -1.93 -26.24
C TYR C 449 -10.55 -2.73 -25.76
N ASN C 450 -10.11 -3.72 -26.55
CA ASN C 450 -9.14 -4.72 -26.11
C ASN C 450 -7.82 -4.12 -25.63
N ALA C 451 -7.90 -3.07 -24.81
CA ALA C 451 -6.72 -2.35 -24.33
C ALA C 451 -6.28 -2.95 -22.99
N LEU C 452 -5.56 -4.06 -23.07
CA LEU C 452 -4.92 -4.67 -21.93
C LEU C 452 -3.47 -4.20 -21.85
N ASN C 453 -2.89 -4.27 -20.65
CA ASN C 453 -1.53 -3.82 -20.43
C ASN C 453 -0.83 -4.77 -19.47
N ALA C 454 0.50 -4.64 -19.40
CA ALA C 454 1.27 -5.42 -18.44
C ALA C 454 0.86 -5.07 -17.03
N GLN C 455 0.59 -3.79 -16.78
CA GLN C 455 -0.02 -3.35 -15.53
C GLN C 455 -1.49 -3.77 -15.56
N SER C 456 -2.29 -3.22 -14.64
CA SER C 456 -3.76 -3.30 -14.65
C SER C 456 -4.31 -4.72 -14.59
N PRO C 457 -5.03 -5.09 -13.52
CA PRO C 457 -5.51 -6.47 -13.37
C PRO C 457 -6.55 -6.94 -14.38
N PHE C 458 -7.11 -8.13 -14.12
CA PHE C 458 -7.88 -8.95 -15.07
C PHE C 458 -8.09 -10.31 -14.41
N GLY C 459 -9.28 -10.93 -14.47
CA GLY C 459 -10.40 -10.58 -15.34
C GLY C 459 -11.47 -9.62 -14.84
N GLY C 460 -12.54 -10.08 -14.18
CA GLY C 460 -12.83 -11.49 -13.91
C GLY C 460 -13.91 -11.70 -12.85
N PHE C 461 -15.16 -11.35 -13.16
CA PHE C 461 -16.29 -11.37 -12.22
C PHE C 461 -17.12 -12.64 -12.36
N LYS C 462 -17.90 -12.92 -11.32
CA LYS C 462 -19.01 -13.91 -11.32
C LYS C 462 -18.46 -15.27 -11.75
N MET C 463 -19.16 -15.99 -12.63
CA MET C 463 -18.71 -17.29 -13.13
C MET C 463 -17.73 -17.16 -14.28
N SER C 464 -17.04 -16.03 -14.40
CA SER C 464 -16.02 -15.83 -15.41
C SER C 464 -14.60 -15.92 -14.86
N GLY C 465 -14.44 -16.09 -13.55
CA GLY C 465 -13.10 -16.19 -13.01
C GLY C 465 -13.00 -16.21 -11.49
N ASN C 466 -11.83 -16.62 -11.01
CA ASN C 466 -11.47 -16.60 -9.59
C ASN C 466 -10.12 -15.93 -9.46
N GLY C 467 -10.06 -14.82 -8.73
CA GLY C 467 -8.81 -14.10 -8.58
C GLY C 467 -8.51 -13.18 -9.74
N ARG C 468 -7.27 -12.69 -9.77
CA ARG C 468 -6.86 -11.71 -10.76
C ARG C 468 -5.43 -11.96 -11.21
N GLU C 469 -5.18 -11.72 -12.49
CA GLU C 469 -3.85 -11.70 -13.07
C GLU C 469 -3.48 -10.27 -13.47
N MET C 470 -2.20 -10.08 -13.78
CA MET C 470 -1.67 -8.80 -14.26
C MET C 470 -1.72 -7.72 -13.19
N GLY C 471 -0.95 -6.64 -13.38
CA GLY C 471 -0.84 -5.61 -12.39
C GLY C 471 -0.15 -6.12 -11.13
N GLU C 472 -0.26 -5.32 -10.07
CA GLU C 472 0.26 -5.75 -8.78
C GLU C 472 -0.59 -6.85 -8.17
N PHE C 473 -1.91 -6.81 -8.41
CA PHE C 473 -2.81 -7.77 -7.79
C PHE C 473 -2.60 -9.18 -8.31
N GLY C 474 -2.04 -9.33 -9.52
CA GLY C 474 -1.65 -10.65 -9.99
C GLY C 474 -0.59 -11.30 -9.13
N LEU C 475 0.20 -10.49 -8.41
CA LEU C 475 1.19 -11.06 -7.49
C LEU C 475 0.52 -11.63 -6.25
N ARG C 476 -0.62 -11.06 -5.83
CA ARG C 476 -1.32 -11.55 -4.65
C ARG C 476 -1.72 -13.02 -4.80
N GLU C 477 -1.95 -13.46 -6.04
CA GLU C 477 -2.36 -14.83 -6.29
C GLU C 477 -1.20 -15.82 -6.12
N TYR C 478 0.05 -15.34 -6.14
CA TYR C 478 1.21 -16.22 -6.12
C TYR C 478 2.06 -16.05 -4.86
N SER C 479 1.50 -15.50 -3.79
CA SER C 479 2.20 -15.37 -2.53
C SER C 479 1.31 -15.85 -1.39
N GLU C 480 1.95 -16.27 -0.31
CA GLU C 480 1.26 -16.65 0.92
C GLU C 480 1.80 -15.82 2.07
N VAL C 481 0.90 -15.28 2.88
CA VAL C 481 1.26 -14.40 3.98
C VAL C 481 1.62 -15.23 5.21
N LYS C 482 2.73 -14.88 5.85
CA LYS C 482 3.10 -15.46 7.14
C LYS C 482 3.27 -14.34 8.15
N THR C 483 2.47 -14.38 9.21
CA THR C 483 2.56 -13.39 10.28
C THR C 483 3.51 -13.90 11.35
N VAL C 484 4.43 -13.04 11.77
CA VAL C 484 5.38 -13.36 12.84
C VAL C 484 5.19 -12.34 13.95
N THR C 485 4.87 -12.82 15.14
CA THR C 485 4.65 -11.98 16.31
C THR C 485 5.72 -12.29 17.34
N VAL C 486 6.46 -11.27 17.75
CA VAL C 486 7.57 -11.41 18.69
C VAL C 486 7.21 -10.70 19.98
N LYS C 487 7.28 -11.43 21.10
CA LYS C 487 7.05 -10.83 22.40
C LYS C 487 8.22 -9.92 22.78
N ILE C 488 7.91 -8.70 23.21
CA ILE C 488 8.94 -7.72 23.54
C ILE C 488 8.70 -7.22 24.95
N PRO C 489 9.73 -6.67 25.60
CA PRO C 489 9.58 -6.25 27.01
C PRO C 489 8.52 -5.17 27.25
N GLN C 490 8.49 -4.09 26.46
CA GLN C 490 7.57 -3.01 26.81
C GLN C 490 6.83 -2.40 25.62
N LYS C 491 7.54 -2.06 24.54
CA LYS C 491 6.97 -1.39 23.36
C LYS C 491 6.53 0.04 23.66
N ASN C 492 6.91 0.97 22.79
CA ASN C 492 6.48 2.36 22.91
C ASN C 492 5.99 2.90 21.57
N SER C 493 6.40 4.13 21.25
CA SER C 493 5.95 4.85 20.05
C SER C 493 4.44 5.04 20.05
N PRO D 2 -16.39 -9.27 37.75
CA PRO D 2 -17.67 -9.62 37.11
C PRO D 2 -18.11 -11.02 37.47
N SER D 3 -19.42 -11.21 37.51
CA SER D 3 -20.01 -12.48 37.88
C SER D 3 -20.98 -12.94 36.79
N PRO D 4 -21.21 -14.25 36.67
CA PRO D 4 -22.18 -14.74 35.69
C PRO D 4 -23.55 -14.10 35.92
N THR D 5 -24.26 -13.88 34.82
CA THR D 5 -25.60 -13.31 34.91
C THR D 5 -26.49 -14.24 35.72
N PRO D 6 -27.17 -13.75 36.75
CA PRO D 6 -28.09 -14.60 37.51
C PRO D 6 -29.11 -15.26 36.61
N ASN D 7 -29.38 -16.55 36.89
CA ASN D 7 -30.31 -17.41 36.15
C ASN D 7 -30.13 -17.37 34.63
N LEU D 8 -30.24 -16.18 34.03
CA LEU D 8 -30.10 -15.96 32.59
C LEU D 8 -31.19 -16.66 31.78
N GLU D 9 -32.04 -15.87 31.13
CA GLU D 9 -33.04 -16.39 30.22
C GLU D 9 -32.51 -16.36 28.79
N ILE D 10 -32.78 -17.42 28.04
CA ILE D 10 -32.40 -17.51 26.63
C ILE D 10 -33.60 -17.00 25.83
N LYS D 11 -33.54 -15.74 25.42
CA LYS D 11 -34.70 -15.07 24.83
C LYS D 11 -34.79 -15.24 23.32
N TYR D 12 -33.66 -15.38 22.63
CA TYR D 12 -33.63 -15.39 21.17
C TYR D 12 -33.30 -16.79 20.69
N THR D 13 -34.33 -17.52 20.25
CA THR D 13 -34.19 -18.90 19.80
C THR D 13 -34.73 -19.11 18.40
N LYS D 14 -35.02 -18.05 17.66
CA LYS D 14 -35.65 -18.13 16.36
C LYS D 14 -34.64 -17.83 15.25
N ILE D 15 -35.08 -18.04 14.02
CA ILE D 15 -34.26 -17.75 12.84
C ILE D 15 -34.35 -16.27 12.53
N PHE D 16 -33.20 -15.66 12.24
CA PHE D 16 -33.09 -14.22 12.06
C PHE D 16 -32.91 -13.93 10.57
N ILE D 17 -33.99 -13.45 9.93
CA ILE D 17 -34.00 -13.14 8.50
C ILE D 17 -34.72 -11.81 8.31
N ASN D 18 -34.10 -10.91 7.54
CA ASN D 18 -34.68 -9.60 7.23
C ASN D 18 -35.02 -8.83 8.51
N ASN D 19 -34.17 -8.97 9.53
CA ASN D 19 -34.35 -8.31 10.82
C ASN D 19 -35.62 -8.75 11.53
N GLU D 20 -36.09 -9.97 11.25
CA GLU D 20 -37.29 -10.50 11.87
C GLU D 20 -37.04 -11.92 12.35
N TRP D 21 -37.68 -12.27 13.46
CA TRP D 21 -37.54 -13.60 14.04
C TRP D 21 -38.60 -14.53 13.45
N GLN D 22 -38.15 -15.59 12.80
CA GLN D 22 -39.04 -16.52 12.12
C GLN D 22 -38.93 -17.91 12.74
N ASN D 23 -40.00 -18.68 12.58
CA ASN D 23 -39.96 -20.10 12.86
C ASN D 23 -39.36 -20.84 11.68
N SER D 24 -38.93 -22.08 11.92
CA SER D 24 -38.46 -22.92 10.83
C SER D 24 -39.61 -23.22 9.88
N GLU D 25 -39.26 -23.42 8.60
CA GLU D 25 -40.27 -23.71 7.60
C GLU D 25 -40.96 -25.04 7.87
N SER D 26 -40.25 -25.99 8.48
CA SER D 26 -40.81 -27.29 8.81
C SER D 26 -41.44 -27.34 10.19
N GLY D 27 -41.21 -26.33 11.03
CA GLY D 27 -41.70 -26.34 12.40
C GLY D 27 -40.83 -27.11 13.36
N ARG D 28 -39.69 -27.65 12.92
CA ARG D 28 -38.84 -28.44 13.78
C ARG D 28 -37.94 -27.54 14.62
N VAL D 29 -37.62 -28.01 15.84
CA VAL D 29 -36.65 -27.38 16.71
C VAL D 29 -35.57 -28.41 17.05
N PHE D 30 -34.44 -27.92 17.53
CA PHE D 30 -33.39 -28.82 17.99
C PHE D 30 -32.87 -28.35 19.34
N PRO D 31 -32.48 -29.29 20.21
CA PRO D 31 -32.08 -28.91 21.57
C PRO D 31 -30.64 -28.39 21.62
N VAL D 32 -30.40 -27.55 22.63
CA VAL D 32 -29.08 -27.03 22.95
C VAL D 32 -28.76 -27.42 24.38
N TYR D 33 -27.54 -27.90 24.62
CA TYR D 33 -27.19 -28.49 25.91
C TYR D 33 -26.09 -27.70 26.60
N ASN D 34 -26.02 -27.90 27.92
CA ASN D 34 -24.93 -27.40 28.74
C ASN D 34 -23.87 -28.49 28.84
N PRO D 35 -22.68 -28.32 28.26
CA PRO D 35 -21.69 -29.41 28.27
C PRO D 35 -21.12 -29.73 29.64
N ALA D 36 -21.32 -28.86 30.64
CA ALA D 36 -20.81 -29.15 31.98
C ALA D 36 -21.72 -30.06 32.78
N THR D 37 -22.98 -30.21 32.37
CA THR D 37 -23.94 -31.02 33.10
C THR D 37 -24.75 -31.95 32.20
N GLY D 38 -24.64 -31.84 30.88
CA GLY D 38 -25.45 -32.62 29.98
C GLY D 38 -26.92 -32.24 29.93
N GLU D 39 -27.35 -31.28 30.74
CA GLU D 39 -28.76 -30.90 30.77
C GLU D 39 -29.10 -30.00 29.60
N GLN D 40 -30.37 -30.06 29.18
CA GLN D 40 -30.83 -29.29 28.04
C GLN D 40 -31.10 -27.85 28.45
N VAL D 41 -30.54 -26.91 27.69
CA VAL D 41 -30.72 -25.50 28.01
C VAL D 41 -32.01 -24.96 27.40
N CYS D 42 -32.21 -25.18 26.10
CA CYS D 42 -33.38 -24.66 25.40
C CYS D 42 -33.51 -25.39 24.07
N GLU D 43 -34.47 -24.96 23.26
CA GLU D 43 -34.68 -25.46 21.91
C GLU D 43 -34.66 -24.29 20.94
N VAL D 44 -34.15 -24.53 19.74
CA VAL D 44 -33.95 -23.49 18.73
C VAL D 44 -34.55 -23.96 17.41
N GLN D 45 -35.21 -23.05 16.71
CA GLN D 45 -35.72 -23.34 15.37
C GLN D 45 -34.60 -23.87 14.48
N GLU D 46 -34.88 -24.97 13.80
CA GLU D 46 -33.88 -25.65 12.96
C GLU D 46 -34.07 -25.21 11.51
N ALA D 47 -33.14 -24.40 11.01
CA ALA D 47 -33.18 -23.97 9.62
C ALA D 47 -32.74 -25.11 8.71
N ASP D 48 -33.40 -25.20 7.56
CA ASP D 48 -33.06 -26.21 6.55
C ASP D 48 -32.96 -25.49 5.21
N LYS D 49 -33.03 -26.28 4.12
CA LYS D 49 -32.85 -25.72 2.78
C LYS D 49 -33.88 -24.64 2.49
N ALA D 50 -35.11 -24.80 2.95
CA ALA D 50 -36.15 -23.82 2.67
C ALA D 50 -35.85 -22.48 3.33
N ASP D 51 -35.32 -22.51 4.56
CA ASP D 51 -35.00 -21.27 5.25
C ASP D 51 -33.77 -20.59 4.66
N ILE D 52 -32.79 -21.37 4.18
CA ILE D 52 -31.63 -20.79 3.54
C ILE D 52 -32.04 -20.01 2.30
N ASP D 53 -32.99 -20.55 1.53
CA ASP D 53 -33.45 -19.89 0.31
C ASP D 53 -34.11 -18.55 0.64
N LYS D 54 -34.88 -18.49 1.72
CA LYS D 54 -35.47 -17.22 2.13
C LYS D 54 -34.41 -16.23 2.59
N ALA D 55 -33.34 -16.72 3.21
CA ALA D 55 -32.28 -15.83 3.67
C ALA D 55 -31.46 -15.29 2.49
N VAL D 56 -31.16 -16.15 1.52
CA VAL D 56 -30.42 -15.71 0.35
C VAL D 56 -31.21 -14.68 -0.43
N GLN D 57 -32.53 -14.86 -0.52
CA GLN D 57 -33.38 -13.87 -1.19
C GLN D 57 -33.35 -12.54 -0.45
N ALA D 58 -33.44 -12.57 0.89
CA ALA D 58 -33.37 -11.33 1.65
C ALA D 58 -31.99 -10.69 1.53
N ALA D 59 -30.93 -11.51 1.53
CA ALA D 59 -29.59 -10.97 1.39
C ALA D 59 -29.36 -10.40 0.00
N ARG D 60 -29.93 -11.04 -1.03
CA ARG D 60 -29.77 -10.54 -2.39
C ARG D 60 -30.49 -9.22 -2.58
N LEU D 61 -31.69 -9.07 -2.00
CA LEU D 61 -32.43 -7.82 -2.14
C LEU D 61 -31.74 -6.69 -1.39
N ALA D 62 -31.19 -6.97 -0.20
CA ALA D 62 -30.47 -5.93 0.53
C ALA D 62 -29.23 -5.48 -0.23
N PHE D 63 -28.65 -6.36 -1.05
CA PHE D 63 -27.49 -6.03 -1.87
C PHE D 63 -27.87 -5.39 -3.20
N SER D 64 -29.16 -5.26 -3.49
CA SER D 64 -29.58 -4.72 -4.78
C SER D 64 -29.02 -3.32 -5.00
N LEU D 65 -28.65 -3.04 -6.25
CA LEU D 65 -28.18 -1.71 -6.62
C LEU D 65 -29.23 -0.67 -6.29
N GLY D 66 -28.83 0.38 -5.57
CA GLY D 66 -29.73 1.42 -5.14
C GLY D 66 -30.39 1.19 -3.80
N SER D 67 -30.12 0.06 -3.15
CA SER D 67 -30.68 -0.19 -1.84
C SER D 67 -29.96 0.66 -0.78
N VAL D 68 -30.50 0.62 0.44
CA VAL D 68 -29.93 1.41 1.54
C VAL D 68 -28.51 0.94 1.84
N TRP D 69 -28.30 -0.37 1.87
CA TRP D 69 -26.99 -0.91 2.23
C TRP D 69 -25.93 -0.59 1.17
N ARG D 70 -26.33 -0.44 -0.08
CA ARG D 70 -25.38 -0.14 -1.15
C ARG D 70 -25.17 1.35 -1.36
N ARG D 71 -26.19 2.17 -1.08
CA ARG D 71 -26.04 3.62 -1.22
C ARG D 71 -25.39 4.26 0.00
N MET D 72 -25.37 3.57 1.13
CA MET D 72 -24.83 4.11 2.37
C MET D 72 -23.35 4.45 2.20
N ASP D 73 -22.94 5.58 2.78
CA ASP D 73 -21.53 5.93 2.80
C ASP D 73 -20.72 4.82 3.44
N ALA D 74 -19.50 4.60 2.92
CA ALA D 74 -18.62 3.60 3.51
C ALA D 74 -18.37 3.90 4.99
N SER D 75 -18.22 5.18 5.34
CA SER D 75 -18.00 5.56 6.73
C SER D 75 -19.19 5.19 7.60
N GLU D 76 -20.41 5.22 7.04
CA GLU D 76 -21.59 4.89 7.82
C GLU D 76 -21.73 3.39 8.03
N ARG D 77 -21.17 2.58 7.13
CA ARG D 77 -21.05 1.15 7.40
C ARG D 77 -20.16 0.92 8.62
N GLY D 78 -19.08 1.71 8.75
CA GLY D 78 -18.23 1.58 9.90
C GLY D 78 -18.90 2.07 11.18
N ARG D 79 -19.72 3.12 11.08
CA ARG D 79 -20.45 3.59 12.24
C ARG D 79 -21.34 2.50 12.82
N LEU D 80 -21.99 1.72 11.95
CA LEU D 80 -22.83 0.63 12.42
C LEU D 80 -22.01 -0.43 13.16
N LEU D 81 -20.86 -0.80 12.61
CA LEU D 81 -19.96 -1.72 13.30
C LEU D 81 -19.51 -1.14 14.63
N ASP D 82 -19.30 0.19 14.67
CA ASP D 82 -18.93 0.85 15.92
C ASP D 82 -20.05 0.78 16.94
N LYS D 83 -21.30 0.91 16.48
CA LYS D 83 -22.44 0.80 17.40
C LYS D 83 -22.62 -0.62 17.88
N LEU D 84 -22.41 -1.60 17.01
CA LEU D 84 -22.52 -3.00 17.42
C LEU D 84 -21.51 -3.33 18.52
N ALA D 85 -20.29 -2.79 18.41
CA ALA D 85 -19.30 -3.02 19.46
C ALA D 85 -19.73 -2.38 20.77
N ASP D 86 -20.39 -1.22 20.72
CA ASP D 86 -20.91 -0.60 21.93
C ASP D 86 -21.99 -1.46 22.56
N LEU D 87 -22.87 -2.05 21.75
CA LEU D 87 -23.94 -2.88 22.29
C LEU D 87 -23.38 -4.17 22.88
N VAL D 88 -22.39 -4.78 22.23
CA VAL D 88 -21.76 -5.97 22.78
C VAL D 88 -21.07 -5.65 24.09
N GLU D 89 -20.45 -4.47 24.18
CA GLU D 89 -19.80 -4.06 25.43
C GLU D 89 -20.82 -3.82 26.52
N ARG D 90 -21.97 -3.24 26.17
CA ARG D 90 -23.03 -3.01 27.16
C ARG D 90 -23.55 -4.33 27.71
N ASP D 91 -23.67 -5.35 26.85
CA ASP D 91 -24.16 -6.67 27.24
C ASP D 91 -23.01 -7.68 27.32
N ARG D 92 -21.86 -7.25 27.83
CA ARG D 92 -20.69 -8.10 27.86
C ARG D 92 -20.88 -9.29 28.81
N ALA D 93 -21.53 -9.06 29.96
CA ALA D 93 -21.69 -10.12 30.94
C ALA D 93 -22.70 -11.17 30.46
N VAL D 94 -23.79 -10.74 29.83
CA VAL D 94 -24.81 -11.67 29.36
C VAL D 94 -24.24 -12.58 28.28
N LEU D 95 -23.49 -12.00 27.33
CA LEU D 95 -22.92 -12.82 26.26
C LEU D 95 -21.82 -13.73 26.79
N ALA D 96 -21.06 -13.27 27.78
CA ALA D 96 -20.05 -14.12 28.40
C ALA D 96 -20.69 -15.29 29.12
N THR D 97 -21.80 -15.05 29.82
CA THR D 97 -22.53 -16.13 30.48
C THR D 97 -23.07 -17.11 29.46
N MET D 98 -23.56 -16.61 28.33
CA MET D 98 -24.04 -17.50 27.27
C MET D 98 -22.91 -18.36 26.72
N GLU D 99 -21.74 -17.75 26.48
CA GLU D 99 -20.60 -18.52 25.98
C GLU D 99 -20.16 -19.57 26.99
N SER D 100 -20.22 -19.23 28.28
CA SER D 100 -19.82 -20.17 29.32
C SER D 100 -20.85 -21.29 29.47
N LEU D 101 -22.14 -20.93 29.51
CA LEU D 101 -23.18 -21.92 29.72
C LEU D 101 -23.31 -22.86 28.52
N ASN D 102 -23.29 -22.30 27.31
CA ASN D 102 -23.51 -23.08 26.09
C ASN D 102 -22.23 -23.69 25.55
N GLY D 103 -21.07 -23.08 25.82
CA GLY D 103 -19.83 -23.55 25.24
C GLY D 103 -18.89 -24.25 26.20
N GLY D 104 -19.15 -24.11 27.50
CA GLY D 104 -18.31 -24.73 28.51
C GLY D 104 -17.08 -23.95 28.91
N LYS D 105 -16.89 -22.75 28.35
CA LYS D 105 -15.72 -21.96 28.71
C LYS D 105 -15.86 -21.42 30.13
N PRO D 106 -14.75 -21.31 30.88
CA PRO D 106 -14.81 -20.61 32.16
C PRO D 106 -15.28 -19.17 31.94
N PHE D 107 -16.20 -18.73 32.81
CA PHE D 107 -16.85 -17.43 32.62
C PHE D 107 -15.84 -16.31 32.51
N LEU D 108 -14.85 -16.28 33.42
CA LEU D 108 -13.86 -15.22 33.39
C LEU D 108 -13.02 -15.26 32.12
N GLN D 109 -12.82 -16.45 31.55
CA GLN D 109 -12.14 -16.53 30.27
C GLN D 109 -13.00 -15.99 29.14
N ALA D 110 -14.29 -16.30 29.15
CA ALA D 110 -15.20 -15.74 28.15
C ALA D 110 -15.26 -14.23 28.27
N PHE D 111 -15.35 -13.72 29.50
CA PHE D 111 -15.52 -12.28 29.70
C PHE D 111 -14.29 -11.50 29.27
N TYR D 112 -13.10 -11.96 29.69
CA TYR D 112 -11.89 -11.18 29.50
C TYR D 112 -11.13 -11.51 28.22
N VAL D 113 -11.33 -12.68 27.64
CA VAL D 113 -10.64 -13.11 26.43
C VAL D 113 -11.56 -13.11 25.22
N ASP D 114 -12.64 -13.88 25.27
CA ASP D 114 -13.50 -14.05 24.10
C ASP D 114 -14.19 -12.75 23.72
N LEU D 115 -14.82 -12.09 24.70
CA LEU D 115 -15.60 -10.89 24.38
C LEU D 115 -14.73 -9.67 24.18
N GLN D 116 -13.54 -9.64 24.79
CA GLN D 116 -12.57 -8.59 24.43
C GLN D 116 -12.19 -8.70 22.96
N GLY D 117 -12.02 -9.93 22.47
CA GLY D 117 -11.73 -10.11 21.06
C GLY D 117 -12.90 -9.75 20.16
N VAL D 118 -14.13 -10.01 20.62
CA VAL D 118 -15.31 -9.66 19.83
C VAL D 118 -15.43 -8.14 19.72
N ILE D 119 -15.28 -7.44 20.84
CA ILE D 119 -15.42 -5.99 20.84
C ILE D 119 -14.33 -5.34 19.98
N LYS D 120 -13.08 -5.76 20.19
CA LYS D 120 -11.98 -5.17 19.44
C LYS D 120 -12.08 -5.48 17.95
N THR D 121 -12.62 -6.64 17.60
CA THR D 121 -12.77 -6.99 16.19
C THR D 121 -13.75 -6.05 15.50
N PHE D 122 -14.93 -5.85 16.10
CA PHE D 122 -15.92 -4.96 15.51
C PHE D 122 -15.41 -3.53 15.41
N ARG D 123 -14.67 -3.09 16.43
CA ARG D 123 -14.11 -1.74 16.41
C ARG D 123 -13.03 -1.59 15.36
N TYR D 124 -12.19 -2.62 15.20
CA TYR D 124 -11.11 -2.56 14.21
C TYR D 124 -11.66 -2.41 12.80
N TYR D 125 -12.60 -3.28 12.44
CA TYR D 125 -13.16 -3.22 11.08
C TYR D 125 -14.11 -2.06 10.89
N ALA D 126 -14.60 -1.46 11.98
CA ALA D 126 -15.35 -0.22 11.85
C ALA D 126 -14.50 0.87 11.20
N GLY D 127 -13.20 0.91 11.53
CA GLY D 127 -12.32 1.90 10.96
C GLY D 127 -11.88 1.63 9.55
N TRP D 128 -11.95 0.36 9.10
CA TRP D 128 -11.49 0.01 7.77
C TRP D 128 -12.48 0.37 6.67
N ALA D 129 -13.74 0.65 7.02
CA ALA D 129 -14.80 0.73 6.03
C ALA D 129 -14.51 1.79 4.96
N ASP D 130 -14.21 3.01 5.39
CA ASP D 130 -13.93 4.09 4.45
C ASP D 130 -12.44 4.21 4.13
N LYS D 131 -11.66 3.16 4.37
CA LYS D 131 -10.23 3.16 4.08
C LYS D 131 -9.83 2.04 3.13
N ILE D 132 -10.80 1.35 2.53
CA ILE D 132 -10.52 0.35 1.50
C ILE D 132 -10.26 1.09 0.19
N HIS D 133 -9.00 1.13 -0.24
CA HIS D 133 -8.58 1.94 -1.37
C HIS D 133 -8.31 1.08 -2.59
N GLY D 134 -8.69 1.59 -3.75
CA GLY D 134 -8.20 1.09 -5.02
C GLY D 134 -6.92 1.82 -5.40
N MET D 135 -6.58 1.75 -6.69
CA MET D 135 -5.37 2.41 -7.16
C MET D 135 -5.58 2.94 -8.57
N THR D 136 -4.82 4.00 -8.88
CA THR D 136 -4.66 4.48 -10.24
C THR D 136 -3.31 4.02 -10.76
N ILE D 137 -3.27 3.58 -12.01
CA ILE D 137 -2.16 2.80 -12.55
C ILE D 137 -1.62 3.54 -13.77
N PRO D 138 -0.31 3.79 -13.86
CA PRO D 138 0.30 4.42 -15.05
C PRO D 138 0.57 3.41 -16.16
N VAL D 139 -0.47 3.15 -16.96
CA VAL D 139 -0.40 2.16 -18.03
C VAL D 139 0.23 2.77 -19.28
N ASP D 140 0.65 1.92 -20.21
CA ASP D 140 1.17 2.42 -21.48
C ASP D 140 0.06 3.00 -22.33
N GLY D 141 0.43 3.88 -23.24
CA GLY D 141 -0.53 4.48 -24.15
C GLY D 141 -1.35 5.59 -23.53
N ASP D 142 -2.20 6.19 -24.37
CA ASP D 142 -3.07 7.29 -23.95
C ASP D 142 -4.26 6.70 -23.21
N TYR D 143 -4.03 6.30 -21.96
CA TYR D 143 -5.05 5.67 -21.15
C TYR D 143 -4.98 6.16 -19.72
N PHE D 144 -6.13 6.20 -19.06
CA PHE D 144 -6.24 6.41 -17.63
C PHE D 144 -6.91 5.19 -17.02
N THR D 145 -6.20 4.50 -16.13
CA THR D 145 -6.65 3.23 -15.59
C THR D 145 -6.71 3.30 -14.07
N PHE D 146 -7.87 2.93 -13.51
CA PHE D 146 -8.05 2.88 -12.07
C PHE D 146 -8.84 1.63 -11.71
N THR D 147 -8.71 1.22 -10.45
CA THR D 147 -9.38 0.04 -9.94
C THR D 147 -10.35 0.42 -8.82
N ARG D 148 -11.50 -0.24 -8.80
CA ARG D 148 -12.46 -0.13 -7.71
C ARG D 148 -12.55 -1.48 -7.00
N HIS D 149 -12.59 -1.44 -5.68
CA HIS D 149 -12.75 -2.63 -4.86
C HIS D 149 -14.18 -2.66 -4.34
N GLU D 150 -15.02 -3.47 -4.96
CA GLU D 150 -16.44 -3.55 -4.66
C GLU D 150 -16.73 -4.78 -3.82
N PRO D 151 -17.84 -4.78 -3.07
CA PRO D 151 -18.26 -6.00 -2.38
C PRO D 151 -18.58 -7.11 -3.37
N ILE D 152 -18.32 -8.35 -2.96
CA ILE D 152 -18.58 -9.50 -3.82
C ILE D 152 -20.08 -9.72 -3.97
N GLY D 153 -20.83 -9.60 -2.89
CA GLY D 153 -22.26 -9.84 -2.92
C GLY D 153 -22.74 -10.59 -1.70
N VAL D 154 -23.52 -11.65 -1.91
CA VAL D 154 -24.03 -12.46 -0.81
C VAL D 154 -22.95 -13.44 -0.39
N CYS D 155 -22.57 -13.39 0.89
CA CYS D 155 -21.50 -14.21 1.43
C CYS D 155 -22.09 -15.22 2.40
N GLY D 156 -22.01 -16.51 2.06
CA GLY D 156 -22.37 -17.56 2.98
C GLY D 156 -21.22 -17.88 3.90
N GLN D 157 -21.53 -18.09 5.18
CA GLN D 157 -20.51 -18.29 6.19
C GLN D 157 -20.93 -19.39 7.15
N ILE D 158 -20.00 -20.30 7.43
CA ILE D 158 -20.26 -21.47 8.28
C ILE D 158 -19.12 -21.57 9.28
N ILE D 159 -19.47 -21.59 10.57
CA ILE D 159 -18.47 -21.43 11.63
C ILE D 159 -18.60 -22.60 12.61
N PRO D 160 -17.56 -22.85 13.43
CA PRO D 160 -17.60 -23.99 14.35
C PRO D 160 -18.06 -23.63 15.76
N TRP D 161 -17.86 -24.55 16.71
CA TRP D 161 -18.40 -24.41 18.05
C TRP D 161 -17.36 -24.04 19.11
N ASN D 162 -16.07 -24.04 18.78
CA ASN D 162 -15.04 -23.88 19.81
C ASN D 162 -14.89 -22.44 20.27
N PHE D 163 -15.17 -21.47 19.39
CA PHE D 163 -15.16 -20.04 19.74
C PHE D 163 -16.35 -19.38 19.08
N PRO D 164 -17.57 -19.68 19.57
CA PRO D 164 -18.79 -19.30 18.83
C PRO D 164 -18.92 -17.81 18.54
N LEU D 165 -18.90 -16.98 19.59
CA LEU D 165 -19.09 -15.55 19.40
C LEU D 165 -17.91 -14.93 18.66
N LEU D 166 -16.69 -15.34 19.00
CA LEU D 166 -15.51 -14.79 18.34
C LEU D 166 -15.46 -15.17 16.86
N MET D 167 -15.81 -16.41 16.54
CA MET D 167 -15.88 -16.81 15.14
C MET D 167 -16.97 -16.04 14.41
N PHE D 168 -18.07 -15.73 15.10
CA PHE D 168 -19.13 -14.94 14.50
C PHE D 168 -18.62 -13.56 14.10
N ALA D 169 -17.86 -12.91 14.99
CA ALA D 169 -17.35 -11.58 14.68
C ALA D 169 -16.28 -11.62 13.60
N TRP D 170 -15.40 -12.63 13.64
CA TRP D 170 -14.35 -12.75 12.64
C TRP D 170 -14.93 -12.92 11.24
N LYS D 171 -16.15 -13.46 11.14
CA LYS D 171 -16.79 -13.70 9.86
C LYS D 171 -17.52 -12.47 9.34
N ILE D 172 -18.39 -11.87 10.15
CA ILE D 172 -19.27 -10.83 9.64
C ILE D 172 -18.59 -9.47 9.61
N ALA D 173 -17.60 -9.22 10.48
CA ALA D 173 -17.01 -7.89 10.54
C ALA D 173 -16.30 -7.50 9.25
N PRO D 174 -15.38 -8.30 8.68
CA PRO D 174 -14.76 -7.89 7.41
C PRO D 174 -15.72 -7.94 6.25
N ALA D 175 -16.72 -8.84 6.28
CA ALA D 175 -17.71 -8.91 5.21
C ALA D 175 -18.57 -7.67 5.18
N LEU D 176 -19.08 -7.25 6.34
CA LEU D 176 -19.88 -6.03 6.40
C LEU D 176 -19.03 -4.79 6.18
N CYS D 177 -17.77 -4.82 6.62
CA CYS D 177 -16.88 -3.68 6.42
C CYS D 177 -16.70 -3.36 4.94
N CYS D 178 -16.67 -4.40 4.09
CA CYS D 178 -16.52 -4.22 2.66
C CYS D 178 -17.84 -4.00 1.93
N GLY D 179 -18.96 -4.13 2.62
CA GLY D 179 -20.26 -3.84 2.03
C GLY D 179 -21.05 -5.02 1.53
N ASN D 180 -20.74 -6.23 1.96
CA ASN D 180 -21.48 -7.41 1.52
C ASN D 180 -22.74 -7.59 2.36
N THR D 181 -23.49 -8.64 2.03
CA THR D 181 -24.58 -9.15 2.87
C THR D 181 -24.26 -10.60 3.22
N VAL D 182 -24.80 -11.06 4.35
CA VAL D 182 -24.32 -12.26 5.01
C VAL D 182 -25.46 -13.22 5.28
N VAL D 183 -25.21 -14.51 5.03
CA VAL D 183 -26.03 -15.62 5.51
C VAL D 183 -25.09 -16.55 6.27
N ILE D 184 -25.22 -16.57 7.60
CA ILE D 184 -24.27 -17.25 8.48
C ILE D 184 -24.98 -18.36 9.24
N LYS D 185 -24.36 -19.55 9.28
CA LYS D 185 -24.86 -20.67 10.06
C LYS D 185 -23.88 -20.96 11.19
N PRO D 186 -24.22 -20.65 12.44
CA PRO D 186 -23.38 -21.08 13.55
C PRO D 186 -23.49 -22.59 13.76
N ALA D 187 -22.53 -23.13 14.52
CA ALA D 187 -22.53 -24.56 14.80
C ALA D 187 -23.76 -24.96 15.59
N GLU D 188 -24.30 -26.14 15.28
CA GLU D 188 -25.51 -26.61 15.94
C GLU D 188 -25.32 -26.76 17.45
N GLN D 189 -24.09 -27.00 17.89
CA GLN D 189 -23.84 -27.12 19.32
C GLN D 189 -23.98 -25.77 20.02
N THR D 190 -23.60 -24.68 19.36
CA THR D 190 -23.51 -23.37 20.00
C THR D 190 -24.11 -22.28 19.10
N PRO D 191 -25.45 -22.21 19.05
CA PRO D 191 -26.11 -21.15 18.29
C PRO D 191 -26.60 -19.96 19.12
N LEU D 192 -26.44 -20.00 20.44
CA LEU D 192 -27.13 -19.03 21.30
C LEU D 192 -26.49 -17.65 21.25
N SER D 193 -25.16 -17.57 21.28
CA SER D 193 -24.50 -16.27 21.22
C SER D 193 -24.78 -15.56 19.89
N ALA D 194 -24.77 -16.32 18.79
CA ALA D 194 -25.02 -15.72 17.48
C ALA D 194 -26.44 -15.19 17.37
N LEU D 195 -27.41 -15.93 17.90
CA LEU D 195 -28.79 -15.48 17.84
C LEU D 195 -29.00 -14.20 18.67
N TYR D 196 -28.31 -14.10 19.81
CA TYR D 196 -28.39 -12.87 20.59
C TYR D 196 -27.81 -11.70 19.81
N MET D 197 -26.74 -11.93 19.05
CA MET D 197 -26.18 -10.87 18.22
C MET D 197 -27.18 -10.36 17.21
N GLY D 198 -28.13 -11.20 16.79
CA GLY D 198 -29.18 -10.74 15.90
C GLY D 198 -30.01 -9.62 16.50
N ALA D 199 -30.26 -9.69 17.82
CA ALA D 199 -30.98 -8.62 18.49
C ALA D 199 -30.17 -7.33 18.51
N LEU D 200 -28.87 -7.44 18.79
CA LEU D 200 -28.02 -6.25 18.79
C LEU D 200 -27.82 -5.70 17.39
N ILE D 201 -27.81 -6.58 16.38
CA ILE D 201 -27.72 -6.13 15.00
C ILE D 201 -28.93 -5.27 14.65
N LYS D 202 -30.12 -5.71 15.05
CA LYS D 202 -31.33 -4.93 14.80
C LYS D 202 -31.31 -3.63 15.59
N GLU D 203 -30.91 -3.69 16.87
CA GLU D 203 -30.87 -2.49 17.69
C GLU D 203 -29.84 -1.49 17.16
N ALA D 204 -28.73 -1.99 16.62
CA ALA D 204 -27.70 -1.10 16.09
C ALA D 204 -28.21 -0.32 14.87
N GLY D 205 -29.10 -0.92 14.09
CA GLY D 205 -29.71 -0.25 12.96
C GLY D 205 -29.28 -0.72 11.58
N PHE D 206 -28.78 -1.94 11.45
CA PHE D 206 -28.45 -2.45 10.13
C PHE D 206 -29.71 -2.59 9.29
N PRO D 207 -29.67 -2.30 8.00
CA PRO D 207 -30.85 -2.47 7.17
C PRO D 207 -31.28 -3.92 7.15
N PRO D 208 -32.56 -4.20 6.89
CA PRO D 208 -33.03 -5.58 6.91
C PRO D 208 -32.40 -6.40 5.79
N GLY D 209 -32.08 -7.66 6.11
CA GLY D 209 -31.50 -8.57 5.15
C GLY D 209 -30.00 -8.49 5.01
N VAL D 210 -29.35 -7.52 5.66
CA VAL D 210 -27.90 -7.40 5.53
C VAL D 210 -27.20 -8.55 6.24
N ILE D 211 -27.67 -8.93 7.43
CA ILE D 211 -27.15 -10.07 8.16
C ILE D 211 -28.31 -11.01 8.44
N ASN D 212 -28.14 -12.29 8.08
CA ASN D 212 -29.14 -13.31 8.33
C ASN D 212 -28.47 -14.47 9.04
N ILE D 213 -29.01 -14.86 10.19
CA ILE D 213 -28.42 -15.88 11.05
C ILE D 213 -29.36 -17.08 11.05
N LEU D 214 -28.84 -18.23 10.62
CA LEU D 214 -29.66 -19.43 10.45
C LEU D 214 -29.08 -20.59 11.25
N PRO D 215 -29.61 -20.84 12.44
CA PRO D 215 -29.13 -22.00 13.21
C PRO D 215 -29.63 -23.30 12.61
N GLY D 216 -28.74 -24.28 12.54
CA GLY D 216 -29.11 -25.55 11.96
C GLY D 216 -27.91 -26.49 11.91
N TYR D 217 -28.11 -27.61 11.23
CA TYR D 217 -27.11 -28.66 11.14
C TYR D 217 -26.29 -28.51 9.87
N GLY D 218 -25.20 -29.28 9.80
CA GLY D 218 -24.27 -29.23 8.70
C GLY D 218 -24.82 -29.73 7.38
N PRO D 219 -25.24 -31.00 7.34
CA PRO D 219 -25.76 -31.54 6.07
C PRO D 219 -27.03 -30.89 5.58
N THR D 220 -27.78 -30.21 6.44
CA THR D 220 -29.01 -29.57 5.99
C THR D 220 -28.77 -28.10 5.66
N ALA D 221 -28.73 -27.25 6.69
CA ALA D 221 -28.57 -25.81 6.47
C ALA D 221 -27.20 -25.50 5.87
N GLY D 222 -26.15 -26.15 6.36
CA GLY D 222 -24.81 -25.85 5.86
C GLY D 222 -24.62 -26.26 4.41
N ALA D 223 -25.02 -27.49 4.08
CA ALA D 223 -24.83 -27.98 2.71
C ALA D 223 -25.67 -27.20 1.71
N ALA D 224 -26.81 -26.65 2.15
CA ALA D 224 -27.60 -25.80 1.26
C ALA D 224 -26.90 -24.47 0.99
N ILE D 225 -26.17 -23.95 1.96
CA ILE D 225 -25.41 -22.71 1.75
C ILE D 225 -24.28 -22.97 0.77
N ALA D 226 -23.53 -24.06 0.98
CA ALA D 226 -22.34 -24.32 0.17
C ALA D 226 -22.66 -24.64 -1.28
N SER D 227 -23.89 -25.10 -1.57
CA SER D 227 -24.28 -25.44 -2.93
C SER D 227 -25.26 -24.46 -3.53
N HIS D 228 -25.60 -23.39 -2.82
CA HIS D 228 -26.60 -22.45 -3.32
C HIS D 228 -26.10 -21.72 -4.56
N ILE D 229 -26.98 -21.58 -5.55
CA ILE D 229 -26.63 -20.92 -6.80
C ILE D 229 -26.61 -19.40 -6.68
N GLY D 230 -27.35 -18.84 -5.71
CA GLY D 230 -27.42 -17.41 -5.56
C GLY D 230 -26.49 -16.83 -4.52
N ILE D 231 -25.49 -17.60 -4.09
CA ILE D 231 -24.51 -17.14 -3.11
C ILE D 231 -23.19 -16.94 -3.82
N ASP D 232 -22.59 -15.75 -3.64
CA ASP D 232 -21.40 -15.39 -4.41
C ASP D 232 -20.11 -15.89 -3.77
N LYS D 233 -20.06 -16.02 -2.45
CA LYS D 233 -18.84 -16.42 -1.77
C LYS D 233 -19.19 -17.22 -0.52
N ILE D 234 -18.37 -18.22 -0.23
CA ILE D 234 -18.51 -19.05 0.96
C ILE D 234 -17.22 -18.93 1.77
N ALA D 235 -17.37 -18.72 3.08
CA ALA D 235 -16.25 -18.74 4.02
C ALA D 235 -16.55 -19.78 5.09
N PHE D 236 -15.65 -20.74 5.24
CA PHE D 236 -15.92 -21.91 6.07
C PHE D 236 -14.86 -22.06 7.15
N THR D 237 -15.29 -22.64 8.27
CA THR D 237 -14.41 -22.89 9.41
C THR D 237 -15.04 -23.99 10.25
N GLY D 238 -14.35 -25.12 10.38
CA GLY D 238 -13.06 -25.35 9.77
C GLY D 238 -12.47 -26.75 9.92
N SER D 239 -13.31 -27.79 9.83
CA SER D 239 -12.79 -29.15 9.79
C SER D 239 -12.30 -29.47 8.39
N THR D 240 -11.17 -30.16 8.30
CA THR D 240 -10.54 -30.39 7.01
C THR D 240 -11.39 -31.31 6.13
N GLU D 241 -12.02 -32.32 6.72
CA GLU D 241 -12.87 -33.21 5.94
C GLU D 241 -14.06 -32.47 5.35
N VAL D 242 -14.77 -31.69 6.18
CA VAL D 242 -15.87 -30.89 5.67
C VAL D 242 -15.37 -29.81 4.73
N GLY D 243 -14.16 -29.28 4.98
CA GLY D 243 -13.59 -28.28 4.09
C GLY D 243 -13.41 -28.79 2.68
N LYS D 244 -13.10 -30.08 2.52
CA LYS D 244 -13.01 -30.66 1.18
C LYS D 244 -14.37 -30.70 0.50
N LEU D 245 -15.43 -30.99 1.27
CA LEU D 245 -16.77 -30.97 0.71
C LEU D 245 -17.20 -29.56 0.33
N ILE D 246 -16.74 -28.55 1.06
CA ILE D 246 -17.09 -27.17 0.76
C ILE D 246 -16.48 -26.75 -0.58
N GLN D 247 -15.17 -26.94 -0.72
CA GLN D 247 -14.49 -26.55 -1.96
C GLN D 247 -15.00 -27.35 -3.15
N GLU D 248 -15.42 -28.60 -2.93
CA GLU D 248 -15.94 -29.41 -4.01
C GLU D 248 -17.33 -28.96 -4.43
N ALA D 249 -18.21 -28.71 -3.45
CA ALA D 249 -19.55 -28.27 -3.76
C ALA D 249 -19.57 -26.89 -4.40
N ALA D 250 -18.57 -26.05 -4.09
CA ALA D 250 -18.52 -24.72 -4.68
C ALA D 250 -18.17 -24.78 -6.15
N GLY D 251 -17.21 -25.62 -6.52
CA GLY D 251 -16.90 -25.79 -7.92
C GLY D 251 -18.02 -26.46 -8.70
N ARG D 252 -18.77 -27.34 -8.05
CA ARG D 252 -19.86 -28.05 -8.71
C ARG D 252 -21.10 -27.19 -8.86
N SER D 253 -21.31 -26.23 -7.95
CA SER D 253 -22.51 -25.40 -7.99
C SER D 253 -22.34 -24.24 -8.96
N ASN D 254 -21.85 -23.09 -8.47
CA ASN D 254 -21.79 -21.88 -9.28
C ASN D 254 -20.40 -21.23 -9.24
N LEU D 255 -19.36 -22.00 -8.93
CA LEU D 255 -17.97 -21.50 -8.92
C LEU D 255 -17.80 -20.31 -7.98
N LYS D 256 -18.54 -20.32 -6.87
CA LYS D 256 -18.40 -19.25 -5.89
C LYS D 256 -17.00 -19.24 -5.28
N ARG D 257 -16.59 -18.07 -4.80
CA ARG D 257 -15.28 -17.96 -4.19
C ARG D 257 -15.28 -18.61 -2.80
N VAL D 258 -14.14 -19.22 -2.46
CA VAL D 258 -14.04 -20.08 -1.28
C VAL D 258 -12.90 -19.60 -0.40
N THR D 259 -13.17 -19.48 0.90
CA THR D 259 -12.14 -19.26 1.91
C THR D 259 -12.32 -20.32 2.99
N LEU D 260 -11.25 -21.04 3.30
CA LEU D 260 -11.28 -22.11 4.28
C LEU D 260 -10.28 -21.82 5.40
N GLU D 261 -10.67 -22.14 6.63
CA GLU D 261 -9.86 -21.91 7.82
C GLU D 261 -9.80 -23.24 8.59
N LEU D 262 -8.96 -24.15 8.11
CA LEU D 262 -9.03 -25.56 8.49
C LEU D 262 -8.12 -25.86 9.68
N GLY D 263 -8.02 -27.15 10.01
CA GLY D 263 -7.38 -27.60 11.24
C GLY D 263 -5.87 -27.52 11.20
N GLY D 264 -5.26 -28.03 12.27
CA GLY D 264 -3.82 -28.01 12.40
C GLY D 264 -3.26 -28.85 13.53
N LYS D 265 -2.00 -29.28 13.39
CA LYS D 265 -1.27 -29.99 14.44
C LYS D 265 0.01 -29.18 14.66
N SER D 266 -0.14 -28.05 15.36
CA SER D 266 0.87 -27.00 15.33
C SER D 266 2.01 -27.30 16.29
N PRO D 267 3.26 -27.15 15.88
CA PRO D 267 4.39 -27.45 16.76
C PRO D 267 4.77 -26.28 17.66
N ASN D 268 5.37 -26.61 18.79
CA ASN D 268 5.91 -25.64 19.73
C ASN D 268 7.34 -26.06 20.07
N ILE D 269 8.32 -25.28 19.62
CA ILE D 269 9.73 -25.64 19.73
C ILE D 269 10.34 -24.89 20.90
N ILE D 270 10.82 -25.64 21.89
CA ILE D 270 11.46 -25.09 23.08
C ILE D 270 12.95 -25.39 22.98
N PHE D 271 13.76 -24.36 22.82
CA PHE D 271 15.21 -24.51 22.78
C PHE D 271 15.78 -24.45 24.18
N ALA D 272 17.05 -24.88 24.29
CA ALA D 272 17.69 -24.96 25.61
C ALA D 272 17.99 -23.59 26.19
N ASP D 273 18.34 -22.61 25.36
CA ASP D 273 18.67 -21.28 25.84
C ASP D 273 17.44 -20.39 25.98
N ALA D 274 16.36 -20.92 26.55
CA ALA D 274 15.14 -20.16 26.76
C ALA D 274 14.79 -20.13 28.25
N ASP D 275 13.99 -19.13 28.61
CA ASP D 275 13.42 -19.08 29.95
C ASP D 275 12.57 -20.32 30.17
N LEU D 276 12.97 -21.16 31.12
CA LEU D 276 12.30 -22.45 31.28
C LEU D 276 10.95 -22.29 31.96
N ASP D 277 10.90 -21.58 33.09
CA ASP D 277 9.63 -21.40 33.80
C ASP D 277 8.59 -20.72 32.92
N TYR D 278 9.03 -19.75 32.12
CA TYR D 278 8.10 -19.04 31.23
C TYR D 278 7.66 -19.94 30.08
N ALA D 279 8.58 -20.71 29.51
CA ALA D 279 8.23 -21.57 28.37
C ALA D 279 7.32 -22.72 28.80
N VAL D 280 7.48 -23.22 30.02
CA VAL D 280 6.61 -24.29 30.49
C VAL D 280 5.18 -23.80 30.62
N GLU D 281 5.00 -22.56 31.07
CA GLU D 281 3.64 -22.04 31.27
C GLU D 281 2.97 -21.70 29.95
N GLN D 282 3.70 -21.12 29.01
CA GLN D 282 3.10 -20.76 27.73
C GLN D 282 2.82 -22.01 26.89
N ALA D 283 3.71 -23.00 26.95
CA ALA D 283 3.41 -24.27 26.29
C ALA D 283 2.24 -24.98 26.94
N HIS D 284 2.08 -24.81 28.26
CA HIS D 284 0.92 -25.38 28.94
C HIS D 284 -0.37 -24.73 28.46
N GLN D 285 -0.41 -23.40 28.42
CA GLN D 285 -1.60 -22.71 27.93
C GLN D 285 -1.81 -22.98 26.44
N GLY D 286 -0.73 -23.09 25.67
CA GLY D 286 -0.86 -23.38 24.26
C GLY D 286 -1.55 -24.71 23.96
N VAL D 287 -1.52 -25.63 24.90
CA VAL D 287 -2.18 -26.93 24.76
C VAL D 287 -3.56 -26.92 25.41
N PHE D 288 -3.65 -26.41 26.63
CA PHE D 288 -4.83 -26.61 27.47
C PHE D 288 -5.83 -25.46 27.44
N PHE D 289 -5.52 -24.35 26.78
CA PHE D 289 -6.45 -23.24 26.74
C PHE D 289 -7.71 -23.63 25.96
N ASN D 290 -8.86 -23.13 26.44
CA ASN D 290 -10.15 -23.46 25.87
C ASN D 290 -10.36 -24.96 25.81
N GLN D 291 -9.98 -25.64 26.89
CA GLN D 291 -10.15 -27.09 27.01
C GLN D 291 -9.39 -27.84 25.91
N GLY D 292 -8.28 -27.27 25.45
CA GLY D 292 -7.55 -27.84 24.34
C GLY D 292 -8.30 -27.82 23.02
N GLN D 293 -9.41 -27.10 22.93
CA GLN D 293 -10.22 -27.06 21.72
C GLN D 293 -9.92 -25.82 20.88
N CYS D 294 -8.64 -25.65 20.56
CA CYS D 294 -8.18 -24.62 19.64
C CYS D 294 -7.42 -25.30 18.51
N CYS D 295 -7.70 -24.87 17.27
CA CYS D 295 -6.89 -25.36 16.17
C CYS D 295 -5.51 -24.71 16.14
N THR D 296 -5.25 -23.74 17.03
CA THR D 296 -3.92 -23.18 17.21
C THR D 296 -3.06 -24.00 18.17
N ALA D 297 -3.62 -25.05 18.78
CA ALA D 297 -2.80 -26.01 19.49
C ALA D 297 -1.88 -26.71 18.49
N GLY D 298 -0.62 -26.92 18.89
CA GLY D 298 -0.15 -26.67 20.23
C GLY D 298 0.30 -27.99 20.82
N SER D 299 -0.24 -29.06 20.23
CA SER D 299 -0.06 -30.41 20.76
C SER D 299 1.41 -30.83 20.77
N ARG D 300 2.07 -30.77 19.62
CA ARG D 300 3.43 -31.29 19.46
C ARG D 300 4.41 -30.27 20.03
N ILE D 301 4.93 -30.54 21.22
CA ILE D 301 5.93 -29.70 21.85
C ILE D 301 7.28 -30.39 21.71
N PHE D 302 8.15 -29.83 20.87
CA PHE D 302 9.51 -30.31 20.73
C PHE D 302 10.41 -29.59 21.74
N VAL D 303 11.18 -30.36 22.51
CA VAL D 303 12.06 -29.82 23.54
C VAL D 303 13.48 -30.28 23.27
N GLU D 304 14.43 -29.37 23.40
CA GLU D 304 15.84 -29.73 23.22
C GLU D 304 16.26 -30.74 24.28
N GLU D 305 17.18 -31.63 23.90
CA GLU D 305 17.50 -32.80 24.72
C GLU D 305 17.96 -32.41 26.12
N SER D 306 18.76 -31.35 26.22
CA SER D 306 19.38 -31.03 27.51
C SER D 306 18.34 -30.65 28.56
N ILE D 307 17.23 -30.06 28.15
CA ILE D 307 16.21 -29.59 29.08
C ILE D 307 14.95 -30.46 29.02
N TYR D 308 15.00 -31.59 28.33
CA TYR D 308 13.80 -32.37 28.08
C TYR D 308 13.15 -32.86 29.37
N GLU D 309 13.94 -33.53 30.22
CA GLU D 309 13.36 -34.17 31.40
C GLU D 309 12.89 -33.15 32.43
N GLU D 310 13.61 -32.04 32.57
CA GLU D 310 13.17 -31.00 33.49
C GLU D 310 11.92 -30.31 32.98
N PHE D 311 11.85 -30.05 31.66
CA PHE D 311 10.63 -29.50 31.07
C PHE D 311 9.46 -30.44 31.27
N VAL D 312 9.70 -31.75 31.12
CA VAL D 312 8.62 -32.72 31.28
C VAL D 312 8.11 -32.73 32.72
N ARG D 313 9.04 -32.72 33.69
CA ARG D 313 8.62 -32.75 35.09
C ARG D 313 7.84 -31.50 35.47
N ARG D 314 8.31 -30.32 35.03
CA ARG D 314 7.59 -29.09 35.33
C ARG D 314 6.23 -29.06 34.64
N SER D 315 6.14 -29.62 33.43
CA SER D 315 4.86 -29.66 32.73
C SER D 315 3.87 -30.57 33.44
N VAL D 316 4.34 -31.71 33.95
CA VAL D 316 3.47 -32.60 34.70
C VAL D 316 3.00 -31.93 35.98
N GLU D 317 3.94 -31.29 36.68
CA GLU D 317 3.60 -30.58 37.92
C GLU D 317 2.50 -29.55 37.68
N ARG D 318 2.61 -28.79 36.58
CA ARG D 318 1.58 -27.80 36.26
C ARG D 318 0.27 -28.48 35.86
N ALA D 319 0.35 -29.59 35.14
CA ALA D 319 -0.87 -30.27 34.71
C ALA D 319 -1.63 -30.86 35.89
N LYS D 320 -0.91 -31.42 36.87
CA LYS D 320 -1.58 -31.97 38.05
C LYS D 320 -2.28 -30.90 38.88
N ARG D 321 -1.89 -29.63 38.72
CA ARG D 321 -2.49 -28.54 39.48
C ARG D 321 -3.63 -27.86 38.73
N ARG D 322 -3.78 -28.10 37.43
CA ARG D 322 -4.82 -27.44 36.65
C ARG D 322 -6.20 -27.70 37.24
N VAL D 323 -6.93 -26.64 37.51
CA VAL D 323 -8.21 -26.71 38.22
C VAL D 323 -9.31 -26.97 37.20
N VAL D 324 -9.98 -28.13 37.33
CA VAL D 324 -11.09 -28.51 36.48
C VAL D 324 -12.37 -28.46 37.29
N GLY D 325 -13.41 -27.87 36.73
CA GLY D 325 -14.67 -27.76 37.45
C GLY D 325 -15.68 -26.94 36.68
N SER D 326 -16.67 -26.44 37.42
CA SER D 326 -17.78 -25.72 36.81
C SER D 326 -17.28 -24.45 36.13
N PRO D 327 -17.79 -24.13 34.94
CA PRO D 327 -17.35 -22.89 34.28
C PRO D 327 -17.71 -21.63 35.05
N PHE D 328 -18.80 -21.66 35.83
CA PHE D 328 -19.23 -20.46 36.55
C PHE D 328 -18.37 -20.18 37.77
N ASP D 329 -17.58 -21.15 38.22
CA ASP D 329 -16.76 -20.98 39.41
C ASP D 329 -15.51 -20.17 39.05
N PRO D 330 -15.26 -19.03 39.70
CA PRO D 330 -14.12 -18.18 39.30
C PRO D 330 -12.76 -18.84 39.39
N THR D 331 -12.64 -20.00 40.06
CA THR D 331 -11.35 -20.68 40.17
C THR D 331 -11.08 -21.64 39.03
N THR D 332 -12.06 -21.91 38.17
CA THR D 332 -11.90 -22.91 37.12
C THR D 332 -10.99 -22.41 36.02
N GLU D 333 -9.97 -23.21 35.69
CA GLU D 333 -9.13 -22.96 34.53
C GLU D 333 -9.57 -23.73 33.30
N GLN D 334 -10.31 -24.82 33.48
CA GLN D 334 -10.64 -25.73 32.38
C GLN D 334 -12.05 -26.24 32.56
N GLY D 335 -12.91 -25.95 31.58
CA GLY D 335 -14.26 -26.47 31.58
C GLY D 335 -14.33 -27.84 30.96
N PRO D 336 -15.52 -28.26 30.54
CA PRO D 336 -15.70 -29.57 29.92
C PRO D 336 -15.46 -29.51 28.41
N GLN D 337 -15.41 -30.70 27.81
CA GLN D 337 -15.41 -30.79 26.36
C GLN D 337 -16.81 -30.49 25.82
N ILE D 338 -16.89 -30.23 24.52
CA ILE D 338 -18.11 -29.66 23.97
C ILE D 338 -19.26 -30.66 23.98
N ASP D 339 -18.98 -31.93 23.69
CA ASP D 339 -20.05 -32.92 23.59
C ASP D 339 -19.48 -34.32 23.74
N LYS D 340 -20.36 -35.31 23.70
CA LYS D 340 -19.96 -36.70 23.87
C LYS D 340 -19.10 -37.18 22.70
N LYS D 341 -19.41 -36.74 21.48
CA LYS D 341 -18.64 -37.15 20.31
C LYS D 341 -17.18 -36.73 20.46
N GLN D 342 -16.93 -35.51 20.90
CA GLN D 342 -15.56 -35.07 21.14
C GLN D 342 -14.96 -35.78 22.35
N TYR D 343 -15.75 -35.94 23.41
CA TYR D 343 -15.28 -36.64 24.61
C TYR D 343 -14.77 -38.02 24.27
N ASN D 344 -15.56 -38.81 23.52
CA ASN D 344 -15.14 -40.15 23.14
C ASN D 344 -13.93 -40.11 22.22
N LYS D 345 -13.89 -39.14 21.30
CA LYS D 345 -12.77 -39.02 20.37
C LYS D 345 -11.46 -38.83 21.11
N ILE D 346 -11.47 -38.07 22.21
CA ILE D 346 -10.25 -37.81 22.95
C ILE D 346 -9.82 -39.04 23.74
N LEU D 347 -10.76 -39.69 24.41
CA LEU D 347 -10.43 -40.89 25.17
C LEU D 347 -9.90 -41.99 24.25
N GLU D 348 -10.43 -42.08 23.03
CA GLU D 348 -9.93 -43.05 22.07
C GLU D 348 -8.47 -42.78 21.73
N LEU D 349 -8.13 -41.51 21.48
CA LEU D 349 -6.75 -41.18 21.12
C LEU D 349 -5.80 -41.33 22.31
N ILE D 350 -6.29 -41.12 23.53
CA ILE D 350 -5.46 -41.33 24.71
C ILE D 350 -5.09 -42.80 24.83
N GLN D 351 -6.03 -43.71 24.54
CA GLN D 351 -5.72 -45.13 24.52
C GLN D 351 -4.69 -45.45 23.43
N SER D 352 -4.79 -44.77 22.29
CA SER D 352 -3.83 -45.00 21.20
C SER D 352 -2.42 -44.61 21.63
N GLY D 353 -2.29 -43.53 22.40
CA GLY D 353 -0.97 -43.14 22.87
C GLY D 353 -0.37 -44.13 23.84
N VAL D 354 -1.19 -44.68 24.75
CA VAL D 354 -0.71 -45.67 25.70
C VAL D 354 -0.33 -46.95 24.96
N ALA D 355 -1.17 -47.39 24.02
CA ALA D 355 -0.91 -48.64 23.32
C ALA D 355 0.32 -48.54 22.43
N GLU D 356 0.62 -47.35 21.92
CA GLU D 356 1.74 -47.17 21.01
C GLU D 356 3.07 -46.91 21.71
N GLY D 357 3.09 -46.89 23.04
CA GLY D 357 4.32 -46.83 23.79
C GLY D 357 4.62 -45.51 24.47
N ALA D 358 3.84 -44.46 24.20
CA ALA D 358 4.09 -43.18 24.84
C ALA D 358 3.89 -43.28 26.35
N LYS D 359 4.59 -42.42 27.08
CA LYS D 359 4.62 -42.47 28.54
C LYS D 359 3.50 -41.59 29.08
N LEU D 360 2.42 -42.22 29.56
CA LEU D 360 1.33 -41.49 30.21
C LEU D 360 1.80 -41.01 31.58
N GLU D 361 2.30 -39.78 31.64
CA GLU D 361 2.83 -39.23 32.89
C GLU D 361 1.74 -38.76 33.83
N CYS D 362 0.55 -38.45 33.32
CA CYS D 362 -0.46 -37.77 34.10
C CYS D 362 -1.79 -37.81 33.35
N GLY D 363 -2.87 -37.91 34.11
CA GLY D 363 -4.20 -37.89 33.52
C GLY D 363 -4.52 -39.16 32.75
N GLY D 364 -5.40 -39.01 31.75
CA GLY D 364 -5.78 -40.10 30.89
C GLY D 364 -7.20 -40.61 31.06
N LYS D 365 -7.97 -40.05 32.00
CA LYS D 365 -9.31 -40.52 32.27
C LYS D 365 -10.29 -39.35 32.27
N GLY D 366 -11.57 -39.67 32.23
CA GLY D 366 -12.60 -38.67 32.40
C GLY D 366 -12.87 -38.35 33.86
N LEU D 367 -13.38 -37.15 34.09
CA LEU D 367 -13.65 -36.66 35.44
C LEU D 367 -15.15 -36.59 35.66
N GLY D 368 -15.63 -37.31 36.67
CA GLY D 368 -17.03 -37.25 37.06
C GLY D 368 -17.92 -38.12 36.19
N ARG D 369 -19.21 -38.12 36.54
CA ARG D 369 -20.21 -38.91 35.84
C ARG D 369 -21.08 -38.09 34.90
N LYS D 370 -21.07 -36.77 35.03
CA LYS D 370 -21.90 -35.89 34.22
C LYS D 370 -21.04 -34.80 33.59
N GLY D 371 -21.51 -34.29 32.45
CA GLY D 371 -20.70 -33.41 31.65
C GLY D 371 -19.67 -34.17 30.84
N PHE D 372 -18.69 -33.43 30.33
CA PHE D 372 -17.67 -33.99 29.46
C PHE D 372 -16.29 -33.50 29.87
N PHE D 373 -16.00 -33.57 31.17
CA PHE D 373 -14.71 -33.17 31.69
C PHE D 373 -13.70 -34.30 31.49
N ILE D 374 -12.46 -33.92 31.17
CA ILE D 374 -11.36 -34.86 30.97
C ILE D 374 -10.16 -34.38 31.77
N GLU D 375 -9.50 -35.30 32.45
CA GLU D 375 -8.31 -34.96 33.22
C GLU D 375 -7.26 -34.34 32.31
N PRO D 376 -6.59 -33.28 32.75
CA PRO D 376 -5.40 -32.81 32.02
C PRO D 376 -4.38 -33.92 31.89
N THR D 377 -3.99 -34.21 30.65
CA THR D 377 -3.18 -35.38 30.32
C THR D 377 -1.88 -34.94 29.65
N VAL D 378 -0.78 -35.56 30.05
CA VAL D 378 0.54 -35.25 29.51
C VAL D 378 1.19 -36.55 29.06
N PHE D 379 1.62 -36.58 27.80
CA PHE D 379 2.38 -37.69 27.23
C PHE D 379 3.83 -37.25 27.04
N SER D 380 4.75 -38.09 27.49
CA SER D 380 6.17 -37.90 27.19
C SER D 380 6.65 -39.05 26.31
N ASN D 381 7.88 -38.91 25.83
CA ASN D 381 8.50 -39.91 24.95
C ASN D 381 7.65 -40.15 23.70
N VAL D 382 7.09 -39.08 23.16
CA VAL D 382 6.30 -39.16 21.93
C VAL D 382 7.24 -39.09 20.74
N THR D 383 6.92 -39.84 19.68
CA THR D 383 7.69 -39.84 18.45
C THR D 383 6.77 -39.53 17.28
N ASP D 384 7.38 -39.15 16.15
CA ASP D 384 6.63 -38.65 15.01
C ASP D 384 5.66 -39.69 14.46
N ASP D 385 6.08 -40.96 14.42
CA ASP D 385 5.28 -41.99 13.79
C ASP D 385 4.01 -42.32 14.56
N MET D 386 3.97 -42.01 15.86
CA MET D 386 2.83 -42.40 16.68
C MET D 386 1.56 -41.67 16.23
N ARG D 387 0.41 -42.33 16.44
CA ARG D 387 -0.85 -41.78 15.97
C ARG D 387 -1.17 -40.45 16.64
N ILE D 388 -0.87 -40.33 17.93
CA ILE D 388 -1.15 -39.07 18.63
C ILE D 388 -0.26 -37.94 18.13
N ALA D 389 0.93 -38.26 17.60
CA ALA D 389 1.79 -37.22 17.05
C ALA D 389 1.22 -36.62 15.78
N LYS D 390 0.58 -37.43 14.94
CA LYS D 390 -0.31 -36.92 13.92
C LYS D 390 -1.69 -36.75 14.56
N GLU D 391 -2.71 -36.44 13.75
CA GLU D 391 -4.10 -36.45 14.17
C GLU D 391 -4.40 -35.43 15.28
N GLU D 392 -5.39 -34.58 15.03
CA GLU D 392 -5.69 -33.47 15.93
C GLU D 392 -6.45 -33.99 17.15
N ILE D 393 -5.91 -33.73 18.34
CA ILE D 393 -6.58 -34.08 19.60
C ILE D 393 -7.18 -32.78 20.13
N PHE D 394 -8.45 -32.55 19.80
CA PHE D 394 -9.14 -31.36 20.30
C PHE D 394 -9.49 -31.53 21.78
N GLY D 395 -8.48 -31.68 22.62
CA GLY D 395 -8.69 -31.91 24.03
C GLY D 395 -7.49 -31.55 24.89
N PRO D 396 -7.65 -31.71 26.20
CA PRO D 396 -6.58 -31.34 27.16
C PRO D 396 -5.50 -32.42 27.26
N VAL D 397 -4.77 -32.62 26.16
CA VAL D 397 -3.74 -33.65 26.08
C VAL D 397 -2.46 -33.00 25.56
N GLN D 398 -1.41 -33.05 26.37
CA GLN D 398 -0.12 -32.48 26.04
C GLN D 398 0.85 -33.59 25.62
N GLU D 399 1.59 -33.35 24.55
CA GLU D 399 2.56 -34.32 24.03
C GLU D 399 3.91 -33.64 23.90
N ILE D 400 4.93 -34.25 24.48
CA ILE D 400 6.26 -33.65 24.58
C ILE D 400 7.25 -34.56 23.85
N LEU D 401 7.89 -34.02 22.82
CA LEU D 401 8.85 -34.73 22.01
C LEU D 401 10.24 -34.17 22.21
N ARG D 402 11.25 -35.01 22.02
CA ARG D 402 12.64 -34.67 22.27
C ARG D 402 13.37 -34.41 20.95
N PHE D 403 14.31 -33.47 20.99
CA PHE D 403 15.13 -33.21 19.81
C PHE D 403 16.47 -32.63 20.23
N LYS D 404 17.44 -32.74 19.32
CA LYS D 404 18.63 -31.92 19.30
C LYS D 404 18.84 -31.45 17.87
N THR D 405 19.65 -30.40 17.71
CA THR D 405 19.92 -29.79 16.41
C THR D 405 18.69 -29.07 15.85
N MET D 406 18.87 -27.83 15.41
CA MET D 406 17.76 -27.05 14.88
C MET D 406 17.30 -27.56 13.52
N ASP D 407 18.22 -28.05 12.69
CA ASP D 407 17.83 -28.56 11.38
C ASP D 407 16.94 -29.79 11.47
N GLU D 408 17.11 -30.60 12.52
CA GLU D 408 16.23 -31.75 12.69
C GLU D 408 14.82 -31.31 13.05
N VAL D 409 14.69 -30.42 14.03
CA VAL D 409 13.37 -30.02 14.52
C VAL D 409 12.60 -29.19 13.49
N ILE D 410 13.30 -28.52 12.57
CA ILE D 410 12.61 -27.79 11.52
C ILE D 410 12.02 -28.77 10.50
N GLU D 411 12.75 -29.82 10.18
CA GLU D 411 12.26 -30.83 9.25
C GLU D 411 11.10 -31.63 9.86
N ARG D 412 11.13 -31.84 11.18
CA ARG D 412 10.07 -32.62 11.82
C ARG D 412 8.83 -31.77 12.07
N ALA D 413 9.01 -30.51 12.49
CA ALA D 413 7.86 -29.64 12.70
C ALA D 413 7.14 -29.34 11.40
N ASN D 414 7.89 -29.21 10.30
CA ASN D 414 7.30 -28.99 8.99
C ASN D 414 6.73 -30.25 8.36
N ASN D 415 7.06 -31.43 8.90
CA ASN D 415 6.58 -32.71 8.38
C ASN D 415 5.13 -32.89 8.80
N SER D 416 4.23 -32.26 8.04
CA SER D 416 2.82 -32.29 8.34
C SER D 416 2.04 -31.77 7.14
N ASP D 417 0.86 -32.36 6.92
CA ASP D 417 -0.07 -31.81 5.93
C ASP D 417 -0.71 -30.53 6.44
N PHE D 418 -0.70 -30.30 7.75
CA PHE D 418 -1.19 -29.07 8.34
C PHE D 418 -0.07 -28.04 8.41
N GLY D 419 -0.45 -26.78 8.60
CA GLY D 419 0.51 -25.71 8.68
C GLY D 419 -0.14 -24.41 9.11
N LEU D 420 -0.90 -24.47 10.20
CA LEU D 420 -1.65 -23.30 10.64
C LEU D 420 -0.80 -22.37 11.51
N VAL D 421 0.02 -22.94 12.40
CA VAL D 421 0.60 -22.19 13.50
C VAL D 421 1.91 -22.86 13.90
N ALA D 422 2.86 -22.04 14.39
CA ALA D 422 4.08 -22.56 14.99
C ALA D 422 4.59 -21.56 16.01
N ALA D 423 5.35 -22.07 16.98
CA ALA D 423 5.96 -21.24 18.01
C ALA D 423 7.37 -21.73 18.29
N VAL D 424 8.22 -20.81 18.75
CA VAL D 424 9.59 -21.11 19.10
C VAL D 424 9.96 -20.28 20.31
N PHE D 425 10.61 -20.90 21.30
CA PHE D 425 11.03 -20.24 22.52
C PHE D 425 12.56 -20.28 22.59
N THR D 426 13.18 -19.12 22.51
CA THR D 426 14.63 -19.00 22.54
C THR D 426 15.00 -17.55 22.77
N ASN D 427 16.18 -17.33 23.33
CA ASN D 427 16.73 -15.99 23.49
C ASN D 427 17.77 -15.64 22.42
N ASP D 428 18.08 -16.58 21.54
CA ASP D 428 19.04 -16.36 20.46
C ASP D 428 18.30 -15.81 19.24
N ILE D 429 18.70 -14.61 18.80
CA ILE D 429 18.02 -13.96 17.69
C ILE D 429 18.22 -14.74 16.39
N ASN D 430 19.36 -15.42 16.24
CA ASN D 430 19.62 -16.15 15.02
C ASN D 430 18.75 -17.40 14.93
N LYS D 431 18.63 -18.14 16.04
CA LYS D 431 17.77 -19.32 16.04
C LYS D 431 16.30 -18.94 15.85
N ALA D 432 15.87 -17.85 16.50
CA ALA D 432 14.47 -17.44 16.39
C ALA D 432 14.12 -17.03 14.97
N LEU D 433 15.03 -16.32 14.29
CA LEU D 433 14.75 -15.86 12.94
C LEU D 433 14.92 -16.96 11.92
N THR D 434 15.84 -17.90 12.14
CA THR D 434 16.01 -19.02 11.22
C THR D 434 14.79 -19.94 11.25
N VAL D 435 14.29 -20.25 12.46
CA VAL D 435 13.15 -21.16 12.57
C VAL D 435 11.89 -20.52 12.04
N SER D 436 11.58 -19.29 12.48
CA SER D 436 10.35 -18.63 12.07
C SER D 436 10.29 -18.44 10.56
N SER D 437 11.44 -18.16 9.93
CA SER D 437 11.46 -18.02 8.48
C SER D 437 11.32 -19.37 7.79
N ALA D 438 11.74 -20.45 8.45
CA ALA D 438 11.68 -21.79 7.86
C ALA D 438 10.36 -22.50 8.10
N MET D 439 9.57 -22.04 9.07
CA MET D 439 8.31 -22.70 9.38
C MET D 439 7.33 -22.55 8.22
N GLN D 440 6.61 -23.63 7.92
CA GLN D 440 5.56 -23.62 6.92
C GLN D 440 4.24 -23.44 7.66
N ALA D 441 4.00 -22.22 8.12
CA ALA D 441 2.82 -21.88 8.91
C ALA D 441 2.47 -20.42 8.68
N GLY D 442 1.17 -20.13 8.69
CA GLY D 442 0.71 -18.77 8.47
C GLY D 442 0.97 -17.83 9.63
N THR D 443 1.18 -18.38 10.84
CA THR D 443 1.44 -17.58 12.02
C THR D 443 2.54 -18.26 12.82
N VAL D 444 3.62 -17.52 13.08
CA VAL D 444 4.72 -18.00 13.92
C VAL D 444 4.84 -17.05 15.12
N TRP D 445 4.83 -17.61 16.31
CA TRP D 445 5.02 -16.85 17.54
C TRP D 445 6.42 -17.08 18.08
N ILE D 446 7.03 -16.02 18.58
CA ILE D 446 8.38 -16.07 19.15
C ILE D 446 8.27 -15.66 20.61
N ASN D 447 8.56 -16.61 21.51
CA ASN D 447 8.55 -16.37 22.95
C ASN D 447 7.17 -15.94 23.44
N CYS D 448 6.13 -16.51 22.83
CA CYS D 448 4.75 -16.30 23.24
C CYS D 448 3.90 -17.35 22.55
N TYR D 449 2.62 -17.41 22.92
CA TYR D 449 1.71 -18.35 22.28
C TYR D 449 0.28 -17.84 22.37
N ASN D 450 -0.47 -18.06 21.29
CA ASN D 450 -1.89 -17.68 21.22
C ASN D 450 -2.07 -16.19 21.47
N ALA D 451 -1.16 -15.38 20.92
CA ALA D 451 -1.28 -13.93 21.00
C ALA D 451 -2.58 -13.48 20.35
N LEU D 452 -2.57 -13.36 19.02
CA LEU D 452 -3.75 -13.04 18.22
C LEU D 452 -4.28 -11.63 18.49
N ASN D 453 -4.51 -10.87 17.44
CA ASN D 453 -5.09 -9.54 17.57
C ASN D 453 -5.92 -9.24 16.33
N ALA D 454 -6.76 -8.21 16.44
CA ALA D 454 -7.58 -7.82 15.31
C ALA D 454 -6.73 -7.32 14.14
N GLN D 455 -5.52 -6.85 14.42
CA GLN D 455 -4.67 -6.22 13.42
C GLN D 455 -3.82 -7.18 12.62
N SER D 456 -3.57 -8.39 13.13
CA SER D 456 -2.62 -9.30 12.49
C SER D 456 -3.36 -10.41 11.74
N PRO D 457 -3.07 -10.60 10.46
CA PRO D 457 -3.77 -11.64 9.70
C PRO D 457 -3.45 -13.04 10.19
N PHE D 458 -4.44 -13.91 10.08
CA PHE D 458 -4.36 -15.28 10.61
C PHE D 458 -4.87 -16.26 9.56
N GLY D 459 -4.07 -17.27 9.27
CA GLY D 459 -4.43 -18.28 8.29
C GLY D 459 -3.42 -19.41 8.31
N GLY D 460 -3.66 -20.38 7.44
CA GLY D 460 -2.90 -21.63 7.45
C GLY D 460 -2.17 -21.90 6.15
N PHE D 461 -0.98 -22.48 6.26
CA PHE D 461 -0.28 -23.07 5.13
C PHE D 461 -0.86 -24.45 4.84
N LYS D 462 -0.64 -24.91 3.61
CA LYS D 462 -0.93 -26.29 3.20
C LYS D 462 -2.42 -26.57 3.41
N MET D 463 -2.79 -27.69 4.03
CA MET D 463 -4.18 -28.07 4.22
C MET D 463 -4.79 -27.48 5.50
N SER D 464 -4.15 -26.46 6.07
CA SER D 464 -4.70 -25.77 7.23
C SER D 464 -5.64 -24.63 6.86
N GLY D 465 -5.78 -24.32 5.58
CA GLY D 465 -6.74 -23.31 5.16
C GLY D 465 -6.36 -22.71 3.81
N ASN D 466 -7.30 -21.92 3.29
CA ASN D 466 -7.14 -21.17 2.06
C ASN D 466 -7.51 -19.72 2.35
N GLY D 467 -6.54 -18.82 2.26
CA GLY D 467 -6.80 -17.42 2.50
C GLY D 467 -6.43 -16.99 3.91
N ARG D 468 -6.79 -15.75 4.23
CA ARG D 468 -6.41 -15.12 5.48
C ARG D 468 -7.58 -14.38 6.09
N GLU D 469 -7.68 -14.45 7.41
CA GLU D 469 -8.61 -13.66 8.20
C GLU D 469 -7.83 -12.66 9.06
N MET D 470 -8.56 -11.73 9.67
CA MET D 470 -8.00 -10.69 10.52
C MET D 470 -7.10 -9.73 9.75
N GLY D 471 -6.79 -8.59 10.37
CA GLY D 471 -5.94 -7.59 9.75
C GLY D 471 -6.52 -7.00 8.47
N GLU D 472 -5.66 -6.23 7.79
CA GLU D 472 -6.05 -5.67 6.50
C GLU D 472 -6.27 -6.77 5.47
N PHE D 473 -5.46 -7.84 5.54
CA PHE D 473 -5.55 -8.89 4.54
C PHE D 473 -6.85 -9.68 4.63
N GLY D 474 -7.54 -9.63 5.78
CA GLY D 474 -8.86 -10.23 5.87
C GLY D 474 -9.85 -9.55 4.95
N LEU D 475 -9.66 -8.26 4.66
CA LEU D 475 -10.55 -7.55 3.76
C LEU D 475 -10.41 -8.02 2.32
N ARG D 476 -9.23 -8.52 1.96
CA ARG D 476 -8.99 -8.93 0.58
C ARG D 476 -9.87 -10.09 0.15
N GLU D 477 -10.36 -10.88 1.11
CA GLU D 477 -11.24 -12.01 0.78
C GLU D 477 -12.66 -11.56 0.42
N TYR D 478 -13.07 -10.36 0.82
CA TYR D 478 -14.45 -9.92 0.68
C TYR D 478 -14.62 -8.77 -0.29
N SER D 479 -13.71 -8.63 -1.24
CA SER D 479 -13.78 -7.55 -2.23
C SER D 479 -13.47 -8.09 -3.61
N GLU D 480 -14.11 -7.50 -4.61
CA GLU D 480 -13.86 -7.80 -6.02
C GLU D 480 -13.18 -6.59 -6.66
N VAL D 481 -12.09 -6.84 -7.38
CA VAL D 481 -11.34 -5.79 -8.05
C VAL D 481 -11.94 -5.56 -9.44
N LYS D 482 -12.41 -4.34 -9.68
CA LYS D 482 -12.90 -3.93 -10.98
C LYS D 482 -11.95 -2.89 -11.56
N THR D 483 -11.39 -3.19 -12.73
CA THR D 483 -10.48 -2.29 -13.42
C THR D 483 -11.25 -1.48 -14.45
N VAL D 484 -11.01 -0.17 -14.50
CA VAL D 484 -11.63 0.71 -15.47
C VAL D 484 -10.52 1.43 -16.23
N THR D 485 -10.57 1.36 -17.56
CA THR D 485 -9.56 1.96 -18.43
C THR D 485 -10.25 2.92 -19.38
N VAL D 486 -9.85 4.19 -19.33
CA VAL D 486 -10.45 5.26 -20.14
C VAL D 486 -9.41 5.75 -21.14
N LYS D 487 -9.76 5.72 -22.42
CA LYS D 487 -8.90 6.31 -23.44
C LYS D 487 -8.95 7.83 -23.33
N ILE D 488 -7.78 8.45 -23.31
CA ILE D 488 -7.67 9.91 -23.12
C ILE D 488 -6.93 10.48 -24.31
N PRO D 489 -7.09 11.78 -24.59
CA PRO D 489 -6.47 12.35 -25.81
C PRO D 489 -4.95 12.37 -25.78
N GLN D 490 -4.33 13.00 -24.78
CA GLN D 490 -2.91 13.34 -24.81
C GLN D 490 -2.08 12.46 -23.88
N LYS D 491 -2.33 12.52 -22.57
CA LYS D 491 -1.60 11.83 -21.50
C LYS D 491 -0.22 12.41 -21.23
N ASN D 492 -0.01 12.94 -20.02
CA ASN D 492 1.31 13.34 -19.54
C ASN D 492 1.52 12.78 -18.15
N SER D 493 2.77 12.84 -17.69
CA SER D 493 3.15 12.28 -16.39
C SER D 493 2.29 12.80 -15.26
PA NAD E . -1.92 34.96 9.01
O1A NAD E . -0.72 34.27 8.40
O2A NAD E . -1.57 36.39 9.35
O5B NAD E . -2.37 34.17 10.36
C5B NAD E . -2.33 32.74 10.36
C4B NAD E . -1.80 32.20 11.73
O4B NAD E . -0.52 32.39 11.83
C3B NAD E . -2.43 32.94 12.92
O3B NAD E . -2.68 32.06 13.91
C2B NAD E . -1.34 33.94 13.35
O2B NAD E . -1.49 34.29 14.79
C1B NAD E . -0.24 33.27 13.16
N9A NAD E . 0.84 34.15 12.94
C8A NAD E . 0.81 35.43 12.53
N7A NAD E . 2.08 35.88 12.46
C5A NAD E . 2.91 34.88 12.83
C6A NAD E . 4.29 34.80 12.95
N6A NAD E . 5.20 35.86 12.66
N1A NAD E . 4.86 33.67 13.35
C2A NAD E . 4.09 32.58 13.66
N3A NAD E . 2.74 32.65 13.55
C4A NAD E . 2.15 33.81 13.14
O3 NAD E . -3.13 34.95 7.94
PN NAD E . -4.59 35.51 8.27
O1N NAD E . -4.55 37.00 8.51
O2N NAD E . -5.17 34.79 9.48
O5D NAD E . -5.56 35.26 7.02
C5D NAD E . -6.05 33.95 6.83
C4D NAD E . -5.11 33.28 5.81
O4D NAD E . -5.05 32.00 6.05
C3D NAD E . -5.69 33.35 4.40
O3D NAD E . -5.33 34.49 3.77
C2D NAD E . -5.24 32.05 3.67
O2D NAD E . -4.16 32.46 2.75
C1D NAD E . -4.83 31.27 4.61
N1N NAD E . -5.56 30.01 4.58
C2N NAD E . -5.03 28.83 4.03
C3N NAD E . -5.80 27.66 4.03
C7N NAD E . -5.25 26.32 3.44
O7N NAD E . -4.29 26.36 2.69
N7N NAD E . -5.85 25.06 3.77
C4N NAD E . -7.08 27.64 4.55
C5N NAD E . -7.59 28.81 5.06
C6N NAD E . -6.83 29.98 5.08
C01 CU4 F . -9.65 24.31 3.09
C05 CU4 F . -12.57 24.85 3.33
C06 CU4 F . -13.26 24.42 4.49
C07 CU4 F . -14.55 23.85 4.38
C08 CU4 F . -15.14 23.69 3.10
C09 CU4 F . -14.45 24.12 1.96
C10 CU4 F . -13.17 24.68 2.07
C11 CU4 F . -16.42 23.14 2.92
C14 CU4 F . -18.22 21.88 2.84
C15 CU4 F . -16.89 21.87 3.28
C16 CU4 F . -16.20 20.81 3.93
C19 CU4 F . -16.37 18.62 5.10
C20 CU4 F . -17.24 17.51 5.20
C21 CU4 F . -16.83 16.33 5.84
C22 CU4 F . -15.54 16.23 6.38
C23 CU4 F . -14.65 17.32 6.29
C25 CU4 F . -15.07 18.50 5.65
C26 CU4 F . -19.63 23.53 1.72
C27 CU4 F . -20.86 22.92 2.02
C28 CU4 F . -22.04 23.40 1.43
C29 CU4 F . -22.01 24.49 0.53
C30 CU4 F . -20.77 25.09 0.23
C31 CU4 F . -19.59 24.62 0.81
C32 CU4 F . -23.10 24.93 -0.01
F24 CU4 F . -13.45 17.22 6.79
N12 CU4 F . -17.41 23.82 2.32
N13 CU4 F . -18.46 23.09 2.28
N18 CU4 F . -16.86 19.74 4.46
N33 CU4 F . -24.06 25.33 -0.50
O03 CU4 F . -10.65 26.28 4.80
O04 CU4 F . -10.75 26.68 2.23
O17 CU4 F . -14.95 20.89 3.99
S02 CU4 F . -10.94 25.58 3.39
PA NAD G . 29.27 20.74 2.57
O1A NAD G . 28.24 21.57 3.28
O2A NAD G . 30.25 21.65 1.85
O5B NAD G . 28.52 19.78 1.49
C5B NAD G . 29.04 19.72 0.16
C4B NAD G . 27.99 20.18 -0.89
O4B NAD G . 27.33 21.23 -0.47
C3B NAD G . 28.76 20.64 -2.13
O3B NAD G . 28.04 20.40 -3.25
C2B NAD G . 28.89 22.15 -1.87
O2B NAD G . 29.24 22.84 -3.14
C1B NAD G . 27.72 22.46 -1.46
N9A NAD G . 27.70 23.69 -0.75
C8A NAD G . 28.62 24.15 0.12
N7A NAD G . 28.21 25.36 0.55
C5A NAD G . 27.04 25.66 -0.06
C6A NAD G . 26.21 26.76 0.02
N6A NAD G . 26.42 27.93 0.83
N1A NAD G . 25.07 26.80 -0.72
C2A NAD G . 24.75 25.75 -1.53
N3A NAD G . 25.58 24.67 -1.61
C4A NAD G . 26.72 24.63 -0.87
O3 NAD G . 30.06 19.85 3.65
PN NAD G . 31.13 18.69 3.33
O1N NAD G . 32.52 19.30 3.21
O2N NAD G . 30.78 17.99 2.03
O5D NAD G . 31.11 17.63 4.51
C5D NAD G . 30.55 16.35 4.21
C4D NAD G . 29.08 16.33 4.68
O4D NAD G . 28.37 15.56 3.91
C3D NAD G . 29.00 15.68 6.06
O3D NAD G . 28.80 16.62 7.02
C2D NAD G . 27.81 14.68 5.98
O2D NAD G . 26.86 14.92 7.10
C1D NAD G . 27.24 14.89 4.84
N1N NAD G . 26.78 13.66 4.25
C2N NAD G . 25.53 13.13 4.57
C3N NAD G . 25.12 11.91 3.99
C7N NAD G . 23.74 11.29 4.34
O7N NAD G . 23.18 11.59 5.37
N7N NAD G . 23.12 10.38 3.42
C4N NAD G . 25.94 11.26 3.10
C5N NAD G . 27.17 11.79 2.78
C6N NAD G . 27.59 12.99 3.36
C01 CU4 H . 27.47 7.62 4.98
C05 CU4 H . 27.19 5.40 3.05
C06 CU4 H . 26.94 4.42 4.03
C07 CU4 H . 27.27 3.08 3.79
C08 CU4 H . 27.84 2.67 2.56
C09 CU4 H . 28.09 3.65 1.58
C10 CU4 H . 27.76 5.00 1.82
C11 CU4 H . 28.15 1.30 2.39
C14 CU4 H . 28.35 -0.81 1.78
C15 CU4 H . 27.73 0.39 1.41
C16 CU4 H . 26.89 0.57 0.28
C19 CU4 H . 25.12 -0.47 -1.15
C20 CU4 H . 24.86 -1.75 -1.71
C21 CU4 H . 23.94 -1.90 -2.77
C22 CU4 H . 23.27 -0.78 -3.29
C23 CU4 H . 23.51 0.49 -2.75
C25 CU4 H . 24.43 0.64 -1.69
C26 CU4 H . 29.82 -1.48 3.61
C27 CU4 H . 29.25 -2.71 3.99
C28 CU4 H . 29.99 -3.65 4.73
C29 CU4 H . 31.31 -3.35 5.13
C30 CU4 H . 31.88 -2.11 4.77
C31 CU4 H . 31.14 -1.18 4.02
C32 CU4 H . 31.99 -4.22 5.83
F24 CU4 H . 22.89 1.53 -3.24
N12 CU4 H . 28.94 0.65 3.25
N13 CU4 H . 29.07 -0.58 2.90
N18 CU4 H . 26.03 -0.43 -0.12
N33 CU4 H . 32.59 -4.99 6.44
O03 CU4 H . 25.17 7.29 3.44
O04 CU4 H . 27.35 8.05 2.23
O17 CU4 H . 26.94 1.67 -0.33
S02 CU4 H . 26.77 7.09 3.37
PA NAD I . -10.61 -25.98 -22.58
O1A NAD I . -11.05 -25.85 -21.14
O2A NAD I . -11.23 -27.23 -23.19
O5B NAD I . -8.98 -26.12 -22.66
C5B NAD I . -8.19 -25.32 -21.79
C4B NAD I . -7.01 -26.14 -21.16
O4B NAD I . -7.47 -26.92 -20.22
C3B NAD I . -6.35 -27.04 -22.20
O3B NAD I . -5.05 -26.70 -22.32
C2B NAD I . -6.48 -28.49 -21.67
O2B NAD I . -5.15 -29.15 -21.71
C1B NAD I . -6.87 -28.40 -20.44
N9A NAD I . -7.90 -29.33 -20.14
C8A NAD I . -8.88 -29.75 -20.94
N7A NAD I . -9.65 -30.61 -20.23
C5A NAD I . -9.13 -30.72 -18.98
C6A NAD I . -9.51 -31.46 -17.87
N6A NAD I . -10.62 -32.33 -17.77
N1A NAD I . -8.79 -31.36 -16.73
C2A NAD I . -7.68 -30.55 -16.68
N3A NAD I . -7.32 -29.83 -17.78
C4A NAD I . -8.04 -29.93 -18.92
O3 NAD I . -11.10 -24.69 -23.41
PN NAD I . -10.62 -24.33 -24.89
O1N NAD I . -11.02 -25.45 -25.84
O2N NAD I . -9.12 -24.15 -24.91
O5D NAD I . -11.33 -22.98 -25.35
C5D NAD I . -10.79 -21.74 -24.94
C4D NAD I . -11.36 -21.35 -23.57
O4D NAD I . -10.51 -20.61 -22.93
C3D NAD I . -12.62 -20.50 -23.75
O3D NAD I . -13.64 -21.00 -23.02
C2D NAD I . -12.22 -19.10 -23.22
O2D NAD I . -13.39 -18.42 -22.62
C1D NAD I . -11.32 -19.34 -22.34
N1N NAD I . -10.43 -18.21 -22.24
C2N NAD I . -10.38 -17.46 -21.08
C3N NAD I . -9.51 -16.36 -21.02
C7N NAD I . -9.43 -15.49 -19.74
O7N NAD I . -10.35 -15.48 -18.95
N7N NAD I . -8.26 -14.67 -19.50
C4N NAD I . -8.72 -16.06 -22.10
C5N NAD I . -8.78 -16.81 -23.25
C6N NAD I . -9.64 -17.90 -23.32
C01 CU4 J . -7.48 -12.43 -22.13
C05 CU4 J . -6.80 -11.35 -24.82
C06 CU4 J . -7.57 -10.19 -25.04
C07 CU4 J . -7.03 -9.10 -25.74
C08 CU4 J . -5.71 -9.14 -26.22
C09 CU4 J . -4.94 -10.31 -26.01
C10 CU4 J . -5.48 -11.41 -25.31
C11 CU4 J . -5.19 -8.03 -26.93
C14 CU4 J . -4.06 -6.29 -27.68
C15 CU4 J . -4.09 -7.21 -26.63
C16 CU4 J . -3.18 -7.27 -25.53
C19 CU4 J . -1.21 -6.25 -24.39
C20 CU4 J . -0.44 -5.06 -24.39
C21 CU4 J . 0.56 -4.86 -23.42
C22 CU4 J . 0.81 -5.82 -22.43
C23 CU4 J . 0.05 -7.01 -22.41
C25 CU4 J . -0.95 -7.20 -23.38
C26 CU4 J . -5.42 -5.91 -29.66
C27 CU4 J . -6.74 -5.99 -30.15
C28 CU4 J . -7.10 -5.31 -31.33
C29 CU4 J . -6.15 -4.57 -32.05
C30 CU4 J . -4.82 -4.50 -31.57
C31 CU4 J . -4.47 -5.17 -30.38
C32 CU4 J . -6.47 -3.95 -33.14
F24 CU4 J . 0.27 -7.91 -21.49
N12 CU4 J . -5.74 -7.60 -28.07
N13 CU4 J . -5.08 -6.57 -28.51
N18 CU4 J . -2.17 -6.36 -25.38
N33 CU4 J . -6.76 -3.41 -34.11
O03 CU4 J . -6.74 -14.09 -24.26
O04 CU4 J . -9.03 -12.89 -24.42
O17 CU4 J . -3.36 -8.19 -24.69
S02 CU4 J . -7.52 -12.72 -23.95
PA NAD K . -17.39 -29.42 11.40
O1A NAD K . -16.86 -28.87 10.09
O2A NAD K . -18.19 -30.67 11.15
O5B NAD K . -18.34 -28.30 12.13
C5B NAD K . -18.20 -26.93 11.77
C4B NAD K . -19.34 -26.48 10.81
O4B NAD K . -19.32 -27.21 9.73
C3B NAD K . -20.72 -26.73 11.42
O3B NAD K . -21.18 -25.57 11.94
C2B NAD K . -21.62 -27.20 10.24
O2B NAD K . -22.70 -26.19 10.01
C1B NAD K . -20.84 -27.28 9.20
N9A NAD K . -20.98 -28.49 8.47
C8A NAD K . -20.81 -29.76 8.88
N7A NAD K . -21.03 -30.58 7.83
C5A NAD K . -21.34 -29.81 6.75
C6A NAD K . -21.65 -30.12 5.44
N6A NAD K . -21.72 -31.43 4.88
N1A NAD K . -21.91 -29.13 4.57
C2A NAD K . -21.87 -27.82 4.98
N3A NAD K . -21.56 -27.52 6.26
C4A NAD K . -21.29 -28.52 7.15
O3 NAD K . -16.16 -29.77 12.38
PN NAD K . -16.29 -30.01 13.96
O1N NAD K . -15.49 -31.24 14.36
O2N NAD K . -17.74 -30.21 14.33
O5D NAD K . -15.71 -28.74 14.73
C5D NAD K . -14.34 -28.78 15.13
C4D NAD K . -13.47 -28.39 13.92
O4D NAD K . -13.50 -27.10 13.78
C3D NAD K . -12.01 -28.75 14.19
O3D NAD K . -11.63 -29.78 13.42
C2D NAD K . -11.20 -27.48 13.85
O2D NAD K . -10.07 -27.82 12.95
C1D NAD K . -12.03 -26.71 13.24
N1N NAD K . -11.74 -25.32 13.51
C2N NAD K . -11.05 -24.59 12.58
C3N NAD K . -10.75 -23.25 12.83
C7N NAD K . -9.97 -22.46 11.76
O7N NAD K . -9.65 -21.29 11.93
N7N NAD K . -9.64 -23.14 10.53
C4N NAD K . -11.15 -22.66 14.01
C5N NAD K . -11.84 -23.40 14.94
C6N NAD K . -12.14 -24.74 14.69
C01 CU4 L . -7.85 -21.66 17.42
C05 CU4 L . -8.26 -19.05 18.69
C06 CU4 L . -9.20 -18.28 19.40
C07 CU4 L . -8.80 -17.48 20.48
C08 CU4 L . -7.44 -17.43 20.87
C09 CU4 L . -6.50 -18.21 20.17
C10 CU4 L . -6.90 -19.02 19.08
C11 CU4 L . -6.98 -16.63 21.95
C14 CU4 L . -6.44 -15.02 23.34
C15 CU4 L . -7.02 -15.24 22.10
C16 CU4 L . -7.53 -14.25 21.20
C19 CU4 L . -7.94 -11.84 20.74
C20 CU4 L . -7.70 -10.54 21.27
C21 CU4 L . -8.11 -9.39 20.56
C22 CU4 L . -8.75 -9.50 19.32
C23 CU4 L . -9.00 -10.77 18.77
C25 CU4 L . -8.60 -11.92 19.48
C26 CU4 L . -5.47 -16.46 25.06
C27 CU4 L . -5.50 -15.50 26.10
C28 CU4 L . -4.87 -15.77 27.33
C29 CU4 L . -4.20 -16.99 27.54
C30 CU4 L . -4.18 -17.95 26.51
C31 CU4 L . -4.81 -17.68 25.28
C32 CU4 L . -3.62 -17.25 28.67
F24 CU4 L . -9.60 -10.87 17.62
N12 CU4 L . -6.41 -17.16 23.04
N13 CU4 L . -6.08 -16.21 23.86
N18 CU4 L . -7.51 -12.91 21.48
N33 CU4 L . -3.11 -17.47 29.68
O03 CU4 L . -8.41 -19.38 15.92
O04 CU4 L . -10.33 -20.38 17.36
O17 CU4 L . -7.99 -14.66 20.10
S02 CU4 L . -8.76 -20.08 17.32
#